data_6R02
#
_entry.id   6R02
#
_cell.length_a   93.253
_cell.length_b   147.310
_cell.length_c   99.327
_cell.angle_alpha   90.000
_cell.angle_beta   103.110
_cell.angle_gamma   90.000
#
_symmetry.space_group_name_H-M   'P 1 21 1'
#
loop_
_entity.id
_entity.type
_entity.pdbx_description
1 polymer 'ATP phosphoribosyltransferase regulatory subunit'
2 polymer 'ATP phosphoribosyltransferase'
3 non-polymer HISTIDINE
4 non-polymer 1-O-pyrophosphono-5-O-phosphono-alpha-D-ribofuranose
5 water water
#
loop_
_entity_poly.entity_id
_entity_poly.type
_entity_poly.pdbx_seq_one_letter_code
_entity_poly.pdbx_strand_id
1 'polypeptide(L)'
;GMLPDGVADVLFEDAHKQEVLRHQLTQQLITHGYQLVSPPMIEFTESLLSGASEDLKRQTFKIIDQLTGRLMGIRADITP
QILRIDAHHGGDGIARYCYAGDVIHTLPSGLFGSRTPLQLGAEIFGCESIAADIELIDVLFSMINSLDMSAVLHVDLGHV
TIFKRLAELAALSASDTEQLMQLYANKNLPELKQVCQVLPMGSDFYTLARFGHDIANLLGRLSENAQQDTKIVTAIDELQ
RLKAHLQVQWQCAVSIDVTELSGYHYHTGIVFNGYINSETQPLVRGGRFDGMKSNQLATNQPRQATGFSMDVSRLLAHTQ
LDAPFIVLIDYDAFNNLDSAQRQLLLQQVASLRQQGYRVTMPLTAEDMPVGLTHRLSLADNQWRLHAV
;
A,B,C,D
2 'polypeptide(L)'
;GMTEVTNSLPTSGLLNEANDEFLGLTLALSKGRILEETMPLLRAAGVELLEDPEASRKLIFPTSNPNVRVLILRASDVPT
YVEHGAADFGVAGKDVLLEHGANHVYELLDLKIAQCKLMTAGVKDAPLPNRRLRIATKYVNVARAYFASQGQQVDVIKLY
GSMELAPLVGLGDLIVDVVDTGNTLRANGLEARDHICDVSSRLIVNQVSYKRKFALLEPILDSFKNSINSTS
;
E,F,G,H
#
# COMPACT_ATOMS: atom_id res chain seq x y z
N GLY A 1 -6.60 13.51 -16.71
CA GLY A 1 -6.95 13.67 -15.26
C GLY A 1 -8.12 12.78 -14.86
N MET A 2 -8.07 11.49 -15.20
CA MET A 2 -9.07 10.46 -14.81
C MET A 2 -8.92 10.15 -13.32
N LEU A 3 -10.01 9.77 -12.65
CA LEU A 3 -10.09 9.51 -11.19
C LEU A 3 -10.26 8.00 -10.94
N PRO A 4 -9.94 7.49 -9.73
CA PRO A 4 -10.13 6.07 -9.43
C PRO A 4 -11.63 5.71 -9.42
N ASP A 5 -11.96 4.47 -9.81
CA ASP A 5 -13.36 3.95 -9.79
C ASP A 5 -13.93 4.14 -8.38
N GLY A 6 -15.14 4.70 -8.30
CA GLY A 6 -15.85 4.96 -7.03
C GLY A 6 -15.39 6.26 -6.39
N VAL A 7 -14.69 7.11 -7.14
CA VAL A 7 -14.25 8.46 -6.69
C VAL A 7 -14.71 9.48 -7.74
N ALA A 8 -15.52 10.46 -7.33
CA ALA A 8 -16.08 11.49 -8.22
C ALA A 8 -15.98 12.86 -7.54
N ASP A 9 -15.69 13.90 -8.33
CA ASP A 9 -15.91 15.30 -7.93
C ASP A 9 -17.42 15.50 -7.75
N VAL A 10 -17.82 16.23 -6.72
CA VAL A 10 -19.17 16.87 -6.61
C VAL A 10 -18.96 18.36 -6.92
N LEU A 11 -19.48 18.82 -8.07
CA LEU A 11 -19.12 20.13 -8.67
C LEU A 11 -20.32 21.07 -8.70
N PHE A 12 -20.08 22.36 -8.43
CA PHE A 12 -20.96 23.49 -8.82
C PHE A 12 -22.27 23.39 -8.04
N GLU A 13 -23.41 23.24 -8.71
CA GLU A 13 -24.74 23.26 -8.06
C GLU A 13 -24.90 22.01 -7.18
N ASP A 14 -24.33 20.88 -7.60
CA ASP A 14 -24.36 19.61 -6.82
C ASP A 14 -23.60 19.83 -5.50
N ALA A 15 -22.47 20.54 -5.57
CA ALA A 15 -21.63 20.87 -4.39
C ALA A 15 -22.40 21.81 -3.46
N HIS A 16 -23.09 22.81 -4.02
CA HIS A 16 -23.95 23.75 -3.25
C HIS A 16 -25.05 22.94 -2.55
N LYS A 17 -25.74 22.08 -3.30
CA LYS A 17 -26.83 21.22 -2.79
C LYS A 17 -26.30 20.37 -1.62
N GLN A 18 -25.21 19.63 -1.85
CA GLN A 18 -24.56 18.76 -0.83
C GLN A 18 -24.29 19.58 0.43
N GLU A 19 -23.74 20.79 0.28
CA GLU A 19 -23.40 21.70 1.41
C GLU A 19 -24.69 22.08 2.17
N VAL A 20 -25.77 22.39 1.45
CA VAL A 20 -27.07 22.75 2.07
C VAL A 20 -27.62 21.53 2.83
N LEU A 21 -27.66 20.36 2.17
CA LEU A 21 -28.15 19.12 2.80
C LEU A 21 -27.34 18.82 4.06
N ARG A 22 -26.01 18.77 3.94
CA ARG A 22 -25.12 18.49 5.11
C ARG A 22 -25.56 19.39 6.26
N HIS A 23 -25.81 20.68 5.99
CA HIS A 23 -26.04 21.71 7.04
C HIS A 23 -27.46 21.60 7.60
N GLN A 24 -28.48 21.55 6.74
CA GLN A 24 -29.90 21.40 7.18
C GLN A 24 -30.00 20.19 8.12
N LEU A 25 -29.52 19.02 7.66
CA LEU A 25 -29.65 17.73 8.36
C LEU A 25 -28.87 17.76 9.68
N THR A 26 -27.67 18.35 9.70
CA THR A 26 -26.84 18.46 10.93
C THR A 26 -27.59 19.32 11.96
N GLN A 27 -28.18 20.44 11.51
CA GLN A 27 -28.90 21.38 12.41
C GLN A 27 -30.15 20.69 12.95
N GLN A 28 -30.88 19.94 12.12
CA GLN A 28 -32.07 19.16 12.55
C GLN A 28 -31.67 18.26 13.73
N LEU A 29 -30.62 17.45 13.56
CA LEU A 29 -30.16 16.48 14.58
C LEU A 29 -29.76 17.22 15.85
N ILE A 30 -29.11 18.38 15.72
CA ILE A 30 -28.64 19.20 16.88
C ILE A 30 -29.86 19.69 17.68
N THR A 31 -30.94 20.05 16.99
CA THR A 31 -32.19 20.61 17.59
C THR A 31 -33.01 19.49 18.23
N HIS A 32 -32.75 18.22 17.86
CA HIS A 32 -33.37 17.01 18.45
C HIS A 32 -32.54 16.51 19.64
N GLY A 33 -31.50 17.26 20.03
CA GLY A 33 -30.74 17.03 21.28
C GLY A 33 -29.51 16.15 21.07
N TYR A 34 -29.13 15.89 19.83
CA TYR A 34 -27.90 15.14 19.46
C TYR A 34 -26.73 16.13 19.50
N GLN A 35 -25.65 15.78 20.21
CA GLN A 35 -24.44 16.61 20.33
C GLN A 35 -23.59 16.40 19.07
N LEU A 36 -23.31 17.47 18.32
CA LEU A 36 -22.40 17.37 17.14
C LEU A 36 -20.99 17.09 17.66
N VAL A 37 -20.35 16.05 17.11
CA VAL A 37 -18.91 15.76 17.32
C VAL A 37 -18.27 15.63 15.94
N SER A 38 -17.04 16.11 15.81
CA SER A 38 -16.25 16.10 14.55
C SER A 38 -14.91 15.43 14.83
N PRO A 39 -14.87 14.08 14.83
CA PRO A 39 -13.63 13.35 15.07
C PRO A 39 -12.77 13.37 13.81
N PRO A 40 -11.45 13.14 13.94
CA PRO A 40 -10.53 13.28 12.81
C PRO A 40 -10.69 12.17 11.76
N MET A 41 -10.14 12.38 10.57
CA MET A 41 -10.13 11.41 9.45
C MET A 41 -9.19 10.24 9.77
N ILE A 42 -8.15 10.48 10.57
CA ILE A 42 -7.09 9.48 10.87
C ILE A 42 -6.99 9.31 12.40
N GLU A 43 -6.87 8.06 12.84
CA GLU A 43 -6.46 7.65 14.22
C GLU A 43 -5.48 6.49 14.07
N PHE A 44 -4.81 6.12 15.17
CA PHE A 44 -4.09 4.82 15.29
C PHE A 44 -5.11 3.69 15.15
N THR A 45 -4.72 2.56 14.54
CA THR A 45 -5.62 1.40 14.28
C THR A 45 -6.11 0.83 15.62
N GLU A 46 -5.27 0.88 16.67
CA GLU A 46 -5.60 0.45 18.05
C GLU A 46 -6.95 1.01 18.49
N SER A 47 -7.24 2.28 18.19
CA SER A 47 -8.49 2.98 18.60
C SER A 47 -9.55 2.92 17.49
N LEU A 48 -9.14 3.11 16.23
CA LEU A 48 -10.06 3.23 15.06
C LEU A 48 -10.76 1.88 14.81
N LEU A 49 -10.03 0.77 14.97
CA LEU A 49 -10.51 -0.60 14.63
C LEU A 49 -10.68 -1.46 15.89
N SER A 50 -10.57 -0.86 17.09
CA SER A 50 -10.85 -1.52 18.40
C SER A 50 -12.18 -2.27 18.30
N GLY A 51 -12.13 -3.61 18.38
CA GLY A 51 -13.29 -4.51 18.26
C GLY A 51 -14.02 -4.31 16.94
N ALA A 52 -13.34 -4.61 15.83
CA ALA A 52 -13.86 -4.46 14.46
C ALA A 52 -13.82 -5.82 13.76
N SER A 53 -14.83 -6.12 12.95
CA SER A 53 -14.89 -7.32 12.07
C SER A 53 -13.83 -7.17 10.98
N GLU A 54 -13.48 -8.27 10.31
CA GLU A 54 -12.58 -8.31 9.14
C GLU A 54 -13.10 -7.36 8.06
N ASP A 55 -14.42 -7.22 7.90
CA ASP A 55 -15.05 -6.38 6.86
C ASP A 55 -14.67 -4.90 7.05
N LEU A 56 -14.72 -4.41 8.29
CA LEU A 56 -14.37 -3.00 8.62
C LEU A 56 -12.86 -2.81 8.51
N LYS A 57 -12.08 -3.80 8.94
CA LYS A 57 -10.60 -3.78 8.84
C LYS A 57 -10.18 -3.70 7.37
N ARG A 58 -10.84 -4.48 6.50
CA ARG A 58 -10.52 -4.58 5.05
C ARG A 58 -10.91 -3.28 4.32
N GLN A 59 -11.94 -2.57 4.80
CA GLN A 59 -12.43 -1.33 4.14
C GLN A 59 -11.56 -0.12 4.55
N THR A 60 -10.69 -0.27 5.55
CA THR A 60 -9.87 0.83 6.13
C THR A 60 -8.48 0.84 5.48
N PHE A 61 -8.18 1.88 4.67
CA PHE A 61 -6.81 2.19 4.20
C PHE A 61 -5.89 2.37 5.42
N LYS A 62 -4.68 1.82 5.34
CA LYS A 62 -3.64 1.93 6.39
C LYS A 62 -2.55 2.89 5.90
N ILE A 63 -2.00 3.70 6.81
CA ILE A 63 -0.91 4.68 6.55
C ILE A 63 0.02 4.68 7.77
N ILE A 64 1.25 5.18 7.60
CA ILE A 64 2.32 5.09 8.63
C ILE A 64 2.50 6.46 9.28
N ASP A 65 2.34 6.54 10.60
CA ASP A 65 2.69 7.78 11.36
C ASP A 65 4.21 7.86 11.44
N GLN A 66 4.82 8.83 10.75
CA GLN A 66 6.30 8.97 10.65
C GLN A 66 6.87 9.56 11.95
N LEU A 67 6.03 9.95 12.91
CA LEU A 67 6.50 10.47 14.22
C LEU A 67 6.78 9.30 15.18
N THR A 68 6.00 8.22 15.10
CA THR A 68 6.04 7.08 16.06
C THR A 68 6.41 5.76 15.35
N GLY A 69 6.20 5.65 14.05
CA GLY A 69 6.38 4.41 13.28
C GLY A 69 5.14 3.52 13.32
N ARG A 70 4.12 3.92 14.08
CA ARG A 70 2.90 3.11 14.32
C ARG A 70 1.94 3.21 13.14
N LEU A 71 1.04 2.23 13.01
CA LEU A 71 0.00 2.17 11.96
C LEU A 71 -1.14 3.11 12.33
N MET A 72 -1.64 3.87 11.36
CA MET A 72 -2.91 4.65 11.43
C MET A 72 -3.84 4.15 10.34
N GLY A 73 -5.10 4.59 10.35
CA GLY A 73 -6.08 4.31 9.29
C GLY A 73 -6.86 5.54 8.92
N ILE A 74 -7.21 5.69 7.64
CA ILE A 74 -8.27 6.62 7.17
C ILE A 74 -9.59 5.95 7.53
N ARG A 75 -10.40 6.58 8.37
CA ARG A 75 -11.68 6.01 8.85
C ARG A 75 -12.55 5.63 7.64
N ALA A 76 -13.14 4.44 7.68
CA ALA A 76 -14.17 3.95 6.73
C ALA A 76 -15.55 4.07 7.38
N ASP A 77 -15.59 4.43 8.68
CA ASP A 77 -16.81 4.48 9.50
C ASP A 77 -16.53 5.34 10.75
N ILE A 78 -17.48 6.20 11.11
CA ILE A 78 -17.36 7.19 12.23
C ILE A 78 -17.85 6.57 13.53
N THR A 79 -18.82 5.64 13.46
CA THR A 79 -19.51 5.04 14.64
C THR A 79 -18.48 4.60 15.69
N PRO A 80 -17.43 3.82 15.33
CA PRO A 80 -16.38 3.47 16.29
C PRO A 80 -15.70 4.67 16.97
N GLN A 81 -15.63 5.81 16.29
CA GLN A 81 -15.05 7.06 16.86
C GLN A 81 -16.02 7.65 17.89
N ILE A 82 -17.33 7.59 17.61
CA ILE A 82 -18.38 8.06 18.56
C ILE A 82 -18.27 7.22 19.84
N LEU A 83 -18.03 5.91 19.68
CA LEU A 83 -17.84 4.94 20.79
C LEU A 83 -16.67 5.39 21.68
N ARG A 84 -15.52 5.69 21.08
CA ARG A 84 -14.31 6.19 21.78
C ARG A 84 -14.68 7.47 22.55
N ILE A 85 -15.31 8.42 21.86
CA ILE A 85 -15.69 9.75 22.42
C ILE A 85 -16.67 9.53 23.59
N ASP A 86 -17.69 8.69 23.39
CA ASP A 86 -18.72 8.39 24.42
C ASP A 86 -18.06 7.77 25.65
N ALA A 87 -17.11 6.86 25.45
CA ALA A 87 -16.38 6.15 26.53
C ALA A 87 -15.73 7.18 27.47
N HIS A 88 -15.22 8.30 26.94
CA HIS A 88 -14.50 9.33 27.74
C HIS A 88 -15.46 10.37 28.32
N HIS A 89 -16.43 10.84 27.54
CA HIS A 89 -17.28 12.03 27.83
C HIS A 89 -18.70 11.65 28.27
N GLY A 90 -19.20 10.49 27.84
CA GLY A 90 -20.62 10.12 27.89
C GLY A 90 -21.15 9.87 29.29
N GLY A 91 -20.33 9.28 30.18
CA GLY A 91 -20.79 8.84 31.52
C GLY A 91 -21.70 7.63 31.43
N ASP A 92 -22.46 7.35 32.50
CA ASP A 92 -23.31 6.13 32.63
C ASP A 92 -24.74 6.40 32.13
N GLY A 93 -25.16 7.67 32.12
CA GLY A 93 -26.52 8.09 31.69
C GLY A 93 -26.69 7.98 30.19
N ILE A 94 -27.86 8.38 29.69
CA ILE A 94 -28.15 8.44 28.22
C ILE A 94 -27.34 9.59 27.63
N ALA A 95 -26.76 9.38 26.45
CA ALA A 95 -26.00 10.38 25.66
C ALA A 95 -26.37 10.24 24.18
N ARG A 96 -26.59 11.37 23.50
CA ARG A 96 -26.90 11.44 22.06
C ARG A 96 -25.76 12.15 21.34
N TYR A 97 -25.40 11.67 20.15
CA TYR A 97 -24.33 12.23 19.30
C TYR A 97 -24.82 12.24 17.84
N CYS A 98 -24.41 13.25 17.08
CA CYS A 98 -24.56 13.31 15.61
C CYS A 98 -23.20 13.70 15.02
N TYR A 99 -23.02 13.44 13.73
CA TYR A 99 -21.74 13.64 13.01
C TYR A 99 -22.03 13.72 11.52
N ALA A 100 -21.20 14.47 10.82
CA ALA A 100 -21.10 14.49 9.34
C ALA A 100 -19.62 14.63 9.00
N GLY A 101 -19.11 13.74 8.16
CA GLY A 101 -17.69 13.68 7.78
C GLY A 101 -17.47 12.79 6.59
N ASP A 102 -16.39 13.03 5.85
CA ASP A 102 -15.93 12.15 4.76
C ASP A 102 -15.36 10.88 5.41
N VAL A 103 -15.63 9.73 4.81
CA VAL A 103 -14.97 8.43 5.13
C VAL A 103 -14.50 7.84 3.80
N ILE A 104 -13.45 7.03 3.82
CA ILE A 104 -12.85 6.39 2.62
C ILE A 104 -12.98 4.87 2.79
N HIS A 105 -13.43 4.18 1.74
CA HIS A 105 -13.44 2.70 1.65
C HIS A 105 -12.38 2.25 0.65
N THR A 106 -11.70 1.13 0.93
CA THR A 106 -10.68 0.54 0.03
C THR A 106 -11.38 0.02 -1.23
N LEU A 107 -12.55 -0.59 -1.06
CA LEU A 107 -13.36 -1.16 -2.17
C LEU A 107 -14.76 -0.55 -2.15
N PRO A 108 -15.45 -0.47 -3.31
CA PRO A 108 -16.84 -0.02 -3.36
C PRO A 108 -17.74 -1.12 -2.78
N SER A 109 -18.85 -0.76 -2.14
CA SER A 109 -19.70 -1.70 -1.36
C SER A 109 -20.62 -2.47 -2.31
N GLY A 110 -21.23 -1.78 -3.28
CA GLY A 110 -22.12 -2.39 -4.28
C GLY A 110 -21.76 -1.98 -5.69
N LEU A 111 -22.45 -2.57 -6.66
CA LEU A 111 -22.37 -2.25 -8.11
C LEU A 111 -22.21 -0.73 -8.27
N PHE A 112 -21.03 -0.30 -8.70
CA PHE A 112 -20.70 1.10 -9.06
C PHE A 112 -20.83 2.02 -7.84
N GLY A 113 -20.62 1.49 -6.63
CA GLY A 113 -20.70 2.25 -5.37
C GLY A 113 -19.62 3.31 -5.26
N SER A 114 -19.84 4.34 -4.44
CA SER A 114 -18.82 5.35 -4.05
C SER A 114 -17.85 4.72 -3.05
N ARG A 115 -16.60 5.18 -3.06
CA ARG A 115 -15.56 4.83 -2.04
C ARG A 115 -15.33 6.04 -1.13
N THR A 116 -16.04 7.15 -1.37
CA THR A 116 -15.87 8.44 -0.66
C THR A 116 -17.23 9.01 -0.28
N PRO A 117 -18.03 8.29 0.53
CA PRO A 117 -19.33 8.79 0.97
C PRO A 117 -19.11 9.91 2.00
N LEU A 118 -20.04 10.87 2.02
CA LEU A 118 -20.18 11.87 3.11
C LEU A 118 -21.11 11.28 4.17
N GLN A 119 -20.54 10.56 5.13
CA GLN A 119 -21.28 9.82 6.18
C GLN A 119 -21.86 10.82 7.17
N LEU A 120 -23.19 10.83 7.32
CA LEU A 120 -23.95 11.63 8.31
C LEU A 120 -24.82 10.67 9.13
N GLY A 121 -24.89 10.86 10.45
CA GLY A 121 -25.55 9.90 11.35
C GLY A 121 -25.79 10.41 12.75
N ALA A 122 -26.53 9.61 13.53
CA ALA A 122 -26.86 9.82 14.96
C ALA A 122 -26.67 8.51 15.73
N GLU A 123 -26.27 8.62 17.00
CA GLU A 123 -26.13 7.48 17.94
C GLU A 123 -26.80 7.86 19.26
N ILE A 124 -27.58 6.94 19.85
CA ILE A 124 -28.04 7.02 21.26
C ILE A 124 -27.29 5.95 22.05
N PHE A 125 -26.57 6.37 23.10
CA PHE A 125 -25.85 5.49 24.06
C PHE A 125 -26.60 5.52 25.40
N GLY A 126 -26.71 4.37 26.07
CA GLY A 126 -27.06 4.27 27.50
C GLY A 126 -28.52 4.00 27.77
N CYS A 127 -29.28 3.54 26.77
CA CYS A 127 -30.71 3.16 26.89
C CYS A 127 -30.93 1.78 26.26
N GLU A 128 -31.47 0.84 27.05
CA GLU A 128 -31.74 -0.56 26.61
C GLU A 128 -33.07 -0.63 25.85
N SER A 129 -34.04 0.19 26.28
CA SER A 129 -35.42 0.24 25.74
C SER A 129 -35.40 0.33 24.21
N ILE A 130 -36.33 -0.39 23.56
CA ILE A 130 -36.65 -0.26 22.11
C ILE A 130 -37.07 1.19 21.81
N ALA A 131 -37.40 1.97 22.84
CA ALA A 131 -37.80 3.40 22.76
C ALA A 131 -36.70 4.22 22.08
N ALA A 132 -35.42 3.94 22.37
CA ALA A 132 -34.26 4.63 21.76
C ALA A 132 -34.20 4.32 20.26
N ASP A 133 -34.42 3.06 19.90
CA ASP A 133 -34.48 2.61 18.48
C ASP A 133 -35.64 3.32 17.77
N ILE A 134 -36.73 3.61 18.49
CA ILE A 134 -37.96 4.26 17.93
C ILE A 134 -37.71 5.77 17.76
N GLU A 135 -36.97 6.39 18.68
CA GLU A 135 -36.62 7.84 18.59
C GLU A 135 -35.79 8.09 17.33
N LEU A 136 -34.79 7.23 17.07
CA LEU A 136 -33.89 7.35 15.90
C LEU A 136 -34.69 7.25 14.60
N ILE A 137 -35.62 6.30 14.53
CA ILE A 137 -36.52 6.13 13.34
C ILE A 137 -37.28 7.44 13.15
N ASP A 138 -37.81 8.00 14.25
CA ASP A 138 -38.63 9.24 14.23
C ASP A 138 -37.77 10.39 13.73
N VAL A 139 -36.53 10.52 14.23
CA VAL A 139 -35.56 11.59 13.85
C VAL A 139 -35.22 11.43 12.36
N LEU A 140 -34.89 10.21 11.94
CA LEU A 140 -34.50 9.90 10.54
C LEU A 140 -35.64 10.30 9.59
N PHE A 141 -36.88 9.89 9.88
CA PHE A 141 -38.05 10.12 8.98
C PHE A 141 -38.44 11.60 9.01
N SER A 142 -38.26 12.27 10.15
CA SER A 142 -38.34 13.75 10.28
C SER A 142 -37.38 14.40 9.26
N MET A 143 -36.15 13.91 9.17
CA MET A 143 -35.09 14.41 8.24
C MET A 143 -35.47 14.12 6.79
N ILE A 144 -35.77 12.86 6.46
CA ILE A 144 -36.15 12.41 5.08
C ILE A 144 -37.33 13.25 4.59
N ASN A 145 -38.34 13.45 5.44
CA ASN A 145 -39.60 14.15 5.07
C ASN A 145 -39.29 15.62 4.78
N SER A 146 -38.37 16.24 5.53
CA SER A 146 -37.99 17.67 5.39
C SER A 146 -37.36 17.93 4.02
N LEU A 147 -36.80 16.91 3.35
CA LEU A 147 -36.10 17.04 2.04
C LEU A 147 -37.10 17.18 0.89
N ASP A 148 -38.38 16.90 1.11
CA ASP A 148 -39.44 16.99 0.07
C ASP A 148 -38.97 16.26 -1.19
N MET A 149 -38.50 15.01 -1.04
CA MET A 149 -38.07 14.14 -2.17
C MET A 149 -39.30 13.52 -2.82
N SER A 150 -39.23 13.28 -4.13
CA SER A 150 -40.22 12.51 -4.92
C SER A 150 -40.04 11.02 -4.64
N ALA A 151 -38.79 10.54 -4.66
CA ALA A 151 -38.38 9.16 -4.31
C ALA A 151 -38.87 8.81 -2.90
N VAL A 152 -39.06 7.51 -2.64
CA VAL A 152 -39.66 6.96 -1.39
C VAL A 152 -38.68 5.95 -0.79
N LEU A 153 -38.57 5.95 0.54
CA LEU A 153 -37.65 5.08 1.32
C LEU A 153 -38.37 3.79 1.69
N HIS A 154 -37.92 2.64 1.16
CA HIS A 154 -38.31 1.29 1.67
C HIS A 154 -37.37 0.89 2.81
N VAL A 155 -37.92 0.51 3.97
CA VAL A 155 -37.14 0.09 5.17
C VAL A 155 -37.11 -1.44 5.24
N ASP A 156 -35.93 -2.03 5.41
CA ASP A 156 -35.70 -3.48 5.66
C ASP A 156 -35.22 -3.65 7.10
N LEU A 157 -36.00 -4.37 7.92
CA LEU A 157 -35.65 -4.71 9.33
C LEU A 157 -35.03 -6.10 9.38
N GLY A 158 -33.93 -6.24 10.12
CA GLY A 158 -33.30 -7.53 10.47
C GLY A 158 -33.00 -7.60 11.95
N HIS A 159 -32.49 -8.74 12.44
CA HIS A 159 -32.12 -8.95 13.86
C HIS A 159 -31.08 -10.07 13.94
N VAL A 160 -29.83 -9.71 14.22
CA VAL A 160 -28.67 -10.63 14.22
C VAL A 160 -28.75 -11.56 15.44
N THR A 161 -29.41 -11.13 16.52
CA THR A 161 -29.60 -11.93 17.76
C THR A 161 -30.19 -13.30 17.42
N ILE A 162 -31.18 -13.35 16.52
CA ILE A 162 -31.95 -14.58 16.16
C ILE A 162 -30.97 -15.67 15.67
N PHE A 163 -30.21 -15.38 14.62
CA PHE A 163 -29.23 -16.34 14.01
C PHE A 163 -28.13 -16.68 15.03
N LYS A 164 -27.66 -15.70 15.82
CA LYS A 164 -26.55 -15.88 16.78
C LYS A 164 -26.96 -16.82 17.92
N ARG A 165 -28.23 -16.75 18.36
CA ARG A 165 -28.79 -17.66 19.40
C ARG A 165 -28.92 -19.06 18.82
N LEU A 166 -29.40 -19.19 17.58
CA LEU A 166 -29.53 -20.51 16.87
C LEU A 166 -28.14 -21.12 16.69
N ALA A 167 -27.13 -20.31 16.36
CA ALA A 167 -25.71 -20.74 16.18
C ALA A 167 -25.17 -21.30 17.51
N GLU A 168 -25.46 -20.63 18.63
CA GLU A 168 -25.00 -21.03 20.00
C GLU A 168 -25.74 -22.31 20.43
N LEU A 169 -27.08 -22.35 20.30
CA LEU A 169 -27.95 -23.48 20.75
C LEU A 169 -27.64 -24.74 19.94
N ALA A 170 -27.41 -24.61 18.63
CA ALA A 170 -27.08 -25.73 17.71
C ALA A 170 -25.57 -26.01 17.75
N ALA A 171 -24.80 -25.20 18.49
CA ALA A 171 -23.33 -25.36 18.71
C ALA A 171 -22.62 -25.50 17.36
N LEU A 172 -22.89 -24.59 16.42
CA LEU A 172 -22.32 -24.60 15.05
C LEU A 172 -20.82 -24.35 15.11
N SER A 173 -20.08 -24.97 14.19
CA SER A 173 -18.61 -24.74 13.97
C SER A 173 -18.41 -23.34 13.40
N ALA A 174 -17.16 -22.88 13.37
CA ALA A 174 -16.75 -21.56 12.81
C ALA A 174 -17.05 -21.52 11.31
N SER A 175 -16.81 -22.65 10.61
CA SER A 175 -16.90 -22.77 9.12
C SER A 175 -18.36 -22.94 8.68
N ASP A 176 -19.16 -23.72 9.44
CA ASP A 176 -20.61 -23.95 9.17
C ASP A 176 -21.37 -22.62 9.17
N THR A 177 -21.06 -21.74 10.15
CA THR A 177 -21.59 -20.37 10.25
C THR A 177 -21.28 -19.61 8.95
N GLU A 178 -20.04 -19.68 8.47
CA GLU A 178 -19.58 -18.99 7.22
C GLU A 178 -20.40 -19.47 6.02
N GLN A 179 -20.63 -20.79 5.91
CA GLN A 179 -21.33 -21.39 4.74
C GLN A 179 -22.80 -20.95 4.75
N LEU A 180 -23.41 -20.83 5.93
CA LEU A 180 -24.83 -20.40 6.09
C LEU A 180 -24.96 -18.91 5.78
N MET A 181 -24.02 -18.08 6.25
CA MET A 181 -24.02 -16.61 6.01
C MET A 181 -23.84 -16.33 4.52
N GLN A 182 -23.04 -17.12 3.81
CA GLN A 182 -22.84 -17.01 2.35
C GLN A 182 -24.15 -17.36 1.63
N LEU A 183 -24.79 -18.48 2.01
CA LEU A 183 -26.04 -18.98 1.39
C LEU A 183 -27.19 -18.00 1.65
N TYR A 184 -27.28 -17.48 2.89
CA TYR A 184 -28.30 -16.48 3.31
C TYR A 184 -28.17 -15.23 2.46
N ALA A 185 -26.94 -14.76 2.21
CA ALA A 185 -26.63 -13.49 1.50
C ALA A 185 -27.11 -13.54 0.04
N ASN A 186 -27.21 -14.73 -0.57
CA ASN A 186 -27.75 -14.89 -1.96
C ASN A 186 -29.10 -15.60 -1.92
N LYS A 187 -29.70 -15.74 -0.74
CA LYS A 187 -30.94 -16.51 -0.45
C LYS A 187 -31.05 -17.71 -1.40
N ASN A 188 -29.99 -18.51 -1.47
CA ASN A 188 -29.95 -19.79 -2.23
C ASN A 188 -30.75 -20.84 -1.43
N LEU A 189 -32.07 -20.90 -1.65
CA LEU A 189 -33.02 -21.75 -0.87
C LEU A 189 -32.77 -23.23 -1.20
N PRO A 190 -32.58 -23.63 -2.47
CA PRO A 190 -32.29 -25.03 -2.80
C PRO A 190 -31.05 -25.61 -2.11
N GLU A 191 -29.89 -24.96 -2.27
CA GLU A 191 -28.58 -25.44 -1.76
C GLU A 191 -28.55 -25.34 -0.23
N LEU A 192 -29.37 -24.43 0.34
CA LEU A 192 -29.55 -24.27 1.81
C LEU A 192 -30.34 -25.45 2.37
N LYS A 193 -31.41 -25.88 1.67
CA LYS A 193 -32.28 -27.02 2.08
C LYS A 193 -31.43 -28.29 2.20
N GLN A 194 -30.45 -28.47 1.30
CA GLN A 194 -29.52 -29.63 1.29
C GLN A 194 -28.59 -29.56 2.51
N VAL A 195 -27.90 -28.42 2.67
CA VAL A 195 -26.93 -28.17 3.80
C VAL A 195 -27.66 -28.33 5.14
N CYS A 196 -28.90 -27.86 5.24
CA CYS A 196 -29.68 -27.75 6.51
C CYS A 196 -30.19 -29.12 6.97
N GLN A 197 -30.31 -30.10 6.07
CA GLN A 197 -30.83 -31.45 6.40
C GLN A 197 -29.79 -32.25 7.18
N VAL A 198 -28.53 -31.81 7.20
CA VAL A 198 -27.39 -32.51 7.89
C VAL A 198 -26.94 -31.71 9.13
N LEU A 199 -27.35 -30.44 9.27
CA LEU A 199 -26.95 -29.56 10.41
C LEU A 199 -27.89 -29.80 11.60
N PRO A 200 -27.38 -29.69 12.85
CA PRO A 200 -28.24 -29.70 14.04
C PRO A 200 -29.14 -28.45 14.09
N MET A 201 -30.43 -28.64 14.41
CA MET A 201 -31.51 -27.60 14.32
C MET A 201 -31.57 -27.05 12.89
N GLY A 202 -31.12 -27.82 11.90
CA GLY A 202 -30.96 -27.36 10.50
C GLY A 202 -32.23 -26.79 9.93
N SER A 203 -33.39 -27.36 10.29
CA SER A 203 -34.74 -26.91 9.86
C SER A 203 -34.99 -25.46 10.30
N ASP A 204 -34.48 -25.07 11.48
CA ASP A 204 -34.62 -23.68 12.03
C ASP A 204 -33.86 -22.69 11.14
N PHE A 205 -32.66 -23.06 10.67
CA PHE A 205 -31.79 -22.22 9.82
C PHE A 205 -32.44 -22.04 8.43
N TYR A 206 -33.10 -23.08 7.92
CA TYR A 206 -33.86 -23.04 6.64
C TYR A 206 -35.12 -22.17 6.82
N THR A 207 -35.79 -22.29 7.97
CA THR A 207 -37.02 -21.52 8.33
C THR A 207 -36.71 -20.01 8.27
N LEU A 208 -35.55 -19.57 8.81
CA LEU A 208 -35.11 -18.15 8.79
C LEU A 208 -35.16 -17.61 7.36
N ALA A 209 -34.63 -18.37 6.39
CA ALA A 209 -34.44 -17.92 4.99
C ALA A 209 -35.77 -17.96 4.23
N ARG A 210 -36.59 -18.99 4.48
CA ARG A 210 -37.85 -19.24 3.73
C ARG A 210 -38.99 -18.40 4.30
N PHE A 211 -39.08 -18.29 5.64
CA PHE A 211 -40.26 -17.73 6.35
C PHE A 211 -39.85 -16.61 7.33
N GLY A 212 -38.66 -16.02 7.16
CA GLY A 212 -38.19 -14.89 7.98
C GLY A 212 -39.02 -13.63 7.75
N HIS A 213 -39.46 -13.39 6.52
CA HIS A 213 -40.30 -12.23 6.09
C HIS A 213 -41.61 -12.16 6.89
N ASP A 214 -42.21 -13.32 7.21
CA ASP A 214 -43.52 -13.42 7.92
C ASP A 214 -43.27 -13.45 9.43
N ILE A 215 -42.90 -12.30 10.00
CA ILE A 215 -42.41 -12.15 11.41
C ILE A 215 -43.56 -12.45 12.38
N ALA A 216 -44.81 -12.22 11.97
CA ALA A 216 -46.03 -12.47 12.78
C ALA A 216 -46.10 -13.95 13.21
N ASN A 217 -45.67 -14.87 12.33
CA ASN A 217 -45.82 -16.34 12.48
C ASN A 217 -44.46 -17.04 12.63
N LEU A 218 -43.35 -16.30 12.65
CA LEU A 218 -41.98 -16.89 12.62
C LEU A 218 -41.74 -17.77 13.85
N LEU A 219 -42.11 -17.28 15.04
CA LEU A 219 -41.88 -17.97 16.34
C LEU A 219 -42.55 -19.34 16.32
N GLY A 220 -43.80 -19.41 15.85
CA GLY A 220 -44.61 -20.65 15.80
C GLY A 220 -44.08 -21.66 14.80
N ARG A 221 -43.05 -21.32 14.02
CA ARG A 221 -42.42 -22.19 13.00
C ARG A 221 -41.07 -22.76 13.47
N LEU A 222 -40.51 -22.23 14.58
CA LEU A 222 -39.17 -22.62 15.09
C LEU A 222 -39.29 -23.84 16.01
N SER A 223 -38.18 -24.57 16.19
CA SER A 223 -38.07 -25.76 17.07
C SER A 223 -38.39 -25.34 18.52
N GLU A 224 -38.76 -26.31 19.37
CA GLU A 224 -39.20 -26.07 20.77
C GLU A 224 -38.03 -25.50 21.58
N ASN A 225 -36.82 -26.02 21.36
CA ASN A 225 -35.54 -25.54 21.95
C ASN A 225 -35.36 -24.04 21.63
N ALA A 226 -35.59 -23.65 20.37
CA ALA A 226 -35.47 -22.26 19.86
C ALA A 226 -36.59 -21.40 20.47
N GLN A 227 -37.83 -21.87 20.42
CA GLN A 227 -39.04 -21.14 20.90
C GLN A 227 -38.93 -20.82 22.40
N GLN A 228 -38.19 -21.63 23.16
CA GLN A 228 -37.98 -21.50 24.62
C GLN A 228 -36.92 -20.43 24.91
N ASP A 229 -36.05 -20.11 23.94
CA ASP A 229 -34.96 -19.12 24.10
C ASP A 229 -35.53 -17.70 24.19
N THR A 230 -35.32 -17.04 25.33
CA THR A 230 -35.85 -15.70 25.66
C THR A 230 -35.28 -14.65 24.69
N LYS A 231 -33.99 -14.75 24.36
CA LYS A 231 -33.29 -13.76 23.49
C LYS A 231 -33.85 -13.82 22.07
N ILE A 232 -34.30 -15.00 21.61
CA ILE A 232 -34.94 -15.18 20.27
C ILE A 232 -36.36 -14.59 20.31
N VAL A 233 -37.12 -14.84 21.37
CA VAL A 233 -38.53 -14.38 21.53
C VAL A 233 -38.56 -12.85 21.64
N THR A 234 -37.63 -12.28 22.41
CA THR A 234 -37.43 -10.80 22.55
C THR A 234 -37.14 -10.21 21.16
N ALA A 235 -36.15 -10.77 20.45
CA ALA A 235 -35.69 -10.34 19.11
C ALA A 235 -36.89 -10.24 18.16
N ILE A 236 -37.68 -11.32 18.06
CA ILE A 236 -38.85 -11.39 17.14
C ILE A 236 -39.92 -10.38 17.60
N ASP A 237 -40.02 -10.12 18.90
CA ASP A 237 -40.98 -9.13 19.48
C ASP A 237 -40.52 -7.70 19.13
N GLU A 238 -39.22 -7.43 19.18
CA GLU A 238 -38.62 -6.11 18.85
C GLU A 238 -38.92 -5.76 17.38
N LEU A 239 -38.80 -6.73 16.47
CA LEU A 239 -39.09 -6.56 15.02
C LEU A 239 -40.56 -6.17 14.83
N GLN A 240 -41.47 -6.85 15.54
CA GLN A 240 -42.94 -6.61 15.44
C GLN A 240 -43.25 -5.18 15.94
N ARG A 241 -42.62 -4.76 17.03
CA ARG A 241 -42.83 -3.41 17.65
C ARG A 241 -42.39 -2.32 16.66
N LEU A 242 -41.19 -2.45 16.08
CA LEU A 242 -40.65 -1.49 15.10
C LEU A 242 -41.46 -1.50 13.81
N LYS A 243 -41.80 -2.70 13.30
CA LYS A 243 -42.61 -2.86 12.06
C LYS A 243 -43.91 -2.09 12.23
N ALA A 244 -44.59 -2.25 13.37
CA ALA A 244 -45.88 -1.62 13.70
C ALA A 244 -45.70 -0.09 13.77
N HIS A 245 -44.71 0.39 14.53
CA HIS A 245 -44.40 1.82 14.71
C HIS A 245 -44.19 2.50 13.34
N LEU A 246 -43.48 1.84 12.42
CA LEU A 246 -43.13 2.39 11.10
C LEU A 246 -44.37 2.49 10.20
N GLN A 247 -45.27 1.51 10.27
CA GLN A 247 -46.51 1.48 9.44
C GLN A 247 -47.52 2.49 10.01
N VAL A 248 -47.73 2.49 11.33
CA VAL A 248 -48.73 3.36 12.03
C VAL A 248 -48.28 4.83 11.97
N GLN A 249 -47.11 5.15 12.53
CA GLN A 249 -46.60 6.54 12.70
C GLN A 249 -46.23 7.16 11.34
N TRP A 250 -45.63 6.39 10.43
CA TRP A 250 -44.91 6.93 9.25
C TRP A 250 -45.49 6.42 7.93
N GLN A 251 -46.51 5.54 7.94
CA GLN A 251 -47.05 4.94 6.69
C GLN A 251 -45.88 4.46 5.85
N CYS A 252 -45.01 3.63 6.44
CA CYS A 252 -43.80 3.07 5.79
C CYS A 252 -44.01 1.58 5.52
N ALA A 253 -43.83 1.19 4.24
CA ALA A 253 -43.76 -0.22 3.81
C ALA A 253 -42.48 -0.84 4.40
N VAL A 254 -42.64 -1.77 5.34
CA VAL A 254 -41.52 -2.50 6.00
C VAL A 254 -41.52 -3.92 5.44
N SER A 255 -40.32 -4.41 5.11
CA SER A 255 -40.04 -5.84 4.83
C SER A 255 -39.07 -6.35 5.92
N ILE A 256 -39.27 -7.57 6.41
CA ILE A 256 -38.40 -8.23 7.42
C ILE A 256 -37.47 -9.20 6.69
N ASP A 257 -36.20 -9.28 7.12
CA ASP A 257 -35.23 -10.32 6.71
C ASP A 257 -34.30 -10.58 7.89
N VAL A 258 -34.52 -11.69 8.60
CA VAL A 258 -33.81 -12.06 9.87
C VAL A 258 -32.47 -12.73 9.54
N THR A 259 -32.15 -12.87 8.25
CA THR A 259 -30.88 -13.42 7.72
C THR A 259 -29.99 -12.30 7.16
N GLU A 260 -30.38 -11.04 7.34
CA GLU A 260 -29.57 -9.85 6.95
C GLU A 260 -28.39 -9.68 7.92
N LEU A 261 -27.17 -10.06 7.50
CA LEU A 261 -25.92 -9.95 8.30
C LEU A 261 -24.85 -9.29 7.42
N SER A 262 -25.26 -8.39 6.53
CA SER A 262 -24.40 -7.75 5.48
C SER A 262 -23.92 -6.36 5.94
N GLY A 263 -24.63 -5.72 6.90
CA GLY A 263 -24.14 -4.56 7.66
C GLY A 263 -22.88 -4.89 8.44
N TYR A 264 -22.25 -3.89 9.07
CA TYR A 264 -20.98 -4.05 9.81
C TYR A 264 -21.22 -5.01 10.99
N HIS A 265 -20.34 -6.01 11.16
CA HIS A 265 -20.54 -7.16 12.09
C HIS A 265 -20.28 -6.74 13.54
N TYR A 266 -20.22 -5.44 13.86
CA TYR A 266 -20.22 -4.94 15.26
C TYR A 266 -21.67 -4.83 15.78
N HIS A 267 -22.66 -5.08 14.92
CA HIS A 267 -24.12 -5.05 15.23
C HIS A 267 -24.45 -6.23 16.15
N THR A 268 -25.25 -5.99 17.20
CA THR A 268 -25.52 -6.94 18.31
C THR A 268 -27.03 -7.18 18.50
N GLY A 269 -27.87 -6.69 17.59
CA GLY A 269 -29.32 -6.77 17.74
C GLY A 269 -30.06 -6.34 16.49
N ILE A 270 -31.07 -5.49 16.66
CA ILE A 270 -31.91 -4.93 15.55
C ILE A 270 -30.98 -4.27 14.53
N VAL A 271 -31.29 -4.43 13.25
CA VAL A 271 -30.60 -3.74 12.12
C VAL A 271 -31.67 -3.18 11.18
N PHE A 272 -31.42 -1.98 10.64
CA PHE A 272 -32.29 -1.20 9.74
C PHE A 272 -31.48 -0.88 8.47
N ASN A 273 -32.10 -1.05 7.29
CA ASN A 273 -31.55 -0.65 5.97
C ASN A 273 -32.65 0.11 5.22
N GLY A 274 -32.41 1.39 4.93
CA GLY A 274 -33.31 2.25 4.13
C GLY A 274 -32.84 2.27 2.69
N TYR A 275 -33.68 1.78 1.77
CA TYR A 275 -33.44 1.82 0.31
C TYR A 275 -34.28 2.94 -0.29
N ILE A 276 -33.65 3.76 -1.15
CA ILE A 276 -34.29 4.87 -1.92
C ILE A 276 -34.66 4.31 -3.30
N ASN A 277 -35.94 4.42 -3.69
CA ASN A 277 -36.49 3.84 -4.95
C ASN A 277 -36.03 2.37 -5.06
N SER A 278 -35.46 1.99 -6.21
CA SER A 278 -35.05 0.59 -6.55
C SER A 278 -33.52 0.49 -6.61
N GLU A 279 -32.81 1.32 -5.84
CA GLU A 279 -31.32 1.36 -5.81
C GLU A 279 -30.80 0.22 -4.93
N THR A 280 -29.78 -0.49 -5.43
CA THR A 280 -29.22 -1.72 -4.83
C THR A 280 -28.58 -1.42 -3.47
N GLN A 281 -27.77 -0.37 -3.39
CA GLN A 281 -27.06 0.02 -2.15
CA GLN A 281 -27.08 0.02 -2.14
C GLN A 281 -28.04 0.84 -1.29
N PRO A 282 -28.25 0.47 -0.01
CA PRO A 282 -29.11 1.26 0.87
C PRO A 282 -28.53 2.66 1.13
N LEU A 283 -29.42 3.66 1.23
CA LEU A 283 -29.10 5.05 1.62
C LEU A 283 -28.74 5.09 3.10
N VAL A 284 -29.55 4.43 3.94
CA VAL A 284 -29.42 4.46 5.44
C VAL A 284 -29.12 3.05 5.94
N ARG A 285 -28.15 2.93 6.85
CA ARG A 285 -27.81 1.70 7.60
C ARG A 285 -27.80 2.06 9.10
N GLY A 286 -28.43 1.24 9.92
CA GLY A 286 -28.51 1.45 11.38
C GLY A 286 -28.69 0.15 12.14
N GLY A 287 -28.51 0.20 13.47
CA GLY A 287 -28.77 -0.94 14.37
C GLY A 287 -28.12 -0.78 15.73
N ARG A 288 -28.33 -1.77 16.61
CA ARG A 288 -27.76 -1.87 17.96
C ARG A 288 -26.28 -2.27 17.87
N PHE A 289 -25.45 -1.79 18.79
CA PHE A 289 -24.01 -2.17 18.96
C PHE A 289 -23.66 -1.98 20.44
N ASP A 290 -22.47 -2.40 20.90
CA ASP A 290 -22.16 -2.59 22.34
C ASP A 290 -20.64 -2.68 22.60
N GLY A 291 -19.83 -2.00 21.78
CA GLY A 291 -18.36 -2.09 21.80
C GLY A 291 -17.78 -1.47 23.07
N PRO A 302 -19.21 -1.64 28.74
CA PRO A 302 -20.43 -2.46 28.92
C PRO A 302 -21.72 -1.66 28.64
N ARG A 303 -21.77 -0.98 27.48
CA ARG A 303 -22.66 0.19 27.22
C ARG A 303 -23.62 -0.09 26.06
N GLN A 304 -24.93 0.14 26.29
CA GLN A 304 -25.99 0.05 25.26
C GLN A 304 -25.75 1.16 24.23
N ALA A 305 -25.97 0.87 22.95
CA ALA A 305 -25.79 1.80 21.82
C ALA A 305 -26.65 1.38 20.63
N THR A 306 -27.27 2.36 19.96
CA THR A 306 -27.99 2.20 18.68
C THR A 306 -27.84 3.51 17.90
N GLY A 307 -27.87 3.43 16.57
CA GLY A 307 -27.69 4.60 15.69
C GLY A 307 -27.92 4.26 14.24
N PHE A 308 -27.77 5.25 13.35
CA PHE A 308 -27.83 5.10 11.88
C PHE A 308 -26.80 6.03 11.23
N SER A 309 -26.43 5.73 9.98
CA SER A 309 -25.58 6.55 9.10
C SER A 309 -26.19 6.58 7.70
N MET A 310 -25.96 7.64 6.94
CA MET A 310 -26.37 7.74 5.52
C MET A 310 -25.30 8.50 4.74
N ASP A 311 -25.16 8.18 3.46
CA ASP A 311 -24.30 8.90 2.49
C ASP A 311 -25.09 10.08 1.95
N VAL A 312 -24.77 11.30 2.42
CA VAL A 312 -25.45 12.56 2.01
C VAL A 312 -25.43 12.67 0.48
N SER A 313 -24.35 12.22 -0.15
CA SER A 313 -24.11 12.32 -1.61
C SER A 313 -25.16 11.54 -2.39
N ARG A 314 -25.77 10.52 -1.78
CA ARG A 314 -26.80 9.67 -2.44
C ARG A 314 -28.14 10.42 -2.49
N LEU A 315 -28.32 11.47 -1.67
CA LEU A 315 -29.54 12.32 -1.65
C LEU A 315 -29.54 13.28 -2.86
N LEU A 316 -28.36 13.65 -3.38
CA LEU A 316 -28.20 14.72 -4.40
C LEU A 316 -29.18 14.50 -5.57
N ALA A 317 -29.22 13.30 -6.12
CA ALA A 317 -29.99 12.96 -7.35
C ALA A 317 -31.50 13.00 -7.08
N HIS A 318 -31.93 13.12 -5.81
CA HIS A 318 -33.35 13.02 -5.39
C HIS A 318 -33.84 14.31 -4.71
N THR A 319 -32.96 15.29 -4.49
CA THR A 319 -33.29 16.61 -3.90
C THR A 319 -33.13 17.69 -4.98
N GLN A 320 -33.91 18.77 -4.89
CA GLN A 320 -33.80 19.95 -5.79
C GLN A 320 -33.75 21.21 -4.92
N LEU A 321 -33.00 22.23 -5.34
CA LEU A 321 -33.03 23.57 -4.72
C LEU A 321 -33.70 24.54 -5.70
N ASP A 322 -34.26 25.64 -5.20
CA ASP A 322 -34.71 26.79 -6.03
C ASP A 322 -33.55 27.18 -6.95
N ALA A 323 -33.83 27.43 -8.23
CA ALA A 323 -32.85 28.00 -9.18
C ALA A 323 -32.16 29.16 -8.49
N PRO A 324 -30.82 29.30 -8.58
CA PRO A 324 -30.12 30.39 -7.93
C PRO A 324 -30.19 31.65 -8.79
N PHE A 325 -30.07 32.83 -8.16
CA PHE A 325 -29.98 34.15 -8.83
C PHE A 325 -28.50 34.51 -8.98
N ILE A 326 -28.01 34.47 -10.22
CA ILE A 326 -26.59 34.73 -10.59
C ILE A 326 -26.53 36.08 -11.32
N VAL A 327 -25.96 37.08 -10.65
CA VAL A 327 -26.00 38.52 -11.02
C VAL A 327 -24.60 38.94 -11.49
N LEU A 328 -24.53 39.65 -12.62
CA LEU A 328 -23.28 40.30 -13.11
C LEU A 328 -23.50 41.82 -13.15
N ILE A 329 -22.68 42.56 -12.39
CA ILE A 329 -22.63 44.05 -12.46
C ILE A 329 -22.01 44.44 -13.82
N ASP A 330 -22.63 45.36 -14.55
CA ASP A 330 -22.14 45.89 -15.84
C ASP A 330 -20.76 46.53 -15.60
N TYR A 331 -19.75 46.08 -16.35
CA TYR A 331 -18.32 46.47 -16.21
C TYR A 331 -18.15 47.98 -16.48
N ASP A 332 -18.63 48.42 -17.65
CA ASP A 332 -18.41 49.80 -18.17
C ASP A 332 -19.05 50.82 -17.22
N ALA A 333 -20.30 50.58 -16.80
CA ALA A 333 -21.10 51.46 -15.92
C ALA A 333 -20.38 51.65 -14.58
N PHE A 334 -19.91 50.55 -13.96
CA PHE A 334 -19.25 50.56 -12.63
C PHE A 334 -17.98 51.43 -12.68
N ASN A 335 -17.19 51.30 -13.75
CA ASN A 335 -15.89 52.01 -13.91
C ASN A 335 -16.11 53.50 -14.20
N ASN A 336 -17.34 53.89 -14.57
CA ASN A 336 -17.73 55.29 -14.84
C ASN A 336 -18.11 55.99 -13.52
N LEU A 337 -18.17 55.26 -12.40
CA LEU A 337 -18.65 55.79 -11.09
C LEU A 337 -17.52 56.53 -10.37
N ASP A 338 -17.87 57.60 -9.66
CA ASP A 338 -17.01 58.27 -8.65
C ASP A 338 -16.92 57.38 -7.41
N SER A 339 -16.06 57.72 -6.44
CA SER A 339 -15.80 56.92 -5.21
C SER A 339 -17.09 56.74 -4.40
N ALA A 340 -17.82 57.84 -4.15
CA ALA A 340 -19.06 57.87 -3.35
C ALA A 340 -20.14 56.99 -4.00
N GLN A 341 -20.24 57.04 -5.34
CA GLN A 341 -21.18 56.23 -6.16
C GLN A 341 -20.80 54.74 -6.08
N ARG A 342 -19.50 54.42 -6.10
CA ARG A 342 -18.98 53.03 -5.97
C ARG A 342 -19.37 52.48 -4.60
N GLN A 343 -19.08 53.23 -3.52
CA GLN A 343 -19.43 52.87 -2.13
C GLN A 343 -20.92 52.55 -2.04
N LEU A 344 -21.75 53.37 -2.69
CA LEU A 344 -23.24 53.24 -2.68
C LEU A 344 -23.65 51.91 -3.32
N LEU A 345 -23.01 51.52 -4.44
CA LEU A 345 -23.28 50.24 -5.14
C LEU A 345 -22.88 49.06 -4.24
N LEU A 346 -21.69 49.10 -3.64
CA LEU A 346 -21.13 47.99 -2.83
C LEU A 346 -22.09 47.67 -1.67
N GLN A 347 -22.68 48.70 -1.05
CA GLN A 347 -23.71 48.57 0.01
C GLN A 347 -24.93 47.84 -0.54
N GLN A 348 -25.36 48.18 -1.76
CA GLN A 348 -26.52 47.57 -2.47
C GLN A 348 -26.17 46.12 -2.82
N VAL A 349 -24.95 45.87 -3.28
CA VAL A 349 -24.43 44.51 -3.64
C VAL A 349 -24.37 43.66 -2.37
N ALA A 350 -23.88 44.22 -1.25
CA ALA A 350 -23.80 43.56 0.06
C ALA A 350 -25.20 43.13 0.52
N SER A 351 -26.18 44.01 0.33
CA SER A 351 -27.62 43.76 0.62
C SER A 351 -28.11 42.57 -0.20
N LEU A 352 -27.80 42.52 -1.50
CA LEU A 352 -28.22 41.42 -2.43
C LEU A 352 -27.62 40.09 -1.96
N ARG A 353 -26.34 40.08 -1.58
CA ARG A 353 -25.62 38.84 -1.17
C ARG A 353 -26.23 38.29 0.13
N GLN A 354 -26.53 39.17 1.08
CA GLN A 354 -27.23 38.87 2.36
C GLN A 354 -28.55 38.15 2.05
N GLN A 355 -29.25 38.55 0.97
CA GLN A 355 -30.54 37.95 0.53
C GLN A 355 -30.29 36.66 -0.27
N GLY A 356 -29.03 36.31 -0.54
CA GLY A 356 -28.63 35.05 -1.17
C GLY A 356 -28.39 35.17 -2.66
N TYR A 357 -28.38 36.38 -3.21
CA TYR A 357 -28.02 36.67 -4.63
C TYR A 357 -26.52 36.41 -4.81
N ARG A 358 -26.15 35.77 -5.93
CA ARG A 358 -24.74 35.49 -6.31
C ARG A 358 -24.27 36.60 -7.24
N VAL A 359 -23.55 37.59 -6.71
CA VAL A 359 -23.16 38.83 -7.45
C VAL A 359 -21.66 38.78 -7.76
N THR A 360 -21.31 38.89 -9.04
CA THR A 360 -19.93 38.97 -9.57
C THR A 360 -19.60 40.44 -9.89
N MET A 361 -18.63 41.01 -9.18
CA MET A 361 -17.98 42.30 -9.50
C MET A 361 -16.93 42.03 -10.58
N PRO A 362 -17.16 42.44 -11.85
CA PRO A 362 -16.35 41.99 -12.98
C PRO A 362 -14.96 42.63 -13.06
N LEU A 363 -13.96 41.84 -13.50
CA LEU A 363 -12.55 42.25 -13.67
C LEU A 363 -12.31 42.77 -15.10
N THR A 364 -13.13 42.32 -16.06
CA THR A 364 -13.05 42.70 -17.50
C THR A 364 -14.47 42.74 -18.09
N ALA A 365 -14.61 43.32 -19.29
CA ALA A 365 -15.89 43.42 -20.05
C ALA A 365 -16.42 42.03 -20.40
N GLU A 366 -15.54 41.02 -20.44
CA GLU A 366 -15.87 39.63 -20.89
C GLU A 366 -16.14 38.72 -19.70
N ASP A 367 -15.74 39.14 -18.48
CA ASP A 367 -15.95 38.40 -17.21
C ASP A 367 -17.42 38.00 -17.09
N MET A 368 -17.73 36.73 -17.36
CA MET A 368 -19.12 36.19 -17.43
C MET A 368 -19.27 35.06 -16.40
N PRO A 369 -20.08 35.24 -15.34
CA PRO A 369 -20.42 34.14 -14.44
C PRO A 369 -21.18 33.01 -15.18
N VAL A 370 -20.95 31.77 -14.75
CA VAL A 370 -21.61 30.56 -15.33
C VAL A 370 -23.09 30.62 -14.95
N GLY A 371 -23.98 30.32 -15.90
CA GLY A 371 -25.44 30.26 -15.70
C GLY A 371 -26.02 31.59 -15.28
N LEU A 372 -25.55 32.70 -15.89
CA LEU A 372 -26.01 34.08 -15.62
C LEU A 372 -27.54 34.14 -15.75
N THR A 373 -28.22 34.73 -14.76
CA THR A 373 -29.70 34.92 -14.74
C THR A 373 -30.05 36.42 -14.89
N HIS A 374 -29.28 37.32 -14.26
CA HIS A 374 -29.60 38.77 -14.15
C HIS A 374 -28.34 39.63 -14.37
N ARG A 375 -28.53 40.84 -14.88
CA ARG A 375 -27.52 41.93 -14.90
C ARG A 375 -27.96 43.02 -13.91
N LEU A 376 -27.04 43.54 -13.10
CA LEU A 376 -27.23 44.78 -12.32
C LEU A 376 -26.73 45.94 -13.19
N SER A 377 -27.66 46.75 -13.72
CA SER A 377 -27.40 47.77 -14.76
C SER A 377 -27.77 49.17 -14.24
N LEU A 378 -27.04 50.20 -14.69
CA LEU A 378 -27.25 51.62 -14.31
C LEU A 378 -28.13 52.29 -15.37
N ALA A 379 -29.36 52.69 -14.99
CA ALA A 379 -30.31 53.45 -15.83
C ALA A 379 -30.87 54.64 -15.05
N ASP A 380 -30.54 55.86 -15.48
CA ASP A 380 -31.02 57.13 -14.86
C ASP A 380 -30.56 57.17 -13.39
N ASN A 381 -29.26 57.06 -13.17
CA ASN A 381 -28.59 57.21 -11.84
C ASN A 381 -29.26 56.26 -10.83
N GLN A 382 -29.47 54.99 -11.21
CA GLN A 382 -30.14 53.96 -10.36
C GLN A 382 -29.71 52.55 -10.83
N TRP A 383 -29.50 51.64 -9.88
CA TRP A 383 -29.04 50.24 -10.10
C TRP A 383 -30.21 49.27 -9.87
N ARG A 384 -30.61 48.53 -10.91
CA ARG A 384 -31.76 47.58 -10.88
C ARG A 384 -31.38 46.25 -11.55
N LEU A 385 -32.01 45.15 -11.12
CA LEU A 385 -31.84 43.80 -11.72
C LEU A 385 -32.62 43.73 -13.04
N HIS A 386 -32.08 43.00 -14.03
CA HIS A 386 -32.66 42.78 -15.37
C HIS A 386 -32.40 41.33 -15.81
N ALA A 387 -33.43 40.50 -15.88
CA ALA A 387 -33.38 39.13 -16.45
C ALA A 387 -32.85 39.21 -17.89
N VAL A 388 -31.98 38.29 -18.27
CA VAL A 388 -31.23 38.31 -19.57
C VAL A 388 -32.13 37.73 -20.68
N GLY B 1 -8.71 5.53 22.99
CA GLY B 1 -7.38 5.78 23.63
C GLY B 1 -6.74 7.06 23.14
N MET B 2 -5.40 7.09 23.13
CA MET B 2 -4.54 8.24 22.72
C MET B 2 -4.68 8.46 21.20
N LEU B 3 -4.55 9.70 20.74
CA LEU B 3 -4.61 10.08 19.30
C LEU B 3 -3.22 10.47 18.81
N PRO B 4 -2.94 10.39 17.49
CA PRO B 4 -1.63 10.77 16.96
C PRO B 4 -1.38 12.27 17.13
N ASP B 5 -0.12 12.66 17.33
CA ASP B 5 0.29 14.08 17.46
C ASP B 5 -0.23 14.86 16.25
N GLY B 6 -0.87 16.01 16.49
CA GLY B 6 -1.43 16.88 15.44
C GLY B 6 -2.78 16.39 14.93
N VAL B 7 -3.43 15.48 15.66
CA VAL B 7 -4.78 14.95 15.34
C VAL B 7 -5.65 15.12 16.58
N ALA B 8 -6.76 15.85 16.48
CA ALA B 8 -7.64 16.19 17.61
C ALA B 8 -9.11 16.00 17.23
N ASP B 9 -9.91 15.51 18.17
CA ASP B 9 -11.40 15.61 18.11
C ASP B 9 -11.77 17.08 18.18
N VAL B 10 -12.72 17.53 17.37
CA VAL B 10 -13.46 18.80 17.58
C VAL B 10 -14.84 18.41 18.10
N LEU B 11 -15.12 18.69 19.38
CA LEU B 11 -16.26 18.11 20.12
C LEU B 11 -17.26 19.21 20.54
N PHE B 12 -18.56 18.88 20.48
CA PHE B 12 -19.64 19.59 21.20
C PHE B 12 -19.77 21.00 20.65
N GLU B 13 -19.55 22.05 21.44
CA GLU B 13 -19.79 23.46 21.01
C GLU B 13 -18.76 23.85 19.96
N ASP B 14 -17.52 23.34 20.07
CA ASP B 14 -16.45 23.59 19.08
C ASP B 14 -16.87 22.99 17.73
N ALA B 15 -17.48 21.81 17.75
CA ALA B 15 -17.97 21.11 16.54
C ALA B 15 -19.11 21.91 15.91
N HIS B 16 -20.03 22.41 16.74
CA HIS B 16 -21.16 23.26 16.29
C HIS B 16 -20.60 24.52 15.64
N LYS B 17 -19.67 25.18 16.33
CA LYS B 17 -19.02 26.43 15.86
C LYS B 17 -18.36 26.16 14.49
N GLN B 18 -17.50 25.14 14.41
CA GLN B 18 -16.79 24.75 13.16
C GLN B 18 -17.82 24.57 12.03
N GLU B 19 -18.92 23.87 12.30
CA GLU B 19 -20.00 23.59 11.32
C GLU B 19 -20.61 24.92 10.85
N VAL B 20 -20.88 25.85 11.77
CA VAL B 20 -21.48 27.18 11.42
C VAL B 20 -20.46 27.96 10.59
N LEU B 21 -19.21 28.05 11.04
CA LEU B 21 -18.13 28.77 10.32
C LEU B 21 -18.01 28.18 8.91
N ARG B 22 -17.80 26.87 8.78
CA ARG B 22 -17.67 26.22 7.46
C ARG B 22 -18.80 26.71 6.55
N HIS B 23 -20.03 26.75 7.05
CA HIS B 23 -21.25 27.01 6.23
C HIS B 23 -21.38 28.50 5.92
N GLN B 24 -21.28 29.38 6.93
CA GLN B 24 -21.36 30.85 6.71
C GLN B 24 -20.34 31.24 5.65
N LEU B 25 -19.08 30.85 5.83
CA LEU B 25 -17.93 31.25 4.97
C LEU B 25 -18.12 30.68 3.55
N THR B 26 -18.60 29.45 3.41
CA THR B 26 -18.83 28.82 2.09
C THR B 26 -19.93 29.61 1.36
N GLN B 27 -21.00 29.97 2.06
CA GLN B 27 -22.14 30.73 1.48
C GLN B 27 -21.66 32.12 1.05
N GLN B 28 -20.85 32.79 1.87
CA GLN B 28 -20.26 34.11 1.54
C GLN B 28 -19.54 34.00 0.19
N LEU B 29 -18.62 33.04 0.05
CA LEU B 29 -17.78 32.86 -1.16
C LEU B 29 -18.70 32.60 -2.37
N ILE B 30 -19.76 31.82 -2.17
CA ILE B 30 -20.71 31.46 -3.27
C ILE B 30 -21.43 32.71 -3.75
N THR B 31 -21.78 33.62 -2.84
CA THR B 31 -22.53 34.87 -3.12
C THR B 31 -21.61 35.92 -3.76
N HIS B 32 -20.28 35.75 -3.64
CA HIS B 32 -19.24 36.59 -4.30
C HIS B 32 -18.90 36.04 -5.68
N GLY B 33 -19.60 34.99 -6.13
CA GLY B 33 -19.53 34.48 -7.52
C GLY B 33 -18.54 33.34 -7.68
N TYR B 34 -18.02 32.80 -6.57
CA TYR B 34 -17.10 31.63 -6.55
C TYR B 34 -17.96 30.36 -6.63
N GLN B 35 -17.63 29.47 -7.57
CA GLN B 35 -18.35 28.19 -7.76
C GLN B 35 -17.84 27.21 -6.71
N LEU B 36 -18.72 26.67 -5.87
CA LEU B 36 -18.34 25.62 -4.90
C LEU B 36 -18.01 24.35 -5.69
N VAL B 37 -16.85 23.78 -5.43
CA VAL B 37 -16.45 22.43 -5.90
C VAL B 37 -16.06 21.60 -4.67
N SER B 38 -16.40 20.32 -4.69
CA SER B 38 -16.10 19.35 -3.60
C SER B 38 -15.37 18.17 -4.20
N PRO B 39 -14.04 18.29 -4.44
CA PRO B 39 -13.26 17.20 -5.02
C PRO B 39 -12.98 16.14 -3.96
N PRO B 40 -12.66 14.90 -4.35
CA PRO B 40 -12.53 13.80 -3.40
C PRO B 40 -11.27 13.92 -2.54
N MET B 41 -11.21 13.16 -1.44
CA MET B 41 -10.06 13.10 -0.49
C MET B 41 -8.89 12.36 -1.16
N ILE B 42 -9.19 11.43 -2.07
CA ILE B 42 -8.18 10.55 -2.71
C ILE B 42 -8.29 10.69 -4.24
N GLU B 43 -7.13 10.80 -4.89
CA GLU B 43 -6.94 10.68 -6.36
C GLU B 43 -5.69 9.83 -6.59
N PHE B 44 -5.48 9.40 -7.83
CA PHE B 44 -4.18 8.87 -8.32
C PHE B 44 -3.13 9.97 -8.18
N THR B 45 -1.89 9.62 -7.85
CA THR B 45 -0.76 10.59 -7.63
C THR B 45 -0.49 11.35 -8.92
N GLU B 46 -0.67 10.69 -10.08
CA GLU B 46 -0.54 11.28 -11.44
C GLU B 46 -1.25 12.63 -11.51
N SER B 47 -2.47 12.74 -10.96
CA SER B 47 -3.32 13.95 -11.02
C SER B 47 -3.13 14.81 -9.76
N LEU B 48 -3.06 14.18 -8.58
CA LEU B 48 -3.03 14.87 -7.26
C LEU B 48 -1.72 15.65 -7.11
N LEU B 49 -0.61 15.09 -7.58
CA LEU B 49 0.76 15.63 -7.38
C LEU B 49 1.35 16.13 -8.70
N SER B 50 0.58 16.13 -9.80
CA SER B 50 0.97 16.71 -11.12
C SER B 50 1.57 18.10 -10.89
N GLY B 51 2.88 18.25 -11.17
CA GLY B 51 3.64 19.49 -10.98
C GLY B 51 3.58 19.99 -9.54
N ALA B 52 4.13 19.19 -8.61
CA ALA B 52 4.15 19.48 -7.16
C ALA B 52 5.61 19.55 -6.69
N SER B 53 5.88 20.42 -5.70
CA SER B 53 7.17 20.52 -4.98
C SER B 53 7.41 19.22 -4.21
N GLU B 54 8.65 18.93 -3.81
CA GLU B 54 8.97 17.72 -3.03
C GLU B 54 8.29 17.84 -1.66
N ASP B 55 8.11 19.07 -1.16
CA ASP B 55 7.45 19.36 0.15
C ASP B 55 5.98 18.91 0.11
N LEU B 56 5.26 19.18 -0.98
CA LEU B 56 3.84 18.76 -1.13
C LEU B 56 3.77 17.24 -1.32
N LYS B 57 4.70 16.65 -2.08
CA LYS B 57 4.78 15.19 -2.30
C LYS B 57 5.03 14.49 -0.96
N ARG B 58 5.89 15.05 -0.11
CA ARG B 58 6.28 14.43 1.18
C ARG B 58 5.17 14.60 2.23
N GLN B 59 4.33 15.62 2.10
CA GLN B 59 3.18 15.87 3.03
C GLN B 59 1.99 14.97 2.67
N THR B 60 2.01 14.31 1.51
CA THR B 60 0.90 13.46 0.99
C THR B 60 1.12 11.99 1.38
N PHE B 61 0.29 11.45 2.26
CA PHE B 61 0.17 10.00 2.55
C PHE B 61 -0.13 9.26 1.24
N LYS B 62 0.52 8.12 1.01
CA LYS B 62 0.32 7.26 -0.18
C LYS B 62 -0.45 5.99 0.23
N ILE B 63 -1.33 5.51 -0.65
CA ILE B 63 -2.10 4.24 -0.47
C ILE B 63 -2.19 3.54 -1.83
N ILE B 64 -2.49 2.25 -1.87
CA ILE B 64 -2.63 1.45 -3.12
C ILE B 64 -4.11 1.24 -3.43
N ASP B 65 -4.55 1.66 -4.63
CA ASP B 65 -5.88 1.32 -5.19
C ASP B 65 -5.90 -0.17 -5.53
N GLN B 66 -6.71 -0.95 -4.79
CA GLN B 66 -6.80 -2.43 -4.90
C GLN B 66 -7.55 -2.84 -6.17
N LEU B 67 -8.13 -1.90 -6.91
CA LEU B 67 -8.84 -2.19 -8.19
C LEU B 67 -7.83 -2.23 -9.36
N THR B 68 -6.80 -1.39 -9.32
CA THR B 68 -5.84 -1.17 -10.45
C THR B 68 -4.40 -1.53 -10.06
N GLY B 69 -4.07 -1.51 -8.77
CA GLY B 69 -2.69 -1.68 -8.26
C GLY B 69 -1.91 -0.38 -8.25
N ARG B 70 -2.50 0.71 -8.76
CA ARG B 70 -1.84 2.02 -8.94
C ARG B 70 -1.79 2.79 -7.62
N LEU B 71 -0.86 3.74 -7.52
CA LEU B 71 -0.66 4.59 -6.32
C LEU B 71 -1.72 5.69 -6.28
N MET B 72 -2.29 5.93 -5.10
CA MET B 72 -3.18 7.09 -4.81
C MET B 72 -2.58 7.87 -3.64
N GLY B 73 -3.13 9.05 -3.35
CA GLY B 73 -2.74 9.87 -2.20
C GLY B 73 -3.93 10.46 -1.50
N ILE B 74 -3.87 10.61 -0.17
CA ILE B 74 -4.81 11.47 0.60
C ILE B 74 -4.32 12.90 0.38
N ARG B 75 -5.16 13.76 -0.20
CA ARG B 75 -4.78 15.15 -0.52
C ARG B 75 -4.27 15.87 0.73
N ALA B 76 -3.15 16.59 0.59
CA ALA B 76 -2.59 17.51 1.62
C ALA B 76 -2.93 18.96 1.26
N ASP B 77 -3.52 19.18 0.07
CA ASP B 77 -3.83 20.53 -0.49
C ASP B 77 -4.86 20.37 -1.60
N ILE B 78 -5.86 21.25 -1.65
CA ILE B 78 -7.02 21.16 -2.58
C ILE B 78 -6.69 21.94 -3.87
N THR B 79 -5.86 22.98 -3.79
CA THR B 79 -5.54 23.91 -4.91
C THR B 79 -5.20 23.11 -6.17
N PRO B 80 -4.27 22.12 -6.13
CA PRO B 80 -4.01 21.26 -7.28
C PRO B 80 -5.25 20.56 -7.87
N GLN B 81 -6.25 20.24 -7.04
CA GLN B 81 -7.52 19.62 -7.50
C GLN B 81 -8.35 20.68 -8.23
N ILE B 82 -8.37 21.92 -7.75
CA ILE B 82 -9.09 23.05 -8.42
C ILE B 82 -8.46 23.24 -9.81
N LEU B 83 -7.14 23.13 -9.90
CA LEU B 83 -6.35 23.23 -11.16
C LEU B 83 -6.84 22.17 -12.15
N ARG B 84 -6.91 20.91 -11.73
CA ARG B 84 -7.43 19.78 -12.55
C ARG B 84 -8.86 20.11 -13.02
N ILE B 85 -9.74 20.51 -12.10
CA ILE B 85 -11.16 20.83 -12.36
C ILE B 85 -11.23 22.00 -13.36
N ASP B 86 -10.45 23.05 -13.12
CA ASP B 86 -10.41 24.26 -13.99
C ASP B 86 -9.98 23.87 -15.41
N ALA B 87 -8.98 23.02 -15.52
CA ALA B 87 -8.43 22.54 -16.81
C ALA B 87 -9.55 21.93 -17.66
N HIS B 88 -10.51 21.23 -17.05
CA HIS B 88 -11.59 20.50 -17.77
C HIS B 88 -12.80 21.41 -18.00
N HIS B 89 -13.20 22.21 -17.00
CA HIS B 89 -14.50 22.94 -16.96
C HIS B 89 -14.33 24.44 -17.21
N GLY B 90 -13.16 25.00 -16.88
CA GLY B 90 -12.93 26.45 -16.74
C GLY B 90 -12.96 27.21 -18.06
N GLY B 91 -12.47 26.61 -19.15
CA GLY B 91 -12.30 27.30 -20.44
C GLY B 91 -11.17 28.31 -20.40
N ASP B 92 -11.16 29.25 -21.35
CA ASP B 92 -10.08 30.25 -21.54
C ASP B 92 -10.40 31.54 -20.77
N GLY B 93 -11.69 31.80 -20.49
CA GLY B 93 -12.16 33.01 -19.79
C GLY B 93 -11.82 32.96 -18.31
N ILE B 94 -12.26 33.96 -17.55
CA ILE B 94 -12.10 34.03 -16.07
C ILE B 94 -13.03 32.98 -15.46
N ALA B 95 -12.56 32.27 -14.44
CA ALA B 95 -13.31 31.27 -13.66
C ALA B 95 -12.97 31.40 -12.18
N ARG B 96 -13.97 31.36 -11.32
CA ARG B 96 -13.83 31.46 -9.83
C ARG B 96 -14.28 30.15 -9.21
N TYR B 97 -13.57 29.69 -8.18
CA TYR B 97 -13.85 28.44 -7.43
C TYR B 97 -13.65 28.70 -5.94
N CYS B 98 -14.49 28.08 -5.12
CA CYS B 98 -14.31 27.99 -3.66
C CYS B 98 -14.46 26.52 -3.25
N TYR B 99 -13.95 26.18 -2.07
CA TYR B 99 -13.89 24.79 -1.58
C TYR B 99 -13.73 24.84 -0.06
N ALA B 100 -14.27 23.82 0.60
CA ALA B 100 -14.02 23.49 2.01
C ALA B 100 -13.97 21.97 2.11
N GLY B 101 -12.88 21.44 2.67
CA GLY B 101 -12.63 20.00 2.77
C GLY B 101 -11.52 19.71 3.75
N ASP B 102 -11.54 18.51 4.33
CA ASP B 102 -10.43 17.99 5.16
C ASP B 102 -9.25 17.67 4.23
N VAL B 103 -8.04 17.99 4.66
CA VAL B 103 -6.77 17.55 4.03
C VAL B 103 -5.91 16.95 5.14
N ILE B 104 -5.03 16.02 4.81
CA ILE B 104 -4.15 15.30 5.77
C ILE B 104 -2.70 15.62 5.40
N HIS B 105 -1.87 15.97 6.38
CA HIS B 105 -0.41 16.12 6.23
C HIS B 105 0.29 14.97 6.97
N THR B 106 1.38 14.45 6.40
CA THR B 106 2.19 13.37 7.01
C THR B 106 2.86 13.91 8.27
N LEU B 107 3.35 15.15 8.21
CA LEU B 107 4.05 15.83 9.34
C LEU B 107 3.35 17.14 9.67
N PRO B 108 3.41 17.61 10.94
CA PRO B 108 2.86 18.92 11.31
C PRO B 108 3.76 20.03 10.78
N SER B 109 3.19 21.19 10.43
CA SER B 109 3.90 22.31 9.76
C SER B 109 4.70 23.13 10.78
N GLY B 110 4.09 23.44 11.94
CA GLY B 110 4.74 24.18 13.03
C GLY B 110 4.66 23.42 14.36
N LEU B 111 5.42 23.87 15.37
CA LEU B 111 5.41 23.32 16.75
C LEU B 111 3.97 23.00 17.16
N PHE B 112 3.63 21.70 17.28
CA PHE B 112 2.31 21.19 17.73
C PHE B 112 1.19 21.63 16.78
N GLY B 113 1.51 21.82 15.51
CA GLY B 113 0.54 22.12 14.45
C GLY B 113 -0.39 20.95 14.19
N SER B 114 -1.55 21.21 13.60
CA SER B 114 -2.53 20.19 13.15
C SER B 114 -1.99 19.49 11.89
N ARG B 115 -2.32 18.21 11.73
CA ARG B 115 -2.06 17.41 10.51
C ARG B 115 -3.38 17.19 9.77
N THR B 116 -4.49 17.71 10.30
CA THR B 116 -5.86 17.51 9.78
C THR B 116 -6.60 18.85 9.76
N PRO B 117 -6.10 19.85 9.00
CA PRO B 117 -6.78 21.13 8.88
C PRO B 117 -8.05 20.95 8.02
N LEU B 118 -9.07 21.74 8.32
CA LEU B 118 -10.26 21.91 7.45
C LEU B 118 -9.96 23.08 6.50
N GLN B 119 -9.38 22.76 5.34
CA GLN B 119 -8.89 23.75 4.35
C GLN B 119 -10.10 24.36 3.64
N LEU B 120 -10.25 25.68 3.74
CA LEU B 120 -11.30 26.47 3.05
C LEU B 120 -10.61 27.59 2.26
N GLY B 121 -11.03 27.84 1.02
CA GLY B 121 -10.31 28.75 0.12
C GLY B 121 -11.09 29.14 -1.12
N ALA B 122 -10.52 30.08 -1.88
CA ALA B 122 -11.00 30.58 -3.18
C ALA B 122 -9.83 30.69 -4.17
N GLU B 123 -10.10 30.47 -5.45
CA GLU B 123 -9.14 30.63 -6.57
C GLU B 123 -9.82 31.44 -7.67
N ILE B 124 -9.12 32.41 -8.26
CA ILE B 124 -9.49 33.06 -9.55
C ILE B 124 -8.49 32.58 -10.59
N PHE B 125 -9.00 31.97 -11.67
CA PHE B 125 -8.23 31.54 -12.87
C PHE B 125 -8.58 32.49 -14.02
N GLY B 126 -7.57 32.87 -14.83
CA GLY B 126 -7.77 33.45 -16.17
C GLY B 126 -7.71 34.97 -16.20
N CYS B 127 -7.20 35.62 -15.15
CA CYS B 127 -7.03 37.10 -15.08
C CYS B 127 -5.60 37.46 -14.65
N GLU B 128 -4.89 38.25 -15.46
CA GLU B 128 -3.48 38.70 -15.20
C GLU B 128 -3.49 39.88 -14.23
N SER B 129 -4.50 40.76 -14.33
CA SER B 129 -4.62 42.03 -13.57
C SER B 129 -4.45 41.77 -12.07
N ILE B 130 -3.76 42.69 -11.37
CA ILE B 130 -3.71 42.76 -9.88
C ILE B 130 -5.13 42.93 -9.32
N ALA B 131 -6.10 43.29 -10.17
CA ALA B 131 -7.54 43.44 -9.82
C ALA B 131 -8.08 42.13 -9.23
N ALA B 132 -7.69 40.98 -9.76
CA ALA B 132 -8.10 39.64 -9.28
C ALA B 132 -7.55 39.41 -7.86
N ASP B 133 -6.29 39.78 -7.63
CA ASP B 133 -5.64 39.70 -6.31
C ASP B 133 -6.37 40.63 -5.32
N ILE B 134 -6.93 41.75 -5.80
CA ILE B 134 -7.66 42.75 -4.96
C ILE B 134 -9.07 42.22 -4.64
N GLU B 135 -9.71 41.53 -5.57
CA GLU B 135 -11.04 40.91 -5.36
C GLU B 135 -10.96 39.85 -4.25
N LEU B 136 -9.93 39.01 -4.29
CA LEU B 136 -9.70 37.94 -3.28
C LEU B 136 -9.52 38.55 -1.89
N ILE B 137 -8.75 39.63 -1.78
CA ILE B 137 -8.57 40.36 -0.49
C ILE B 137 -9.94 40.85 -0.02
N ASP B 138 -10.75 41.38 -0.93
CA ASP B 138 -12.12 41.90 -0.64
C ASP B 138 -12.98 40.75 -0.09
N VAL B 139 -12.95 39.61 -0.75
CA VAL B 139 -13.73 38.41 -0.37
C VAL B 139 -13.27 37.92 1.00
N LEU B 140 -11.95 37.78 1.18
CA LEU B 140 -11.32 37.30 2.43
C LEU B 140 -11.75 38.19 3.59
N PHE B 141 -11.63 39.51 3.45
CA PHE B 141 -11.87 40.48 4.54
C PHE B 141 -13.36 40.62 4.81
N SER B 142 -14.19 40.45 3.77
CA SER B 142 -15.66 40.28 3.89
C SER B 142 -15.95 39.12 4.85
N MET B 143 -15.27 37.98 4.67
CA MET B 143 -15.40 36.76 5.50
C MET B 143 -14.90 37.01 6.92
N ILE B 144 -13.65 37.48 7.08
CA ILE B 144 -13.01 37.76 8.41
C ILE B 144 -13.90 38.71 9.20
N ASN B 145 -14.41 39.77 8.57
CA ASN B 145 -15.22 40.81 9.26
C ASN B 145 -16.53 40.21 9.76
N SER B 146 -17.14 39.31 8.98
CA SER B 146 -18.44 38.66 9.32
C SER B 146 -18.32 37.79 10.59
N LEU B 147 -17.11 37.37 10.95
CA LEU B 147 -16.85 36.47 12.12
C LEU B 147 -16.89 37.25 13.44
N ASP B 148 -16.87 38.58 13.39
CA ASP B 148 -16.91 39.43 14.62
C ASP B 148 -15.89 38.90 15.64
N MET B 149 -14.63 38.71 15.21
CA MET B 149 -13.52 38.23 16.08
C MET B 149 -12.96 39.38 16.94
N SER B 150 -12.49 39.04 18.13
CA SER B 150 -11.75 39.94 19.05
C SER B 150 -10.32 40.09 18.54
N ALA B 151 -9.66 38.98 18.20
CA ALA B 151 -8.29 38.92 17.63
C ALA B 151 -8.27 39.74 16.33
N VAL B 152 -7.08 40.19 15.93
CA VAL B 152 -6.86 41.01 14.70
C VAL B 152 -5.91 40.26 13.76
N LEU B 153 -6.21 40.31 12.47
CA LEU B 153 -5.41 39.66 11.40
C LEU B 153 -4.34 40.64 10.92
N HIS B 154 -3.05 40.34 11.16
CA HIS B 154 -1.90 41.04 10.54
C HIS B 154 -1.60 40.38 9.19
N VAL B 155 -1.55 41.16 8.11
CA VAL B 155 -1.24 40.66 6.73
C VAL B 155 0.22 40.98 6.43
N ASP B 156 0.96 39.97 5.95
CA ASP B 156 2.35 40.10 5.44
C ASP B 156 2.32 39.90 3.92
N LEU B 157 2.70 40.95 3.17
CA LEU B 157 2.80 40.92 1.68
C LEU B 157 4.26 40.62 1.28
N GLY B 158 4.44 39.69 0.34
CA GLY B 158 5.71 39.43 -0.35
C GLY B 158 5.49 39.41 -1.85
N HIS B 159 6.57 39.27 -2.62
CA HIS B 159 6.56 39.20 -4.10
C HIS B 159 7.85 38.50 -4.57
N VAL B 160 7.72 37.24 -5.02
CA VAL B 160 8.87 36.38 -5.38
C VAL B 160 9.47 36.86 -6.70
N THR B 161 8.68 37.52 -7.56
CA THR B 161 9.13 38.09 -8.86
C THR B 161 10.36 38.97 -8.65
N ILE B 162 10.37 39.80 -7.60
CA ILE B 162 11.44 40.81 -7.33
C ILE B 162 12.80 40.10 -7.23
N PHE B 163 12.94 39.15 -6.31
CA PHE B 163 14.21 38.41 -6.07
C PHE B 163 14.58 37.59 -7.32
N LYS B 164 13.59 36.99 -7.99
CA LYS B 164 13.81 36.10 -9.17
C LYS B 164 14.35 36.91 -10.36
N ARG B 165 13.88 38.15 -10.53
CA ARG B 165 14.37 39.07 -11.59
C ARG B 165 15.80 39.50 -11.27
N LEU B 166 16.07 39.82 -9.99
CA LEU B 166 17.43 40.20 -9.53
C LEU B 166 18.40 39.03 -9.74
N ALA B 167 17.96 37.79 -9.46
CA ALA B 167 18.75 36.56 -9.65
C ALA B 167 19.11 36.38 -11.13
N GLU B 168 18.16 36.62 -12.03
CA GLU B 168 18.34 36.50 -13.50
C GLU B 168 19.26 37.62 -14.03
N LEU B 169 18.98 38.87 -13.66
CA LEU B 169 19.73 40.08 -14.14
C LEU B 169 21.18 40.04 -13.66
N ALA B 170 21.41 39.63 -12.40
CA ALA B 170 22.75 39.51 -11.78
C ALA B 170 23.38 38.17 -12.14
N ALA B 171 22.67 37.30 -12.86
CA ALA B 171 23.15 36.01 -13.38
C ALA B 171 23.78 35.19 -12.24
N LEU B 172 23.05 35.04 -11.13
CA LEU B 172 23.51 34.29 -9.93
C LEU B 172 23.64 32.80 -10.28
N SER B 173 24.60 32.11 -9.67
CA SER B 173 24.77 30.63 -9.74
C SER B 173 23.61 29.96 -8.99
N ALA B 174 23.48 28.63 -9.15
CA ALA B 174 22.47 27.79 -8.46
C ALA B 174 22.70 27.85 -6.93
N SER B 175 23.96 27.81 -6.51
CA SER B 175 24.39 27.72 -5.09
C SER B 175 24.31 29.09 -4.40
N ASP B 176 24.69 30.16 -5.11
CA ASP B 176 24.65 31.57 -4.60
C ASP B 176 23.20 31.94 -4.24
N THR B 177 22.23 31.56 -5.07
CA THR B 177 20.77 31.72 -4.82
C THR B 177 20.42 31.04 -3.48
N GLU B 178 20.88 29.81 -3.27
CA GLU B 178 20.60 29.00 -2.05
C GLU B 178 21.14 29.73 -0.82
N GLN B 179 22.37 30.27 -0.89
CA GLN B 179 23.05 30.93 0.25
C GLN B 179 22.30 32.23 0.61
N LEU B 180 21.77 32.96 -0.37
CA LEU B 180 21.03 34.24 -0.16
C LEU B 180 19.65 33.94 0.44
N MET B 181 18.98 32.89 -0.04
CA MET B 181 17.64 32.48 0.46
C MET B 181 17.74 32.01 1.91
N GLN B 182 18.83 31.32 2.26
CA GLN B 182 19.12 30.86 3.64
C GLN B 182 19.36 32.06 4.55
N LEU B 183 20.18 33.02 4.10
CA LEU B 183 20.56 34.23 4.88
C LEU B 183 19.33 35.13 5.06
N TYR B 184 18.51 35.30 4.04
CA TYR B 184 17.23 36.06 4.10
C TYR B 184 16.32 35.45 5.17
N ALA B 185 16.18 34.12 5.15
CA ALA B 185 15.22 33.35 5.99
C ALA B 185 15.60 33.45 7.48
N ASN B 186 16.89 33.69 7.79
CA ASN B 186 17.42 33.82 9.17
C ASN B 186 17.81 35.28 9.44
N LYS B 187 17.40 36.20 8.55
CA LYS B 187 17.65 37.67 8.66
C LYS B 187 19.09 37.91 9.16
N ASN B 188 20.08 37.19 8.63
CA ASN B 188 21.51 37.40 8.97
C ASN B 188 22.03 38.58 8.14
N LEU B 189 21.84 39.81 8.65
CA LEU B 189 22.22 41.07 7.93
C LEU B 189 23.74 41.20 7.82
N PRO B 190 24.53 40.92 8.89
CA PRO B 190 25.99 40.97 8.81
C PRO B 190 26.61 40.06 7.74
N GLU B 191 26.30 38.77 7.78
CA GLU B 191 26.90 37.73 6.89
C GLU B 191 26.34 37.91 5.46
N LEU B 192 25.18 38.54 5.32
CA LEU B 192 24.58 38.93 4.00
C LEU B 192 25.41 40.07 3.39
N LYS B 193 25.76 41.08 4.19
CA LYS B 193 26.53 42.28 3.75
C LYS B 193 27.89 41.81 3.19
N GLN B 194 28.49 40.79 3.80
CA GLN B 194 29.80 40.19 3.39
C GLN B 194 29.65 39.49 2.05
N VAL B 195 28.67 38.58 1.94
CA VAL B 195 28.38 37.78 0.71
C VAL B 195 28.04 38.74 -0.44
N CYS B 196 27.29 39.81 -0.17
CA CYS B 196 26.72 40.75 -1.17
C CYS B 196 27.81 41.66 -1.76
N GLN B 197 28.92 41.88 -1.07
CA GLN B 197 30.02 42.78 -1.52
C GLN B 197 30.80 42.14 -2.68
N VAL B 198 30.65 40.82 -2.88
CA VAL B 198 31.40 40.04 -3.92
C VAL B 198 30.44 39.59 -5.05
N LEU B 199 29.13 39.70 -4.85
CA LEU B 199 28.11 39.30 -5.87
C LEU B 199 27.85 40.46 -6.82
N PRO B 200 27.59 40.18 -8.12
CA PRO B 200 27.12 41.22 -9.04
C PRO B 200 25.72 41.72 -8.65
N MET B 201 25.51 43.04 -8.67
CA MET B 201 24.30 43.74 -8.15
C MET B 201 24.08 43.36 -6.68
N GLY B 202 25.15 43.00 -5.98
CA GLY B 202 25.10 42.50 -4.59
C GLY B 202 24.41 43.48 -3.67
N SER B 203 24.60 44.78 -3.90
CA SER B 203 23.97 45.90 -3.13
C SER B 203 22.44 45.81 -3.21
N ASP B 204 21.89 45.39 -4.35
CA ASP B 204 20.43 45.23 -4.58
C ASP B 204 19.87 44.12 -3.66
N PHE B 205 20.61 43.02 -3.51
CA PHE B 205 20.21 41.87 -2.67
C PHE B 205 20.24 42.25 -1.19
N TYR B 206 21.20 43.10 -0.80
CA TYR B 206 21.31 43.65 0.57
C TYR B 206 20.16 44.65 0.81
N THR B 207 19.82 45.45 -0.20
CA THR B 207 18.73 46.47 -0.16
C THR B 207 17.39 45.77 0.16
N LEU B 208 17.11 44.62 -0.47
CA LEU B 208 15.88 43.82 -0.24
C LEU B 208 15.73 43.52 1.26
N ALA B 209 16.80 43.09 1.93
CA ALA B 209 16.80 42.63 3.34
C ALA B 209 16.72 43.82 4.28
N ARG B 210 17.42 44.92 3.99
CA ARG B 210 17.54 46.11 4.87
C ARG B 210 16.31 47.03 4.69
N PHE B 211 15.86 47.25 3.46
CA PHE B 211 14.88 48.30 3.09
C PHE B 211 13.69 47.73 2.30
N GLY B 212 13.45 46.42 2.33
CA GLY B 212 12.32 45.78 1.65
C GLY B 212 10.97 46.20 2.24
N HIS B 213 10.90 46.36 3.56
CA HIS B 213 9.71 46.79 4.34
C HIS B 213 9.17 48.14 3.84
N ASP B 214 10.04 49.07 3.45
CA ASP B 214 9.67 50.44 3.01
C ASP B 214 9.40 50.44 1.50
N ILE B 215 8.29 49.86 1.08
CA ILE B 215 7.97 49.57 -0.35
C ILE B 215 7.75 50.88 -1.13
N ALA B 216 7.35 51.96 -0.46
CA ALA B 216 7.11 53.29 -1.05
C ALA B 216 8.41 53.82 -1.68
N ASN B 217 9.57 53.52 -1.08
CA ASN B 217 10.90 54.07 -1.47
C ASN B 217 11.82 52.98 -2.02
N LEU B 218 11.39 51.71 -2.07
CA LEU B 218 12.27 50.55 -2.42
C LEU B 218 12.82 50.72 -3.84
N LEU B 219 11.96 51.07 -4.80
CA LEU B 219 12.34 51.20 -6.24
C LEU B 219 13.48 52.20 -6.40
N GLY B 220 13.37 53.37 -5.76
CA GLY B 220 14.36 54.47 -5.82
C GLY B 220 15.67 54.13 -5.14
N ARG B 221 15.78 52.96 -4.49
CA ARG B 221 17.00 52.48 -3.79
C ARG B 221 17.74 51.41 -4.60
N LEU B 222 17.12 50.88 -5.66
CA LEU B 222 17.69 49.75 -6.45
C LEU B 222 18.60 50.30 -7.55
N SER B 223 19.53 49.47 -8.05
CA SER B 223 20.47 49.77 -9.17
C SER B 223 19.67 50.14 -10.41
N GLU B 224 20.29 50.85 -11.37
CA GLU B 224 19.63 51.40 -12.59
C GLU B 224 19.03 50.27 -13.43
N ASN B 225 19.80 49.17 -13.60
CA ASN B 225 19.36 47.99 -14.38
C ASN B 225 18.11 47.39 -13.72
N ALA B 226 18.12 47.28 -12.38
CA ALA B 226 16.98 46.76 -11.58
C ALA B 226 15.79 47.71 -11.66
N GLN B 227 16.02 49.01 -11.42
CA GLN B 227 15.02 50.10 -11.35
C GLN B 227 14.26 50.19 -12.68
N GLN B 228 14.91 49.83 -13.80
CA GLN B 228 14.29 49.91 -15.15
C GLN B 228 13.56 48.61 -15.47
N ASP B 229 13.97 47.47 -14.89
CA ASP B 229 13.39 46.12 -15.18
C ASP B 229 11.87 46.21 -14.98
N THR B 230 11.08 45.95 -16.03
CA THR B 230 9.60 46.10 -16.07
C THR B 230 8.95 45.18 -15.02
N LYS B 231 9.42 43.92 -14.93
CA LYS B 231 8.83 42.88 -14.05
C LYS B 231 9.07 43.26 -12.58
N ILE B 232 10.18 43.93 -12.27
CA ILE B 232 10.48 44.41 -10.88
C ILE B 232 9.59 45.63 -10.57
N VAL B 233 9.45 46.56 -11.50
CA VAL B 233 8.65 47.83 -11.33
C VAL B 233 7.17 47.45 -11.15
N THR B 234 6.66 46.51 -11.95
CA THR B 234 5.28 45.96 -11.85
C THR B 234 5.11 45.36 -10.45
N ALA B 235 6.01 44.46 -10.07
CA ALA B 235 6.01 43.73 -8.77
C ALA B 235 5.88 44.72 -7.61
N ILE B 236 6.75 45.73 -7.57
CA ILE B 236 6.78 46.75 -6.47
C ILE B 236 5.51 47.61 -6.54
N ASP B 237 4.95 47.81 -7.72
CA ASP B 237 3.69 48.59 -7.92
C ASP B 237 2.49 47.77 -7.42
N GLU B 238 2.50 46.44 -7.64
CA GLU B 238 1.43 45.51 -7.18
C GLU B 238 1.39 45.52 -5.65
N LEU B 239 2.55 45.49 -4.99
CA LEU B 239 2.66 45.53 -3.50
C LEU B 239 2.06 46.83 -2.97
N GLN B 240 2.37 47.97 -3.61
CA GLN B 240 1.89 49.32 -3.20
C GLN B 240 0.37 49.37 -3.33
N ARG B 241 -0.18 48.84 -4.43
CA ARG B 241 -1.64 48.83 -4.72
C ARG B 241 -2.37 48.02 -3.66
N LEU B 242 -1.89 46.81 -3.36
CA LEU B 242 -2.49 45.91 -2.34
C LEU B 242 -2.33 46.53 -0.95
N LYS B 243 -1.14 47.02 -0.61
CA LYS B 243 -0.86 47.64 0.72
C LYS B 243 -1.87 48.76 0.96
N ALA B 244 -2.06 49.63 -0.02
CA ALA B 244 -2.96 50.81 0.03
C ALA B 244 -4.41 50.33 0.20
N HIS B 245 -4.84 49.42 -0.66
CA HIS B 245 -6.21 48.86 -0.70
C HIS B 245 -6.56 48.25 0.66
N LEU B 246 -5.62 47.52 1.28
CA LEU B 246 -5.82 46.81 2.57
C LEU B 246 -5.99 47.82 3.70
N GLN B 247 -5.21 48.91 3.72
CA GLN B 247 -5.24 49.94 4.78
C GLN B 247 -6.50 50.79 4.62
N VAL B 248 -6.76 51.28 3.41
CA VAL B 248 -7.85 52.25 3.10
C VAL B 248 -9.20 51.53 3.21
N GLN B 249 -9.42 50.48 2.41
CA GLN B 249 -10.72 49.78 2.29
C GLN B 249 -11.04 49.00 3.57
N TRP B 250 -10.04 48.36 4.19
CA TRP B 250 -10.24 47.28 5.19
C TRP B 250 -9.59 47.58 6.55
N GLN B 251 -8.93 48.73 6.72
CA GLN B 251 -8.28 49.09 8.00
C GLN B 251 -7.44 47.89 8.48
N CYS B 252 -6.53 47.42 7.62
CA CYS B 252 -5.60 46.30 7.91
C CYS B 252 -4.16 46.82 8.03
N ALA B 253 -3.49 46.52 9.14
CA ALA B 253 -2.04 46.77 9.33
C ALA B 253 -1.26 45.83 8.42
N VAL B 254 -0.58 46.38 7.40
CA VAL B 254 0.23 45.58 6.42
C VAL B 254 1.71 45.79 6.73
N SER B 255 2.49 44.71 6.70
CA SER B 255 3.97 44.71 6.67
C SER B 255 4.42 44.05 5.37
N ILE B 256 5.45 44.61 4.72
CA ILE B 256 6.03 44.07 3.46
C ILE B 256 7.31 43.30 3.82
N ASP B 257 7.51 42.15 3.18
CA ASP B 257 8.76 41.34 3.25
C ASP B 257 8.99 40.68 1.89
N VAL B 258 9.88 41.27 1.09
CA VAL B 258 10.18 40.85 -0.32
C VAL B 258 11.21 39.72 -0.30
N THR B 259 11.65 39.30 0.90
CA THR B 259 12.60 38.18 1.15
C THR B 259 11.85 36.96 1.69
N GLU B 260 10.52 37.02 1.78
CA GLU B 260 9.63 35.89 2.17
C GLU B 260 9.54 34.93 0.98
N LEU B 261 10.00 33.68 1.15
CA LEU B 261 9.78 32.57 0.18
C LEU B 261 9.16 31.36 0.88
N SER B 262 8.38 31.62 1.94
CA SER B 262 7.72 30.62 2.81
C SER B 262 6.25 30.45 2.38
N GLY B 263 5.80 29.19 2.26
CA GLY B 263 4.55 28.79 1.58
C GLY B 263 4.84 27.75 0.51
N TYR B 264 3.81 27.20 -0.16
CA TYR B 264 4.01 26.17 -1.22
C TYR B 264 4.77 26.82 -2.38
N HIS B 265 5.83 26.14 -2.86
CA HIS B 265 6.84 26.68 -3.82
C HIS B 265 6.25 26.75 -5.24
N TYR B 266 4.93 26.54 -5.40
CA TYR B 266 4.22 26.75 -6.69
C TYR B 266 3.87 28.22 -6.87
N HIS B 267 4.15 29.08 -5.88
CA HIS B 267 3.91 30.55 -5.93
C HIS B 267 4.84 31.23 -6.95
N THR B 268 4.30 32.14 -7.79
CA THR B 268 4.98 32.71 -8.99
C THR B 268 4.90 34.24 -9.03
N GLY B 269 4.46 34.91 -7.96
CA GLY B 269 4.28 36.39 -7.96
C GLY B 269 3.98 36.92 -6.57
N ILE B 270 2.92 37.72 -6.45
CA ILE B 270 2.46 38.28 -5.14
C ILE B 270 2.13 37.12 -4.20
N VAL B 271 2.49 37.27 -2.91
CA VAL B 271 2.13 36.29 -1.84
C VAL B 271 1.59 37.08 -0.63
N PHE B 272 0.52 36.55 -0.01
CA PHE B 272 -0.07 37.11 1.22
C PHE B 272 -0.11 36.03 2.30
N ASN B 273 0.22 36.43 3.53
CA ASN B 273 0.14 35.59 4.75
C ASN B 273 -0.62 36.38 5.83
N GLY B 274 -1.78 35.87 6.26
CA GLY B 274 -2.56 36.43 7.37
C GLY B 274 -2.23 35.73 8.67
N TYR B 275 -1.68 36.48 9.63
CA TYR B 275 -1.38 36.00 11.01
C TYR B 275 -2.46 36.54 11.95
N ILE B 276 -2.97 35.68 12.82
CA ILE B 276 -3.99 36.01 13.86
C ILE B 276 -3.25 36.25 15.17
N ASN B 277 -3.43 37.42 15.80
CA ASN B 277 -2.68 37.86 17.00
C ASN B 277 -1.18 37.62 16.77
N SER B 278 -0.48 36.94 17.70
CA SER B 278 0.99 36.69 17.65
C SER B 278 1.26 35.19 17.41
N GLU B 279 0.40 34.51 16.67
CA GLU B 279 0.53 33.06 16.37
C GLU B 279 1.53 32.86 15.23
N THR B 280 2.45 31.90 15.40
CA THR B 280 3.61 31.67 14.50
C THR B 280 3.13 31.18 13.14
N GLN B 281 2.20 30.22 13.11
CA GLN B 281 1.63 29.68 11.85
C GLN B 281 0.55 30.62 11.36
N PRO B 282 0.63 31.11 10.10
CA PRO B 282 -0.41 31.96 9.53
C PRO B 282 -1.74 31.20 9.41
N LEU B 283 -2.85 31.92 9.63
CA LEU B 283 -4.24 31.45 9.42
C LEU B 283 -4.49 31.33 7.92
N VAL B 284 -4.14 32.38 7.16
CA VAL B 284 -4.42 32.48 5.70
C VAL B 284 -3.10 32.50 4.94
N ARG B 285 -3.02 31.71 3.87
CA ARG B 285 -1.89 31.69 2.89
C ARG B 285 -2.49 31.87 1.50
N GLY B 286 -1.92 32.78 0.70
CA GLY B 286 -2.40 33.01 -0.68
C GLY B 286 -1.32 33.60 -1.56
N GLY B 287 -1.56 33.61 -2.87
CA GLY B 287 -0.68 34.23 -3.87
C GLY B 287 -0.94 33.69 -5.26
N ARG B 288 -0.13 34.14 -6.22
CA ARG B 288 -0.23 33.76 -7.65
C ARG B 288 0.39 32.37 -7.86
N PHE B 289 -0.12 31.61 -8.83
CA PHE B 289 0.42 30.31 -9.30
C PHE B 289 0.05 30.14 -10.78
N ASP B 290 0.47 29.05 -11.45
CA ASP B 290 0.11 28.79 -12.88
C ASP B 290 -0.62 27.44 -13.09
N GLY B 291 -1.85 27.49 -13.63
CA GLY B 291 -2.52 26.33 -14.27
C GLY B 291 -1.77 25.83 -15.49
N PRO B 302 -0.41 28.76 -21.18
CA PRO B 302 -0.34 28.88 -19.71
C PRO B 302 -1.56 29.64 -19.16
N ARG B 303 -2.01 29.27 -17.95
CA ARG B 303 -3.24 29.83 -17.31
C ARG B 303 -2.88 30.61 -16.04
N GLN B 304 -3.32 31.87 -15.97
CA GLN B 304 -3.15 32.74 -14.79
C GLN B 304 -4.01 32.19 -13.65
N ALA B 305 -3.51 32.25 -12.42
CA ALA B 305 -4.19 31.75 -11.22
C ALA B 305 -3.70 32.50 -9.98
N THR B 306 -4.63 32.85 -9.09
CA THR B 306 -4.35 33.40 -7.74
C THR B 306 -5.47 32.93 -6.81
N GLY B 307 -5.17 32.76 -5.53
CA GLY B 307 -6.11 32.25 -4.53
C GLY B 307 -5.55 32.31 -3.13
N PHE B 308 -6.36 31.90 -2.14
CA PHE B 308 -5.96 31.76 -0.73
C PHE B 308 -6.64 30.52 -0.13
N SER B 309 -6.07 30.02 0.95
CA SER B 309 -6.63 28.93 1.78
C SER B 309 -6.47 29.31 3.26
N MET B 310 -7.37 28.80 4.11
CA MET B 310 -7.24 28.94 5.58
C MET B 310 -7.71 27.64 6.25
N ASP B 311 -7.15 27.35 7.42
CA ASP B 311 -7.62 26.25 8.30
C ASP B 311 -8.77 26.78 9.16
N VAL B 312 -10.01 26.39 8.84
CA VAL B 312 -11.25 26.84 9.55
C VAL B 312 -11.08 26.56 11.05
N SER B 313 -10.41 25.46 11.40
CA SER B 313 -10.22 24.98 12.80
C SER B 313 -9.41 25.98 13.62
N ARG B 314 -8.57 26.79 12.97
CA ARG B 314 -7.73 27.81 13.64
C ARG B 314 -8.60 29.01 14.06
N LEU B 315 -9.79 29.19 13.46
CA LEU B 315 -10.75 30.28 13.80
C LEU B 315 -11.47 29.97 15.11
N LEU B 316 -11.62 28.68 15.47
CA LEU B 316 -12.47 28.23 16.60
C LEU B 316 -12.13 29.03 17.86
N ALA B 317 -10.84 29.13 18.22
CA ALA B 317 -10.37 29.74 19.48
C ALA B 317 -10.60 31.25 19.50
N HIS B 318 -10.98 31.86 18.37
CA HIS B 318 -11.09 33.33 18.19
C HIS B 318 -12.52 33.76 17.83
N THR B 319 -13.44 32.81 17.63
CA THR B 319 -14.87 33.08 17.33
C THR B 319 -15.70 32.63 18.54
N GLN B 320 -16.83 33.30 18.78
CA GLN B 320 -17.83 32.94 19.81
C GLN B 320 -19.20 32.86 19.14
N LEU B 321 -20.05 31.93 19.58
CA LEU B 321 -21.49 31.90 19.23
C LEU B 321 -22.28 32.28 20.48
N ASP B 322 -23.51 32.78 20.29
CA ASP B 322 -24.48 32.99 21.39
C ASP B 322 -24.60 31.67 22.15
N ALA B 323 -24.62 31.70 23.48
CA ALA B 323 -24.91 30.52 24.32
C ALA B 323 -26.13 29.82 23.72
N PRO B 324 -26.13 28.48 23.60
CA PRO B 324 -27.27 27.77 23.03
C PRO B 324 -28.36 27.59 24.09
N PHE B 325 -29.60 27.42 23.63
CA PHE B 325 -30.75 27.04 24.48
C PHE B 325 -30.94 25.52 24.39
N ILE B 326 -30.62 24.82 25.48
CA ILE B 326 -30.72 23.33 25.58
C ILE B 326 -31.92 23.01 26.50
N VAL B 327 -32.98 22.50 25.88
CA VAL B 327 -34.35 22.36 26.48
C VAL B 327 -34.63 20.87 26.70
N LEU B 328 -35.11 20.51 27.90
CA LEU B 328 -35.59 19.14 28.21
C LEU B 328 -37.08 19.20 28.52
N ILE B 329 -37.90 18.48 27.73
CA ILE B 329 -39.35 18.27 28.01
C ILE B 329 -39.46 17.39 29.26
N ASP B 330 -40.29 17.78 30.23
CA ASP B 330 -40.51 17.00 31.48
C ASP B 330 -41.11 15.64 31.09
N TYR B 331 -40.49 14.54 31.53
CA TYR B 331 -40.84 13.14 31.17
C TYR B 331 -42.26 12.82 31.65
N ASP B 332 -42.52 13.02 32.96
CA ASP B 332 -43.80 12.60 33.62
C ASP B 332 -44.98 13.34 33.01
N ALA B 333 -44.86 14.65 32.82
CA ALA B 333 -45.91 15.54 32.27
C ALA B 333 -46.30 15.08 30.85
N PHE B 334 -45.30 14.84 29.98
CA PHE B 334 -45.50 14.44 28.57
C PHE B 334 -46.29 13.13 28.49
N ASN B 335 -45.95 12.15 29.35
CA ASN B 335 -46.56 10.79 29.35
C ASN B 335 -47.99 10.85 29.89
N ASN B 336 -48.37 11.95 30.56
CA ASN B 336 -49.74 12.17 31.12
C ASN B 336 -50.66 12.77 30.04
N LEU B 337 -50.13 13.11 28.86
CA LEU B 337 -50.88 13.80 27.79
C LEU B 337 -51.68 12.79 26.96
N ASP B 338 -52.87 13.20 26.52
CA ASP B 338 -53.66 12.51 25.47
C ASP B 338 -52.99 12.76 24.12
N SER B 339 -53.43 12.08 23.06
CA SER B 339 -52.84 12.14 21.69
C SER B 339 -52.89 13.58 21.15
N ALA B 340 -54.04 14.23 21.25
CA ALA B 340 -54.28 15.61 20.74
C ALA B 340 -53.37 16.61 21.47
N GLN B 341 -53.18 16.43 22.78
CA GLN B 341 -52.28 17.26 23.64
C GLN B 341 -50.82 17.03 23.24
N ARG B 342 -50.43 15.79 22.94
CA ARG B 342 -49.06 15.43 22.47
C ARG B 342 -48.79 16.14 21.14
N GLN B 343 -49.69 16.02 20.17
CA GLN B 343 -49.62 16.68 18.83
C GLN B 343 -49.41 18.17 19.02
N LEU B 344 -50.13 18.79 19.96
CA LEU B 344 -50.11 20.25 20.25
C LEU B 344 -48.70 20.63 20.73
N LEU B 345 -48.08 19.82 21.60
CA LEU B 345 -46.71 20.06 22.13
C LEU B 345 -45.70 19.96 20.98
N LEU B 346 -45.79 18.90 20.16
CA LEU B 346 -44.81 18.61 19.08
C LEU B 346 -44.76 19.79 18.10
N GLN B 347 -45.91 20.41 17.81
CA GLN B 347 -46.01 21.63 16.97
C GLN B 347 -45.22 22.78 17.63
N GLN B 348 -45.37 22.93 18.96
CA GLN B 348 -44.68 23.98 19.76
C GLN B 348 -43.17 23.68 19.79
N VAL B 349 -42.81 22.39 19.95
CA VAL B 349 -41.40 21.91 19.96
C VAL B 349 -40.78 22.15 18.58
N ALA B 350 -41.52 21.86 17.50
CA ALA B 350 -41.09 22.06 16.09
C ALA B 350 -40.80 23.55 15.86
N SER B 351 -41.65 24.42 16.40
CA SER B 351 -41.50 25.90 16.35
C SER B 351 -40.18 26.30 17.03
N LEU B 352 -39.90 25.74 18.21
CA LEU B 352 -38.66 26.04 19.00
C LEU B 352 -37.42 25.61 18.20
N ARG B 353 -37.45 24.43 17.60
CA ARG B 353 -36.28 23.86 16.86
C ARG B 353 -35.98 24.73 15.63
N GLN B 354 -37.03 25.15 14.92
CA GLN B 354 -36.96 26.08 13.75
C GLN B 354 -36.21 27.37 14.18
N GLN B 355 -36.43 27.83 15.42
CA GLN B 355 -35.79 29.04 16.01
C GLN B 355 -34.39 28.71 16.53
N GLY B 356 -33.98 27.44 16.48
CA GLY B 356 -32.61 26.98 16.81
C GLY B 356 -32.46 26.44 18.22
N TYR B 357 -33.58 26.27 18.94
CA TYR B 357 -33.61 25.66 20.30
C TYR B 357 -33.30 24.17 20.18
N ARG B 358 -32.47 23.66 21.10
CA ARG B 358 -32.08 22.23 21.18
C ARG B 358 -33.00 21.52 22.17
N VAL B 359 -34.03 20.85 21.66
CA VAL B 359 -35.11 20.24 22.49
C VAL B 359 -34.96 18.72 22.48
N THR B 360 -34.82 18.12 23.66
CA THR B 360 -34.69 16.66 23.90
C THR B 360 -36.03 16.11 24.39
N MET B 361 -36.65 15.24 23.60
CA MET B 361 -37.81 14.39 23.99
C MET B 361 -37.29 13.21 24.79
N PRO B 362 -37.48 13.17 26.13
CA PRO B 362 -36.78 12.20 26.98
C PRO B 362 -37.29 10.76 26.87
N LEU B 363 -36.38 9.79 27.01
CA LEU B 363 -36.68 8.33 26.98
C LEU B 363 -37.00 7.81 28.39
N THR B 364 -36.46 8.47 29.43
CA THR B 364 -36.61 8.10 30.85
C THR B 364 -36.64 9.37 31.71
N ALA B 365 -37.04 9.21 32.98
CA ALA B 365 -37.11 10.27 34.01
C ALA B 365 -35.71 10.86 34.28
N GLU B 366 -34.64 10.11 33.98
CA GLU B 366 -33.24 10.49 34.30
C GLU B 366 -32.55 11.10 33.06
N ASP B 367 -33.12 10.90 31.87
CA ASP B 367 -32.59 11.39 30.57
C ASP B 367 -32.30 12.90 30.68
N MET B 368 -31.02 13.27 30.82
CA MET B 368 -30.56 14.67 31.06
C MET B 368 -29.62 15.09 29.92
N PRO B 369 -30.03 16.05 29.05
CA PRO B 369 -29.11 16.62 28.06
C PRO B 369 -27.93 17.34 28.71
N VAL B 370 -26.76 17.30 28.08
CA VAL B 370 -25.51 17.97 28.55
C VAL B 370 -25.73 19.49 28.47
N GLY B 371 -25.31 20.21 29.52
CA GLY B 371 -25.39 21.68 29.60
C GLY B 371 -26.81 22.20 29.52
N LEU B 372 -27.75 21.52 30.19
CA LEU B 372 -29.20 21.89 30.24
C LEU B 372 -29.32 23.35 30.68
N THR B 373 -30.11 24.16 29.96
CA THR B 373 -30.39 25.58 30.27
C THR B 373 -31.84 25.75 30.72
N HIS B 374 -32.79 25.05 30.10
CA HIS B 374 -34.26 25.23 30.29
C HIS B 374 -34.99 23.88 30.38
N ARG B 375 -36.10 23.86 31.12
CA ARG B 375 -37.12 22.76 31.09
C ARG B 375 -38.38 23.29 30.41
N LEU B 376 -38.97 22.50 29.52
CA LEU B 376 -40.34 22.75 28.98
C LEU B 376 -41.32 22.02 29.90
N SER B 377 -42.05 22.77 30.72
CA SER B 377 -42.88 22.26 31.85
C SER B 377 -44.34 22.67 31.64
N LEU B 378 -45.27 21.82 32.10
CA LEU B 378 -46.74 22.05 32.02
C LEU B 378 -47.23 22.68 33.32
N ALA B 379 -47.68 23.94 33.29
CA ALA B 379 -48.20 24.72 34.44
C ALA B 379 -49.50 25.42 34.02
N ASP B 380 -50.63 25.02 34.63
CA ASP B 380 -51.98 25.58 34.35
C ASP B 380 -52.32 25.37 32.87
N ASN B 381 -52.26 24.12 32.40
CA ASN B 381 -52.65 23.69 31.03
C ASN B 381 -51.92 24.56 29.98
N GLN B 382 -50.60 24.74 30.14
CA GLN B 382 -49.75 25.58 29.24
C GLN B 382 -48.30 25.12 29.34
N TRP B 383 -47.57 25.11 28.20
CA TRP B 383 -46.15 24.70 28.08
C TRP B 383 -45.26 25.94 27.93
N ARG B 384 -44.35 26.16 28.88
CA ARG B 384 -43.44 27.35 28.93
C ARG B 384 -42.01 26.90 29.27
N LEU B 385 -41.02 27.66 28.81
CA LEU B 385 -39.59 27.46 29.15
C LEU B 385 -39.34 27.97 30.58
N HIS B 386 -38.48 27.30 31.33
CA HIS B 386 -38.09 27.63 32.73
C HIS B 386 -36.59 27.41 32.92
N ALA B 387 -35.83 28.49 33.09
CA ALA B 387 -34.38 28.45 33.40
C ALA B 387 -34.18 27.66 34.69
N VAL B 388 -33.15 26.81 34.73
CA VAL B 388 -32.89 25.84 35.83
C VAL B 388 -32.18 26.55 36.99
N GLY C 1 -4.06 -25.19 -2.70
CA GLY C 1 -5.16 -24.77 -3.62
C GLY C 1 -4.64 -24.29 -4.97
N MET C 2 -5.50 -23.57 -5.71
CA MET C 2 -5.25 -23.00 -7.05
C MET C 2 -4.23 -21.85 -6.94
N LEU C 3 -3.41 -21.65 -7.97
CA LEU C 3 -2.38 -20.57 -8.02
C LEU C 3 -2.80 -19.50 -9.04
N PRO C 4 -2.27 -18.26 -8.95
CA PRO C 4 -2.60 -17.22 -9.93
C PRO C 4 -2.05 -17.58 -11.32
N ASP C 5 -2.73 -17.14 -12.38
CA ASP C 5 -2.29 -17.33 -13.78
C ASP C 5 -0.86 -16.81 -13.92
N GLY C 6 0.03 -17.61 -14.52
CA GLY C 6 1.44 -17.26 -14.76
C GLY C 6 2.31 -17.46 -13.53
N VAL C 7 1.81 -18.20 -12.54
CA VAL C 7 2.56 -18.57 -11.32
C VAL C 7 2.47 -20.09 -11.17
N ALA C 8 3.62 -20.77 -11.12
CA ALA C 8 3.71 -22.25 -11.06
C ALA C 8 4.77 -22.66 -10.03
N ASP C 9 4.50 -23.74 -9.30
CA ASP C 9 5.55 -24.48 -8.55
C ASP C 9 6.51 -25.08 -9.57
N VAL C 10 7.80 -25.02 -9.29
CA VAL C 10 8.83 -25.87 -9.95
C VAL C 10 9.20 -26.94 -8.92
N LEU C 11 8.81 -28.19 -9.18
CA LEU C 11 8.80 -29.29 -8.18
C LEU C 11 9.78 -30.39 -8.57
N PHE C 12 10.45 -30.96 -7.57
CA PHE C 12 11.11 -32.28 -7.63
C PHE C 12 12.28 -32.21 -8.63
N GLU C 13 12.25 -32.99 -9.71
CA GLU C 13 13.41 -33.08 -10.64
C GLU C 13 13.54 -31.76 -11.42
N ASP C 14 12.42 -31.09 -11.72
CA ASP C 14 12.43 -29.76 -12.38
C ASP C 14 13.14 -28.75 -11.48
N ALA C 15 12.87 -28.81 -10.17
CA ALA C 15 13.49 -27.93 -9.16
C ALA C 15 14.98 -28.21 -9.07
N HIS C 16 15.37 -29.49 -9.07
CA HIS C 16 16.79 -29.92 -9.05
C HIS C 16 17.48 -29.37 -10.30
N LYS C 17 16.87 -29.59 -11.47
CA LYS C 17 17.39 -29.13 -12.79
C LYS C 17 17.60 -27.62 -12.74
N GLN C 18 16.56 -26.86 -12.39
CA GLN C 18 16.59 -25.38 -12.29
C GLN C 18 17.76 -24.96 -11.40
N GLU C 19 17.94 -25.61 -10.25
CA GLU C 19 19.02 -25.31 -9.27
C GLU C 19 20.38 -25.57 -9.92
N VAL C 20 20.53 -26.66 -10.66
CA VAL C 20 21.81 -27.00 -11.35
C VAL C 20 22.07 -25.96 -12.44
N LEU C 21 21.08 -25.67 -13.28
CA LEU C 21 21.20 -24.66 -14.37
C LEU C 21 21.60 -23.32 -13.75
N ARG C 22 20.84 -22.81 -12.78
CA ARG C 22 21.15 -21.52 -12.11
C ARG C 22 22.64 -21.51 -11.73
N HIS C 23 23.15 -22.59 -11.16
CA HIS C 23 24.50 -22.65 -10.56
C HIS C 23 25.57 -22.80 -11.65
N GLN C 24 25.42 -23.75 -12.58
CA GLN C 24 26.37 -23.97 -13.69
C GLN C 24 26.56 -22.63 -14.43
N LEU C 25 25.45 -22.01 -14.84
CA LEU C 25 25.45 -20.79 -15.68
C LEU C 25 26.05 -19.60 -14.90
N THR C 26 25.77 -19.48 -13.61
CA THR C 26 26.33 -18.39 -12.76
C THR C 26 27.86 -18.57 -12.68
N GLN C 27 28.33 -19.81 -12.49
CA GLN C 27 29.78 -20.12 -12.37
C GLN C 27 30.46 -19.82 -13.72
N GLN C 28 29.85 -20.21 -14.83
CA GLN C 28 30.37 -19.92 -16.18
C GLN C 28 30.63 -18.41 -16.31
N LEU C 29 29.61 -17.59 -16.02
CA LEU C 29 29.69 -16.11 -16.17
C LEU C 29 30.80 -15.57 -15.26
N ILE C 30 30.94 -16.12 -14.05
CA ILE C 30 31.97 -15.67 -13.06
C ILE C 30 33.36 -15.95 -13.63
N THR C 31 33.55 -17.08 -14.32
CA THR C 31 34.85 -17.54 -14.89
C THR C 31 35.19 -16.75 -16.16
N HIS C 32 34.19 -16.09 -16.77
CA HIS C 32 34.35 -15.18 -17.94
C HIS C 32 34.62 -13.75 -17.47
N GLY C 33 34.76 -13.53 -16.16
CA GLY C 33 35.22 -12.25 -15.57
C GLY C 33 34.07 -11.35 -15.17
N TYR C 34 32.83 -11.84 -15.18
CA TYR C 34 31.62 -11.11 -14.72
C TYR C 34 31.53 -11.23 -13.20
N GLN C 35 31.37 -10.10 -12.51
CA GLN C 35 31.25 -10.04 -11.03
C GLN C 35 29.80 -10.40 -10.67
N LEU C 36 29.60 -11.45 -9.88
CA LEU C 36 28.26 -11.80 -9.37
C LEU C 36 27.81 -10.71 -8.40
N VAL C 37 26.61 -10.17 -8.61
CA VAL C 37 25.90 -9.28 -7.65
C VAL C 37 24.53 -9.89 -7.40
N SER C 38 24.06 -9.78 -6.15
CA SER C 38 22.74 -10.27 -5.71
C SER C 38 21.98 -9.12 -5.07
N PRO C 39 21.35 -8.24 -5.89
CA PRO C 39 20.59 -7.12 -5.35
C PRO C 39 19.24 -7.61 -4.82
N PRO C 40 18.59 -6.85 -3.91
CA PRO C 40 17.37 -7.31 -3.25
C PRO C 40 16.16 -7.34 -4.21
N MET C 41 15.10 -8.03 -3.80
CA MET C 41 13.81 -8.13 -4.54
C MET C 41 13.07 -6.79 -4.51
N ILE C 42 13.29 -5.99 -3.45
CA ILE C 42 12.54 -4.73 -3.21
C ILE C 42 13.54 -3.58 -3.04
N GLU C 43 13.24 -2.45 -3.69
CA GLU C 43 13.90 -1.13 -3.50
C GLU C 43 12.79 -0.06 -3.49
N PHE C 44 13.12 1.16 -3.08
CA PHE C 44 12.32 2.37 -3.32
C PHE C 44 12.18 2.57 -4.84
N THR C 45 11.03 3.05 -5.31
CA THR C 45 10.72 3.25 -6.75
C THR C 45 11.71 4.27 -7.35
N GLU C 46 12.13 5.26 -6.55
CA GLU C 46 13.13 6.30 -6.92
C GLU C 46 14.36 5.65 -7.58
N SER C 47 14.84 4.52 -7.04
CA SER C 47 16.06 3.82 -7.53
C SER C 47 15.69 2.69 -8.50
N LEU C 48 14.63 1.94 -8.20
CA LEU C 48 14.23 0.71 -8.96
C LEU C 48 13.76 1.11 -10.36
N LEU C 49 13.04 2.23 -10.49
CA LEU C 49 12.38 2.66 -11.76
C LEU C 49 13.03 3.94 -12.29
N SER C 50 14.14 4.40 -11.70
CA SER C 50 14.97 5.53 -12.20
C SER C 50 15.22 5.34 -13.69
N GLY C 51 14.67 6.24 -14.52
CA GLY C 51 14.77 6.18 -16.00
C GLY C 51 14.23 4.88 -16.56
N ALA C 52 12.93 4.63 -16.37
CA ALA C 52 12.21 3.42 -16.83
C ALA C 52 11.08 3.83 -17.78
N SER C 53 10.80 2.98 -18.77
CA SER C 53 9.63 3.10 -19.68
C SER C 53 8.34 2.92 -18.87
N GLU C 54 7.19 3.35 -19.40
CA GLU C 54 5.90 3.16 -18.71
C GLU C 54 5.60 1.65 -18.63
N ASP C 55 6.09 0.87 -19.59
CA ASP C 55 5.89 -0.60 -19.64
C ASP C 55 6.58 -1.27 -18.46
N LEU C 56 7.80 -0.86 -18.09
CA LEU C 56 8.54 -1.41 -16.93
C LEU C 56 7.87 -0.93 -15.63
N LYS C 57 7.41 0.31 -15.58
CA LYS C 57 6.68 0.87 -14.40
C LYS C 57 5.39 0.08 -14.18
N ARG C 58 4.67 -0.25 -15.25
CA ARG C 58 3.36 -0.98 -15.19
C ARG C 58 3.57 -2.45 -14.80
N GLN C 59 4.72 -3.05 -15.14
CA GLN C 59 5.04 -4.47 -14.82
C GLN C 59 5.50 -4.61 -13.36
N THR C 60 5.77 -3.50 -12.67
CA THR C 60 6.31 -3.47 -11.28
C THR C 60 5.16 -3.34 -10.27
N PHE C 61 4.90 -4.38 -9.48
CA PHE C 61 4.03 -4.35 -8.28
C PHE C 61 4.57 -3.29 -7.32
N LYS C 62 3.68 -2.49 -6.73
CA LYS C 62 4.01 -1.43 -5.73
C LYS C 62 3.59 -1.89 -4.33
N ILE C 63 4.37 -1.52 -3.31
CA ILE C 63 4.08 -1.79 -1.87
C ILE C 63 4.54 -0.57 -1.06
N ILE C 64 4.05 -0.41 0.16
CA ILE C 64 4.43 0.74 1.06
C ILE C 64 5.41 0.24 2.12
N ASP C 65 6.59 0.86 2.20
CA ASP C 65 7.56 0.68 3.32
C ASP C 65 6.97 1.28 4.60
N GLN C 66 6.65 0.43 5.57
CA GLN C 66 5.97 0.83 6.84
C GLN C 66 6.94 1.54 7.78
N LEU C 67 8.23 1.62 7.44
CA LEU C 67 9.24 2.35 8.27
C LEU C 67 9.24 3.84 7.90
N THR C 68 9.03 4.17 6.62
CA THR C 68 9.19 5.55 6.07
C THR C 68 7.88 6.09 5.48
N GLY C 69 6.95 5.22 5.09
CA GLY C 69 5.71 5.58 4.38
C GLY C 69 5.92 5.69 2.88
N ARG C 70 7.16 5.54 2.41
CA ARG C 70 7.55 5.74 0.99
C ARG C 70 7.18 4.52 0.14
N LEU C 71 7.04 4.70 -1.17
CA LEU C 71 6.69 3.65 -2.14
C LEU C 71 7.92 2.80 -2.45
N MET C 72 7.73 1.47 -2.50
CA MET C 72 8.74 0.49 -2.96
C MET C 72 8.12 -0.32 -4.11
N GLY C 73 8.94 -1.12 -4.80
CA GLY C 73 8.46 -2.05 -5.83
C GLY C 73 9.14 -3.41 -5.70
N ILE C 74 8.42 -4.48 -6.05
CA ILE C 74 9.02 -5.81 -6.34
C ILE C 74 9.62 -5.68 -7.73
N ARG C 75 10.93 -5.87 -7.87
CA ARG C 75 11.64 -5.72 -9.18
C ARG C 75 10.98 -6.61 -10.23
N ALA C 76 10.76 -6.06 -11.42
CA ALA C 76 10.31 -6.78 -12.64
C ALA C 76 11.52 -7.00 -13.56
N ASP C 77 12.68 -6.41 -13.23
CA ASP C 77 13.91 -6.43 -14.06
C ASP C 77 15.10 -6.04 -13.17
N ILE C 78 16.23 -6.73 -13.33
CA ILE C 78 17.44 -6.58 -12.46
C ILE C 78 18.38 -5.52 -13.08
N THR C 79 18.36 -5.37 -14.41
CA THR C 79 19.30 -4.49 -15.17
C THR C 79 19.36 -3.11 -14.52
N PRO C 80 18.22 -2.43 -14.24
CA PRO C 80 18.26 -1.16 -13.51
C PRO C 80 18.98 -1.21 -12.15
N GLN C 81 18.96 -2.35 -11.46
CA GLN C 81 19.68 -2.53 -10.18
C GLN C 81 21.19 -2.62 -10.44
N ILE C 82 21.59 -3.29 -11.51
CA ILE C 82 23.03 -3.38 -11.92
C ILE C 82 23.52 -1.95 -12.20
N LEU C 83 22.69 -1.13 -12.84
CA LEU C 83 22.96 0.30 -13.17
C LEU C 83 23.25 1.07 -11.87
N ARG C 84 22.37 0.93 -10.86
CA ARG C 84 22.55 1.57 -9.52
C ARG C 84 23.89 1.11 -8.93
N ILE C 85 24.13 -0.20 -8.90
CA ILE C 85 25.34 -0.83 -8.32
C ILE C 85 26.58 -0.31 -9.07
N ASP C 86 26.53 -0.31 -10.41
CA ASP C 86 27.65 0.15 -11.28
C ASP C 86 27.97 1.61 -10.98
N ALA C 87 26.94 2.45 -10.84
CA ALA C 87 27.06 3.90 -10.56
C ALA C 87 27.92 4.11 -9.31
N HIS C 88 27.79 3.26 -8.28
CA HIS C 88 28.49 3.42 -6.98
C HIS C 88 29.86 2.75 -7.00
N HIS C 89 29.97 1.53 -7.56
CA HIS C 89 31.15 0.63 -7.42
C HIS C 89 31.98 0.57 -8.71
N GLY C 90 31.38 0.83 -9.87
CA GLY C 90 31.95 0.52 -11.20
C GLY C 90 33.13 1.40 -11.59
N GLY C 91 33.13 2.67 -11.20
CA GLY C 91 34.12 3.66 -11.65
C GLY C 91 33.93 4.02 -13.11
N ASP C 92 34.97 4.60 -13.73
CA ASP C 92 34.94 5.13 -15.13
C ASP C 92 35.41 4.07 -16.12
N GLY C 93 36.18 3.07 -15.67
CA GLY C 93 36.72 2.00 -16.52
C GLY C 93 35.65 1.01 -16.94
N ILE C 94 36.04 -0.06 -17.63
CA ILE C 94 35.14 -1.20 -17.98
C ILE C 94 34.81 -1.97 -16.70
N ALA C 95 33.56 -2.38 -16.54
CA ALA C 95 33.05 -3.22 -15.43
C ALA C 95 32.06 -4.25 -15.99
N ARG C 96 32.20 -5.50 -15.52
CA ARG C 96 31.33 -6.64 -15.92
C ARG C 96 30.55 -7.11 -14.68
N TYR C 97 29.28 -7.45 -14.87
CA TYR C 97 28.38 -7.93 -13.80
C TYR C 97 27.56 -9.10 -14.35
N CYS C 98 27.27 -10.08 -13.50
CA CYS C 98 26.28 -11.14 -13.74
C CYS C 98 25.37 -11.23 -12.52
N TYR C 99 24.20 -11.85 -12.71
CA TYR C 99 23.14 -11.92 -11.69
C TYR C 99 22.21 -13.07 -12.04
N ALA C 100 21.62 -13.66 -11.01
CA ALA C 100 20.48 -14.59 -11.12
C ALA C 100 19.56 -14.32 -9.92
N GLY C 101 18.29 -14.09 -10.19
CA GLY C 101 17.29 -13.72 -9.19
C GLY C 101 15.90 -13.85 -9.73
N ASP C 102 14.92 -14.06 -8.84
CA ASP C 102 13.48 -14.01 -9.16
C ASP C 102 13.10 -12.55 -9.41
N VAL C 103 12.26 -12.32 -10.42
CA VAL C 103 11.59 -11.01 -10.68
C VAL C 103 10.11 -11.33 -10.86
N ILE C 104 9.24 -10.38 -10.54
CA ILE C 104 7.76 -10.52 -10.62
C ILE C 104 7.25 -9.50 -11.64
N HIS C 105 6.36 -9.93 -12.55
CA HIS C 105 5.61 -9.04 -13.48
C HIS C 105 4.13 -9.00 -13.03
N THR C 106 3.49 -7.84 -13.12
CA THR C 106 2.06 -7.65 -12.79
C THR C 106 1.21 -8.44 -13.79
N LEU C 107 1.60 -8.42 -15.07
CA LEU C 107 0.88 -9.13 -16.16
C LEU C 107 1.84 -10.09 -16.88
N PRO C 108 1.33 -11.19 -17.47
CA PRO C 108 2.15 -12.08 -18.28
C PRO C 108 2.43 -11.43 -19.64
N SER C 109 3.57 -11.70 -20.26
CA SER C 109 3.98 -11.11 -21.56
C SER C 109 3.30 -11.83 -22.73
N GLY C 110 3.26 -13.17 -22.69
CA GLY C 110 2.70 -14.01 -23.77
C GLY C 110 1.55 -14.90 -23.32
N LEU C 111 0.76 -15.45 -24.24
CA LEU C 111 -0.35 -16.40 -23.94
C LEU C 111 0.14 -17.43 -22.90
N PHE C 112 -0.40 -17.37 -21.68
CA PHE C 112 -0.10 -18.29 -20.54
C PHE C 112 1.39 -18.18 -20.15
N GLY C 113 2.00 -17.01 -20.36
CA GLY C 113 3.40 -16.74 -19.97
C GLY C 113 3.56 -16.69 -18.47
N SER C 114 4.79 -16.86 -17.99
CA SER C 114 5.16 -16.77 -16.55
C SER C 114 5.15 -15.30 -16.12
N ARG C 115 4.79 -15.05 -14.86
CA ARG C 115 4.90 -13.72 -14.20
C ARG C 115 6.05 -13.77 -13.18
N THR C 116 6.72 -14.92 -13.07
CA THR C 116 7.78 -15.18 -12.07
C THR C 116 8.97 -15.85 -12.74
N PRO C 117 9.62 -15.18 -13.73
CA PRO C 117 10.81 -15.74 -14.35
C PRO C 117 11.98 -15.69 -13.37
N LEU C 118 12.90 -16.66 -13.48
CA LEU C 118 14.21 -16.65 -12.81
C LEU C 118 15.20 -15.97 -13.77
N GLN C 119 15.31 -14.64 -13.66
CA GLN C 119 16.10 -13.78 -14.58
C GLN C 119 17.60 -13.99 -14.27
N LEU C 120 18.35 -14.45 -15.28
CA LEU C 120 19.82 -14.63 -15.22
C LEU C 120 20.43 -13.86 -16.39
N GLY C 121 21.53 -13.13 -16.17
CA GLY C 121 22.06 -12.20 -17.17
C GLY C 121 23.46 -11.70 -16.87
N ALA C 122 24.03 -10.97 -17.84
CA ALA C 122 25.34 -10.31 -17.78
C ALA C 122 25.21 -8.90 -18.37
N GLU C 123 25.99 -7.96 -17.84
CA GLU C 123 26.09 -6.56 -18.34
C GLU C 123 27.58 -6.20 -18.45
N ILE C 124 27.97 -5.56 -19.55
CA ILE C 124 29.29 -4.85 -19.67
C ILE C 124 29.00 -3.35 -19.68
N PHE C 125 29.60 -2.63 -18.73
CA PHE C 125 29.57 -1.16 -18.61
C PHE C 125 30.93 -0.60 -18.99
N GLY C 126 30.96 0.53 -19.73
CA GLY C 126 32.16 1.38 -19.89
C GLY C 126 32.96 1.09 -21.16
N CYS C 127 32.38 0.38 -22.14
CA CYS C 127 33.02 0.10 -23.45
C CYS C 127 32.06 0.45 -24.59
N GLU C 128 32.50 1.32 -25.51
CA GLU C 128 31.72 1.81 -26.67
C GLU C 128 31.78 0.76 -27.80
N SER C 129 32.94 0.10 -27.96
CA SER C 129 33.27 -0.84 -29.05
C SER C 129 32.16 -1.89 -29.18
N ILE C 130 31.83 -2.27 -30.42
CA ILE C 130 30.98 -3.45 -30.77
C ILE C 130 31.63 -4.72 -30.21
N ALA C 131 32.92 -4.66 -29.84
CA ALA C 131 33.69 -5.76 -29.22
C ALA C 131 33.02 -6.25 -27.94
N ALA C 132 32.46 -5.37 -27.12
CA ALA C 132 31.73 -5.70 -25.87
C ALA C 132 30.46 -6.49 -26.22
N ASP C 133 29.74 -6.06 -27.25
CA ASP C 133 28.53 -6.76 -27.77
C ASP C 133 28.94 -8.15 -28.27
N ILE C 134 30.15 -8.30 -28.81
CA ILE C 134 30.68 -9.59 -29.36
C ILE C 134 31.10 -10.52 -28.20
N GLU C 135 31.67 -9.97 -27.13
CA GLU C 135 32.07 -10.74 -25.92
C GLU C 135 30.83 -11.37 -25.28
N LEU C 136 29.75 -10.61 -25.14
CA LEU C 136 28.47 -11.08 -24.54
C LEU C 136 27.91 -12.24 -25.37
N ILE C 137 27.92 -12.13 -26.70
CA ILE C 137 27.48 -13.24 -27.59
C ILE C 137 28.35 -14.46 -27.33
N ASP C 138 29.66 -14.27 -27.18
CA ASP C 138 30.64 -15.36 -26.92
C ASP C 138 30.29 -16.04 -25.59
N VAL C 139 30.03 -15.25 -24.55
CA VAL C 139 29.70 -15.75 -23.19
C VAL C 139 28.36 -16.50 -23.26
N LEU C 140 27.36 -15.90 -23.88
CA LEU C 140 26.00 -16.48 -24.02
C LEU C 140 26.08 -17.84 -24.70
N PHE C 141 26.79 -17.93 -25.84
CA PHE C 141 26.85 -19.15 -26.67
C PHE C 141 27.72 -20.22 -26.00
N SER C 142 28.73 -19.78 -25.26
CA SER C 142 29.50 -20.64 -24.33
C SER C 142 28.53 -21.33 -23.36
N MET C 143 27.61 -20.57 -22.78
CA MET C 143 26.58 -21.06 -21.81
C MET C 143 25.59 -22.00 -22.51
N ILE C 144 24.96 -21.55 -23.59
CA ILE C 144 23.94 -22.34 -24.37
C ILE C 144 24.56 -23.67 -24.78
N ASN C 145 25.80 -23.65 -25.28
CA ASN C 145 26.47 -24.87 -25.82
C ASN C 145 26.73 -25.86 -24.68
N SER C 146 27.07 -25.37 -23.49
CA SER C 146 27.39 -26.21 -22.29
C SER C 146 26.15 -27.00 -21.84
N LEU C 147 24.94 -26.55 -22.19
CA LEU C 147 23.66 -27.17 -21.75
C LEU C 147 23.36 -28.44 -22.55
N ASP C 148 24.05 -28.66 -23.68
CA ASP C 148 23.84 -29.86 -24.53
C ASP C 148 22.34 -30.04 -24.78
N MET C 149 21.67 -28.97 -25.24
CA MET C 149 20.24 -28.96 -25.61
C MET C 149 20.05 -29.59 -26.99
N SER C 150 18.91 -30.25 -27.19
CA SER C 150 18.43 -30.76 -28.51
C SER C 150 17.89 -29.58 -29.33
N ALA C 151 17.07 -28.75 -28.71
CA ALA C 151 16.50 -27.51 -29.31
C ALA C 151 17.66 -26.60 -29.77
N VAL C 152 17.38 -25.73 -30.75
CA VAL C 152 18.38 -24.80 -31.33
C VAL C 152 17.89 -23.37 -31.13
N LEU C 153 18.82 -22.47 -30.80
CA LEU C 153 18.56 -21.02 -30.56
C LEU C 153 18.66 -20.28 -31.89
N HIS C 154 17.54 -19.71 -32.37
CA HIS C 154 17.51 -18.74 -33.50
C HIS C 154 17.74 -17.35 -32.90
N VAL C 155 18.73 -16.61 -33.42
CA VAL C 155 19.03 -15.23 -32.96
C VAL C 155 18.43 -14.25 -33.98
N ASP C 156 17.68 -13.27 -33.47
CA ASP C 156 17.13 -12.13 -34.26
C ASP C 156 17.88 -10.87 -33.86
N LEU C 157 18.61 -10.26 -34.80
CA LEU C 157 19.33 -8.98 -34.60
C LEU C 157 18.45 -7.82 -35.09
N GLY C 158 18.33 -6.78 -34.26
CA GLY C 158 17.69 -5.51 -34.61
C GLY C 158 18.63 -4.37 -34.26
N HIS C 159 18.24 -3.15 -34.60
CA HIS C 159 18.99 -1.90 -34.30
C HIS C 159 18.01 -0.74 -34.32
N VAL C 160 17.71 -0.18 -33.15
CA VAL C 160 16.69 0.90 -32.97
C VAL C 160 17.21 2.21 -33.60
N THR C 161 18.53 2.39 -33.63
CA THR C 161 19.21 3.59 -34.18
C THR C 161 18.72 3.85 -35.61
N ILE C 162 18.59 2.80 -36.44
CA ILE C 162 18.28 2.90 -37.90
C ILE C 162 16.96 3.66 -38.08
N PHE C 163 15.86 3.15 -37.49
CA PHE C 163 14.51 3.73 -37.62
C PHE C 163 14.47 5.12 -36.99
N LYS C 164 15.15 5.31 -35.84
CA LYS C 164 15.16 6.59 -35.08
C LYS C 164 15.85 7.70 -35.89
N ARG C 165 16.91 7.35 -36.63
CA ARG C 165 17.64 8.32 -37.51
C ARG C 165 16.74 8.67 -38.70
N LEU C 166 16.06 7.68 -39.30
CA LEU C 166 15.11 7.90 -40.44
C LEU C 166 13.96 8.79 -39.97
N ALA C 167 13.45 8.57 -38.76
CA ALA C 167 12.36 9.37 -38.15
C ALA C 167 12.79 10.83 -37.99
N GLU C 168 14.03 11.06 -37.53
CA GLU C 168 14.60 12.42 -37.31
C GLU C 168 14.85 13.11 -38.66
N LEU C 169 15.51 12.42 -39.61
CA LEU C 169 15.91 12.96 -40.93
C LEU C 169 14.68 13.29 -41.78
N ALA C 170 13.65 12.44 -41.74
CA ALA C 170 12.37 12.62 -42.47
C ALA C 170 11.41 13.50 -41.65
N ALA C 171 11.81 13.91 -40.44
CA ALA C 171 11.08 14.84 -39.55
C ALA C 171 9.64 14.36 -39.37
N LEU C 172 9.46 13.08 -39.01
CA LEU C 172 8.13 12.47 -38.72
C LEU C 172 7.53 13.12 -37.46
N SER C 173 6.21 13.26 -37.43
CA SER C 173 5.42 13.68 -36.23
C SER C 173 5.46 12.56 -35.19
N ALA C 174 4.98 12.82 -33.97
CA ALA C 174 4.87 11.85 -32.85
C ALA C 174 3.91 10.72 -33.25
N SER C 175 2.81 11.05 -33.92
CA SER C 175 1.71 10.11 -34.29
C SER C 175 2.08 9.28 -35.52
N ASP C 176 2.75 9.88 -36.51
CA ASP C 176 3.20 9.20 -37.76
C ASP C 176 4.16 8.06 -37.40
N THR C 177 5.08 8.29 -36.46
CA THR C 177 5.99 7.28 -35.88
C THR C 177 5.17 6.11 -35.34
N GLU C 178 4.12 6.39 -34.55
CA GLU C 178 3.23 5.38 -33.92
C GLU C 178 2.56 4.54 -35.02
N GLN C 179 2.07 5.15 -36.10
CA GLN C 179 1.33 4.45 -37.19
C GLN C 179 2.29 3.52 -37.94
N LEU C 180 3.55 3.92 -38.12
CA LEU C 180 4.59 3.10 -38.82
C LEU C 180 5.01 1.92 -37.94
N MET C 181 5.19 2.16 -36.64
CA MET C 181 5.59 1.11 -35.66
C MET C 181 4.47 0.07 -35.52
N GLN C 182 3.21 0.49 -35.60
CA GLN C 182 2.02 -0.41 -35.56
C GLN C 182 2.02 -1.27 -36.83
N LEU C 183 2.22 -0.66 -38.00
CA LEU C 183 2.20 -1.34 -39.33
C LEU C 183 3.38 -2.34 -39.42
N TYR C 184 4.57 -1.93 -38.96
CA TYR C 184 5.78 -2.79 -38.89
C TYR C 184 5.47 -4.04 -38.05
N ALA C 185 4.88 -3.84 -36.87
CA ALA C 185 4.64 -4.87 -35.83
C ALA C 185 3.64 -5.93 -36.31
N ASN C 186 2.74 -5.57 -37.26
CA ASN C 186 1.72 -6.46 -37.84
C ASN C 186 2.10 -6.80 -39.29
N LYS C 187 3.32 -6.46 -39.71
CA LYS C 187 3.87 -6.72 -41.07
C LYS C 187 2.78 -6.46 -42.12
N ASN C 188 2.03 -5.37 -42.00
CA ASN C 188 0.99 -4.97 -42.99
C ASN C 188 1.72 -4.27 -44.14
N LEU C 189 2.22 -5.04 -45.11
CA LEU C 189 3.03 -4.52 -46.25
C LEU C 189 2.16 -3.69 -47.19
N PRO C 190 0.91 -4.12 -47.53
CA PRO C 190 0.03 -3.32 -48.39
C PRO C 190 -0.28 -1.92 -47.85
N GLU C 191 -0.79 -1.82 -46.62
CA GLU C 191 -1.25 -0.55 -45.98
C GLU C 191 -0.03 0.32 -45.66
N LEU C 192 1.15 -0.29 -45.49
CA LEU C 192 2.45 0.42 -45.30
C LEU C 192 2.88 1.09 -46.61
N LYS C 193 2.76 0.36 -47.73
CA LYS C 193 3.14 0.86 -49.09
C LYS C 193 2.32 2.11 -49.42
N GLN C 194 1.05 2.15 -49.01
CA GLN C 194 0.10 3.28 -49.22
C GLN C 194 0.55 4.48 -48.39
N VAL C 195 0.74 4.28 -47.08
CA VAL C 195 1.17 5.34 -46.11
C VAL C 195 2.52 5.92 -46.55
N CYS C 196 3.43 5.06 -47.01
CA CYS C 196 4.86 5.41 -47.31
C CYS C 196 4.98 6.25 -48.59
N GLN C 197 4.01 6.17 -49.51
CA GLN C 197 4.06 6.88 -50.82
C GLN C 197 3.80 8.38 -50.61
N VAL C 198 3.27 8.78 -49.45
CA VAL C 198 2.90 10.19 -49.14
C VAL C 198 3.86 10.77 -48.08
N LEU C 199 4.66 9.94 -47.39
CA LEU C 199 5.62 10.40 -46.36
C LEU C 199 6.93 10.84 -47.01
N PRO C 200 7.63 11.86 -46.45
CA PRO C 200 9.01 12.17 -46.83
C PRO C 200 9.96 11.03 -46.47
N MET C 201 10.86 10.68 -47.40
CA MET C 201 11.75 9.49 -47.35
C MET C 201 10.91 8.22 -47.14
N GLY C 202 9.65 8.24 -47.57
CA GLY C 202 8.67 7.15 -47.32
C GLY C 202 9.17 5.82 -47.85
N SER C 203 9.88 5.86 -48.99
CA SER C 203 10.48 4.67 -49.66
C SER C 203 11.47 3.99 -48.72
N ASP C 204 12.22 4.76 -47.90
CA ASP C 204 13.21 4.24 -46.92
C ASP C 204 12.48 3.42 -45.83
N PHE C 205 11.33 3.88 -45.36
CA PHE C 205 10.52 3.23 -44.30
C PHE C 205 9.92 1.92 -44.85
N TYR C 206 9.53 1.91 -46.13
CA TYR C 206 9.03 0.70 -46.84
C TYR C 206 10.18 -0.29 -47.05
N THR C 207 11.37 0.22 -47.39
CA THR C 207 12.61 -0.58 -47.61
C THR C 207 12.95 -1.36 -46.33
N LEU C 208 12.86 -0.75 -45.16
CA LEU C 208 13.12 -1.40 -43.84
C LEU C 208 12.27 -2.67 -43.72
N ALA C 209 10.97 -2.59 -44.05
CA ALA C 209 9.99 -3.68 -43.86
C ALA C 209 10.18 -4.77 -44.92
N ARG C 210 10.45 -4.38 -46.17
CA ARG C 210 10.52 -5.31 -47.33
C ARG C 210 11.91 -5.95 -47.41
N PHE C 211 12.97 -5.18 -47.19
CA PHE C 211 14.39 -5.56 -47.49
C PHE C 211 15.30 -5.37 -46.28
N GLY C 212 14.76 -5.28 -45.07
CA GLY C 212 15.55 -5.12 -43.83
C GLY C 212 16.36 -6.36 -43.52
N HIS C 213 15.81 -7.54 -43.80
CA HIS C 213 16.42 -8.88 -43.59
C HIS C 213 17.75 -9.00 -44.35
N ASP C 214 17.86 -8.41 -45.54
CA ASP C 214 19.05 -8.50 -46.42
C ASP C 214 20.03 -7.36 -46.06
N ILE C 215 20.69 -7.46 -44.91
CA ILE C 215 21.52 -6.39 -44.29
C ILE C 215 22.76 -6.11 -45.15
N ALA C 216 23.24 -7.10 -45.92
CA ALA C 216 24.41 -6.98 -46.82
C ALA C 216 24.16 -5.90 -47.88
N ASN C 217 22.91 -5.75 -48.33
CA ASN C 217 22.52 -4.86 -49.47
C ASN C 217 21.61 -3.72 -48.99
N LEU C 218 21.30 -3.62 -47.69
CA LEU C 218 20.31 -2.65 -47.17
C LEU C 218 20.78 -1.21 -47.43
N LEU C 219 22.05 -0.91 -47.16
CA LEU C 219 22.64 0.45 -47.32
C LEU C 219 22.46 0.94 -48.76
N GLY C 220 22.76 0.08 -49.75
CA GLY C 220 22.69 0.39 -51.19
C GLY C 220 21.26 0.59 -51.69
N ARG C 221 20.25 0.35 -50.83
CA ARG C 221 18.81 0.50 -51.17
C ARG C 221 18.22 1.79 -50.56
N LEU C 222 18.95 2.46 -49.65
CA LEU C 222 18.43 3.63 -48.89
C LEU C 222 18.69 4.90 -49.70
N SER C 223 17.91 5.96 -49.39
CA SER C 223 18.03 7.31 -49.99
C SER C 223 19.43 7.88 -49.69
N GLU C 224 19.85 8.85 -50.49
CA GLU C 224 21.20 9.48 -50.42
C GLU C 224 21.35 10.18 -49.05
N ASN C 225 20.30 10.87 -48.60
CA ASN C 225 20.21 11.55 -47.28
C ASN C 225 20.49 10.53 -46.16
N ALA C 226 19.86 9.35 -46.24
CA ALA C 226 20.00 8.23 -45.28
C ALA C 226 21.41 7.64 -45.36
N GLN C 227 21.88 7.33 -46.57
CA GLN C 227 23.21 6.69 -46.83
C GLN C 227 24.36 7.56 -46.29
N GLN C 228 24.15 8.88 -46.25
CA GLN C 228 25.16 9.89 -45.78
C GLN C 228 25.19 9.95 -44.25
N ASP C 229 24.12 9.50 -43.58
CA ASP C 229 23.99 9.55 -42.09
C ASP C 229 24.93 8.53 -41.47
N THR C 230 25.91 8.99 -40.68
CA THR C 230 26.98 8.17 -40.05
C THR C 230 26.36 7.19 -39.06
N LYS C 231 25.35 7.61 -38.29
CA LYS C 231 24.70 6.79 -37.24
C LYS C 231 23.95 5.61 -37.90
N ILE C 232 23.41 5.79 -39.10
CA ILE C 232 22.72 4.71 -39.87
C ILE C 232 23.77 3.74 -40.43
N VAL C 233 24.87 4.26 -40.98
CA VAL C 233 25.95 3.45 -41.63
C VAL C 233 26.65 2.61 -40.55
N THR C 234 26.93 3.20 -39.38
CA THR C 234 27.50 2.51 -38.19
C THR C 234 26.56 1.36 -37.79
N ALA C 235 25.27 1.69 -37.59
CA ALA C 235 24.21 0.75 -37.16
C ALA C 235 24.20 -0.48 -38.08
N ILE C 236 24.13 -0.26 -39.40
CA ILE C 236 24.07 -1.36 -40.42
C ILE C 236 25.39 -2.13 -40.41
N ASP C 237 26.52 -1.46 -40.10
CA ASP C 237 27.86 -2.11 -40.03
C ASP C 237 27.95 -2.99 -38.78
N GLU C 238 27.37 -2.54 -37.65
CA GLU C 238 27.35 -3.30 -36.38
C GLU C 238 26.57 -4.61 -36.57
N LEU C 239 25.43 -4.55 -37.28
CA LEU C 239 24.58 -5.74 -37.58
C LEU C 239 25.39 -6.74 -38.41
N GLN C 240 26.12 -6.27 -39.42
CA GLN C 240 26.93 -7.12 -40.34
C GLN C 240 28.05 -7.81 -39.55
N ARG C 241 28.70 -7.08 -38.65
CA ARG C 241 29.83 -7.59 -37.82
C ARG C 241 29.32 -8.72 -36.92
N LEU C 242 28.21 -8.49 -36.22
CA LEU C 242 27.59 -9.48 -35.30
C LEU C 242 27.05 -10.66 -36.11
N LYS C 243 26.35 -10.41 -37.22
CA LYS C 243 25.77 -11.47 -38.08
C LYS C 243 26.90 -12.43 -38.50
N ALA C 244 28.02 -11.88 -38.96
CA ALA C 244 29.20 -12.63 -39.44
C ALA C 244 29.80 -13.45 -38.29
N HIS C 245 30.07 -12.79 -37.16
CA HIS C 245 30.66 -13.40 -35.94
C HIS C 245 29.82 -14.59 -35.48
N LEU C 246 28.50 -14.45 -35.50
CA LEU C 246 27.54 -15.48 -35.00
C LEU C 246 27.55 -16.70 -35.92
N GLN C 247 27.63 -16.50 -37.25
CA GLN C 247 27.62 -17.60 -38.24
C GLN C 247 28.98 -18.30 -38.23
N VAL C 248 30.08 -17.54 -38.28
CA VAL C 248 31.47 -18.08 -38.39
C VAL C 248 31.86 -18.77 -37.09
N GLN C 249 31.87 -18.03 -35.97
CA GLN C 249 32.39 -18.50 -34.66
C GLN C 249 31.46 -19.57 -34.06
N TRP C 250 30.13 -19.40 -34.20
CA TRP C 250 29.13 -20.13 -33.38
C TRP C 250 28.14 -20.94 -34.22
N GLN C 251 28.26 -20.95 -35.55
CA GLN C 251 27.33 -21.72 -36.41
C GLN C 251 25.89 -21.42 -35.96
N CYS C 252 25.53 -20.13 -35.93
CA CYS C 252 24.18 -19.64 -35.55
C CYS C 252 23.47 -19.08 -36.78
N ALA C 253 22.26 -19.58 -37.07
CA ALA C 253 21.33 -19.01 -38.07
C ALA C 253 20.84 -17.66 -37.54
N VAL C 254 21.25 -16.57 -38.18
CA VAL C 254 20.85 -15.17 -37.80
C VAL C 254 19.82 -14.68 -38.82
N SER C 255 18.76 -14.06 -38.33
CA SER C 255 17.79 -13.25 -39.12
C SER C 255 17.87 -11.81 -38.62
N ILE C 256 17.85 -10.85 -39.55
CA ILE C 256 17.88 -9.39 -39.24
C ILE C 256 16.45 -8.85 -39.33
N ASP C 257 16.06 -8.01 -38.39
CA ASP C 257 14.78 -7.27 -38.38
C ASP C 257 15.01 -5.88 -37.78
N VAL C 258 15.15 -4.88 -38.66
CA VAL C 258 15.49 -3.47 -38.32
C VAL C 258 14.20 -2.72 -37.95
N THR C 259 13.05 -3.42 -37.97
CA THR C 259 11.72 -2.91 -37.55
C THR C 259 11.35 -3.43 -36.16
N GLU C 260 12.23 -4.23 -35.54
CA GLU C 260 12.03 -4.79 -34.17
C GLU C 260 12.36 -3.67 -33.17
N LEU C 261 11.34 -3.16 -32.49
CA LEU C 261 11.47 -2.10 -31.44
C LEU C 261 10.71 -2.55 -30.17
N SER C 262 10.77 -3.85 -29.85
CA SER C 262 9.77 -4.56 -29.00
C SER C 262 10.26 -4.78 -27.56
N GLY C 263 11.57 -4.74 -27.31
CA GLY C 263 12.16 -5.00 -25.97
C GLY C 263 11.78 -3.92 -24.98
N TYR C 264 12.41 -3.89 -23.79
CA TYR C 264 12.33 -2.73 -22.85
C TYR C 264 12.86 -1.48 -23.57
N HIS C 265 12.10 -0.37 -23.51
CA HIS C 265 12.31 0.86 -24.31
C HIS C 265 13.52 1.67 -23.78
N TYR C 266 14.33 1.11 -22.88
CA TYR C 266 15.61 1.71 -22.44
C TYR C 266 16.73 1.34 -23.43
N HIS C 267 16.44 0.50 -24.44
CA HIS C 267 17.39 0.09 -25.50
C HIS C 267 17.73 1.29 -26.41
N THR C 268 19.02 1.47 -26.74
CA THR C 268 19.55 2.68 -27.42
C THR C 268 20.39 2.33 -28.65
N GLY C 269 20.41 1.09 -29.10
CA GLY C 269 21.23 0.69 -30.26
C GLY C 269 20.92 -0.74 -30.69
N ILE C 270 21.97 -1.56 -30.80
CA ILE C 270 21.85 -2.99 -31.21
C ILE C 270 20.95 -3.72 -30.21
N VAL C 271 20.11 -4.62 -30.72
CA VAL C 271 19.24 -5.50 -29.87
C VAL C 271 19.37 -6.94 -30.41
N PHE C 272 19.45 -7.91 -29.49
CA PHE C 272 19.43 -9.35 -29.82
C PHE C 272 18.28 -10.03 -29.07
N ASN C 273 17.59 -10.92 -29.78
CA ASN C 273 16.51 -11.79 -29.23
C ASN C 273 16.83 -13.24 -29.63
N GLY C 274 17.05 -14.09 -28.63
CA GLY C 274 17.24 -15.55 -28.82
C GLY C 274 15.93 -16.28 -28.64
N TYR C 275 15.46 -16.93 -29.71
CA TYR C 275 14.26 -17.80 -29.70
C TYR C 275 14.71 -19.26 -29.68
N ILE C 276 14.09 -20.06 -28.83
CA ILE C 276 14.34 -21.53 -28.70
C ILE C 276 13.27 -22.26 -29.52
N ASN C 277 13.68 -23.11 -30.46
CA ASN C 277 12.78 -23.76 -31.46
C ASN C 277 11.86 -22.70 -32.08
N SER C 278 10.54 -22.93 -32.10
CA SER C 278 9.53 -22.03 -32.70
C SER C 278 8.65 -21.39 -31.62
N GLU C 279 9.22 -21.11 -30.45
CA GLU C 279 8.50 -20.50 -29.30
C GLU C 279 8.39 -18.99 -29.52
N THR C 280 7.19 -18.43 -29.30
CA THR C 280 6.82 -17.01 -29.58
C THR C 280 7.62 -16.08 -28.68
N GLN C 281 7.70 -16.37 -27.38
CA GLN C 281 8.43 -15.53 -26.40
C GLN C 281 9.91 -15.89 -26.47
N PRO C 282 10.82 -14.92 -26.68
CA PRO C 282 12.26 -15.20 -26.71
C PRO C 282 12.76 -15.67 -25.35
N LEU C 283 13.72 -16.60 -25.36
CA LEU C 283 14.47 -17.08 -24.17
C LEU C 283 15.41 -15.96 -23.70
N VAL C 284 16.17 -15.36 -24.63
CA VAL C 284 17.22 -14.35 -24.33
C VAL C 284 16.80 -13.02 -24.96
N ARG C 285 16.93 -11.93 -24.20
CA ARG C 285 16.75 -10.53 -24.65
C ARG C 285 18.00 -9.76 -24.25
N GLY C 286 18.59 -9.00 -25.18
CA GLY C 286 19.79 -8.19 -24.90
C GLY C 286 19.92 -7.01 -25.84
N GLY C 287 20.81 -6.08 -25.51
CA GLY C 287 21.12 -4.91 -26.36
C GLY C 287 21.78 -3.80 -25.56
N ARG C 288 22.06 -2.70 -26.24
CA ARG C 288 22.73 -1.50 -25.67
C ARG C 288 21.71 -0.69 -24.84
N PHE C 289 22.19 -0.02 -23.79
CA PHE C 289 21.39 0.92 -22.95
C PHE C 289 22.34 1.98 -22.36
N ASP C 290 23.12 2.62 -23.23
CA ASP C 290 23.92 3.83 -22.88
C ASP C 290 22.94 4.94 -22.45
N GLY C 291 22.84 5.22 -21.14
CA GLY C 291 21.84 6.12 -20.55
C GLY C 291 21.34 5.69 -19.17
N MET C 292 21.81 6.38 -18.13
CA MET C 292 21.34 6.24 -16.72
C MET C 292 20.10 7.15 -16.51
N PRO C 302 27.38 10.46 -19.58
CA PRO C 302 26.76 9.14 -19.76
C PRO C 302 27.72 7.99 -19.49
N ARG C 303 27.17 6.78 -19.23
CA ARG C 303 27.94 5.50 -19.17
C ARG C 303 27.46 4.53 -20.25
N GLN C 304 28.38 3.99 -21.05
CA GLN C 304 28.08 2.94 -22.06
C GLN C 304 27.68 1.65 -21.33
N ALA C 305 26.71 0.92 -21.86
CA ALA C 305 26.18 -0.33 -21.26
C ALA C 305 25.57 -1.22 -22.35
N THR C 306 25.85 -2.52 -22.26
CA THR C 306 25.20 -3.58 -23.07
C THR C 306 25.13 -4.85 -22.21
N GLY C 307 24.13 -5.69 -22.44
CA GLY C 307 23.91 -6.91 -21.65
C GLY C 307 22.79 -7.75 -22.22
N PHE C 308 22.54 -8.90 -21.59
CA PHE C 308 21.41 -9.81 -21.92
C PHE C 308 20.85 -10.38 -20.61
N SER C 309 19.61 -10.84 -20.69
CA SER C 309 18.90 -11.59 -19.62
C SER C 309 18.21 -12.80 -20.25
N MET C 310 18.04 -13.87 -19.49
CA MET C 310 17.20 -15.02 -19.90
C MET C 310 16.41 -15.53 -18.68
N ASP C 311 15.24 -16.11 -18.95
CA ASP C 311 14.44 -16.84 -17.94
C ASP C 311 14.96 -18.28 -17.86
N VAL C 312 15.70 -18.61 -16.80
CA VAL C 312 16.31 -19.95 -16.57
C VAL C 312 15.21 -21.00 -16.67
N SER C 313 14.00 -20.67 -16.21
CA SER C 313 12.84 -21.60 -16.15
C SER C 313 12.42 -22.05 -17.55
N ARG C 314 12.71 -21.26 -18.58
CA ARG C 314 12.37 -21.58 -19.98
C ARG C 314 13.33 -22.65 -20.53
N LEU C 315 14.50 -22.84 -19.91
CA LEU C 315 15.49 -23.88 -20.29
C LEU C 315 15.04 -25.26 -19.84
N LEU C 316 14.23 -25.35 -18.77
CA LEU C 316 13.87 -26.63 -18.09
C LEU C 316 13.39 -27.65 -19.13
N ALA C 317 12.45 -27.27 -19.99
CA ALA C 317 11.77 -28.17 -20.96
C ALA C 317 12.74 -28.66 -22.04
N HIS C 318 13.94 -28.08 -22.13
CA HIS C 318 14.91 -28.32 -23.23
C HIS C 318 16.24 -28.88 -22.72
N THR C 319 16.41 -28.99 -21.40
CA THR C 319 17.61 -29.57 -20.75
C THR C 319 17.22 -30.90 -20.09
N GLN C 320 18.15 -31.85 -20.03
CA GLN C 320 17.99 -33.13 -19.29
C GLN C 320 19.18 -33.30 -18.35
N LEU C 321 18.96 -33.89 -17.17
CA LEU C 321 20.04 -34.39 -16.29
C LEU C 321 20.01 -35.92 -16.33
N ASP C 322 21.15 -36.56 -16.05
CA ASP C 322 21.21 -38.03 -15.83
C ASP C 322 20.15 -38.38 -14.78
N ALA C 323 19.39 -39.46 -14.98
CA ALA C 323 18.46 -40.01 -13.97
C ALA C 323 19.22 -40.05 -12.65
N PRO C 324 18.60 -39.64 -11.52
CA PRO C 324 19.29 -39.61 -10.24
C PRO C 324 19.31 -41.00 -9.60
N PHE C 325 20.26 -41.25 -8.70
CA PHE C 325 20.32 -42.46 -7.85
C PHE C 325 19.66 -42.15 -6.50
N ILE C 326 18.47 -42.71 -6.28
CA ILE C 326 17.66 -42.53 -5.04
C ILE C 326 17.73 -43.86 -4.26
N VAL C 327 18.45 -43.83 -3.14
CA VAL C 327 18.88 -45.03 -2.37
C VAL C 327 18.13 -45.06 -1.05
N LEU C 328 17.56 -46.22 -0.69
CA LEU C 328 16.95 -46.46 0.66
C LEU C 328 17.75 -47.56 1.37
N ILE C 329 18.32 -47.24 2.52
CA ILE C 329 18.94 -48.24 3.45
C ILE C 329 17.82 -49.11 4.02
N ASP C 330 17.96 -50.44 3.99
CA ASP C 330 16.98 -51.38 4.56
C ASP C 330 16.89 -51.13 6.08
N TYR C 331 15.68 -50.87 6.58
CA TYR C 331 15.39 -50.48 7.99
C TYR C 331 15.82 -51.60 8.94
N ASP C 332 15.30 -52.81 8.70
CA ASP C 332 15.43 -54.00 9.59
C ASP C 332 16.91 -54.37 9.73
N ALA C 333 17.63 -54.44 8.60
CA ALA C 333 19.06 -54.82 8.54
C ALA C 333 19.91 -53.85 9.36
N PHE C 334 19.70 -52.54 9.18
CA PHE C 334 20.47 -51.46 9.86
C PHE C 334 20.32 -51.57 11.37
N ASN C 335 19.11 -51.85 11.85
CA ASN C 335 18.77 -51.89 13.30
C ASN C 335 19.31 -53.18 13.93
N ASN C 336 19.71 -54.16 13.11
CA ASN C 336 20.32 -55.44 13.57
C ASN C 336 21.83 -55.26 13.77
N LEU C 337 22.40 -54.11 13.40
CA LEU C 337 23.86 -53.85 13.42
C LEU C 337 24.32 -53.45 14.83
N ASP C 338 25.54 -53.88 15.19
CA ASP C 338 26.28 -53.35 16.38
C ASP C 338 26.76 -51.92 16.05
N SER C 339 27.29 -51.21 17.04
CA SER C 339 27.72 -49.79 16.93
C SER C 339 28.81 -49.64 15.86
N ALA C 340 29.84 -50.49 15.90
CA ALA C 340 31.00 -50.48 14.98
C ALA C 340 30.53 -50.72 13.54
N GLN C 341 29.57 -51.64 13.34
CA GLN C 341 28.95 -51.97 12.02
C GLN C 341 28.14 -50.78 11.52
N ARG C 342 27.42 -50.08 12.40
CA ARG C 342 26.63 -48.87 12.05
C ARG C 342 27.57 -47.76 11.57
N GLN C 343 28.63 -47.48 12.33
CA GLN C 343 29.67 -46.48 11.99
C GLN C 343 30.24 -46.80 10.60
N LEU C 344 30.49 -48.06 10.31
CA LEU C 344 31.07 -48.54 9.02
C LEU C 344 30.12 -48.22 7.87
N LEU C 345 28.80 -48.42 8.07
CA LEU C 345 27.77 -48.10 7.06
C LEU C 345 27.72 -46.59 6.80
N LEU C 346 27.68 -45.78 7.87
CA LEU C 346 27.55 -44.30 7.78
C LEU C 346 28.71 -43.72 6.95
N GLN C 347 29.92 -44.26 7.11
CA GLN C 347 31.11 -43.90 6.30
C GLN C 347 30.85 -44.22 4.82
N GLN C 348 30.26 -45.38 4.53
CA GLN C 348 29.90 -45.85 3.15
C GLN C 348 28.80 -44.94 2.59
N VAL C 349 27.81 -44.60 3.42
CA VAL C 349 26.67 -43.70 3.05
C VAL C 349 27.23 -42.30 2.75
N ALA C 350 28.13 -41.80 3.60
CA ALA C 350 28.80 -40.49 3.45
C ALA C 350 29.56 -40.44 2.12
N SER C 351 30.25 -41.53 1.77
CA SER C 351 30.96 -41.71 0.49
C SER C 351 29.98 -41.58 -0.67
N LEU C 352 28.82 -42.25 -0.60
CA LEU C 352 27.78 -42.24 -1.66
C LEU C 352 27.24 -40.82 -1.85
N ARG C 353 26.96 -40.11 -0.77
CA ARG C 353 26.37 -38.74 -0.81
C ARG C 353 27.35 -37.78 -1.47
N GLN C 354 28.63 -37.88 -1.11
CA GLN C 354 29.75 -37.10 -1.68
C GLN C 354 29.76 -37.28 -3.22
N GLN C 355 29.44 -38.49 -3.69
CA GLN C 355 29.39 -38.86 -5.14
C GLN C 355 28.05 -38.43 -5.75
N GLY C 356 27.12 -37.90 -4.94
CA GLY C 356 25.85 -37.31 -5.42
C GLY C 356 24.67 -38.26 -5.33
N TYR C 357 24.84 -39.42 -4.69
CA TYR C 357 23.74 -40.39 -4.41
C TYR C 357 22.80 -39.78 -3.38
N ARG C 358 21.49 -39.95 -3.58
CA ARG C 358 20.43 -39.49 -2.64
C ARG C 358 20.05 -40.65 -1.72
N VAL C 359 20.62 -40.68 -0.51
CA VAL C 359 20.49 -41.81 0.45
C VAL C 359 19.59 -41.38 1.60
N THR C 360 18.51 -42.15 1.82
CA THR C 360 17.55 -41.98 2.95
C THR C 360 17.87 -43.02 4.02
N MET C 361 18.29 -42.56 5.21
CA MET C 361 18.38 -43.36 6.46
C MET C 361 16.98 -43.43 7.05
N PRO C 362 16.28 -44.58 6.97
CA PRO C 362 14.84 -44.65 7.23
C PRO C 362 14.47 -44.55 8.71
N LEU C 363 13.32 -43.93 9.00
CA LEU C 363 12.75 -43.73 10.37
C LEU C 363 11.84 -44.92 10.73
N THR C 364 11.25 -45.58 9.73
CA THR C 364 10.31 -46.72 9.88
C THR C 364 10.50 -47.72 8.73
N ALA C 365 9.93 -48.91 8.86
CA ALA C 365 9.95 -49.99 7.84
C ALA C 365 9.24 -49.54 6.55
N GLU C 366 8.34 -48.54 6.64
CA GLU C 366 7.48 -48.09 5.51
C GLU C 366 8.07 -46.83 4.86
N ASP C 367 9.03 -46.16 5.52
CA ASP C 367 9.71 -44.93 5.04
C ASP C 367 10.25 -45.17 3.63
N MET C 368 9.56 -44.65 2.61
CA MET C 368 9.85 -44.88 1.16
C MET C 368 10.17 -43.56 0.47
N PRO C 369 11.42 -43.32 0.04
CA PRO C 369 11.73 -42.17 -0.82
C PRO C 369 10.98 -42.22 -2.16
N VAL C 370 10.60 -41.06 -2.69
CA VAL C 370 9.86 -40.93 -3.97
C VAL C 370 10.82 -41.32 -5.10
N GLY C 371 10.35 -42.12 -6.07
CA GLY C 371 11.11 -42.55 -7.26
C GLY C 371 12.35 -43.35 -6.90
N LEU C 372 12.22 -44.25 -5.92
CA LEU C 372 13.30 -45.17 -5.45
C LEU C 372 13.90 -45.90 -6.65
N THR C 373 15.24 -45.90 -6.76
CA THR C 373 16.00 -46.60 -7.83
C THR C 373 16.76 -47.81 -7.27
N HIS C 374 17.33 -47.68 -6.06
CA HIS C 374 18.23 -48.69 -5.45
C HIS C 374 17.91 -48.87 -3.97
N ARG C 375 18.13 -50.09 -3.45
CA ARG C 375 18.19 -50.39 -2.00
C ARG C 375 19.66 -50.66 -1.62
N LEU C 376 20.10 -50.11 -0.49
CA LEU C 376 21.39 -50.51 0.16
C LEU C 376 21.05 -51.64 1.13
N SER C 377 21.41 -52.87 0.77
CA SER C 377 20.97 -54.12 1.43
C SER C 377 22.18 -54.90 1.95
N LEU C 378 21.99 -55.60 3.08
CA LEU C 378 23.02 -56.44 3.73
C LEU C 378 22.86 -57.90 3.25
N ALA C 379 23.83 -58.40 2.48
CA ALA C 379 23.83 -59.74 1.87
C ALA C 379 25.23 -60.37 2.06
N ASP C 380 25.30 -61.44 2.86
CA ASP C 380 26.56 -62.14 3.23
C ASP C 380 27.51 -61.15 3.91
N ASN C 381 27.05 -60.48 4.97
CA ASN C 381 27.84 -59.56 5.84
C ASN C 381 28.55 -58.50 4.95
N GLN C 382 27.80 -57.87 4.04
CA GLN C 382 28.32 -56.85 3.09
C GLN C 382 27.19 -55.94 2.59
N TRP C 383 27.47 -54.64 2.41
CA TRP C 383 26.48 -53.61 1.97
C TRP C 383 26.71 -53.23 0.51
N ARG C 384 25.71 -53.45 -0.35
CA ARG C 384 25.79 -53.24 -1.82
C ARG C 384 24.50 -52.58 -2.31
N LEU C 385 24.58 -51.79 -3.39
CA LEU C 385 23.40 -51.20 -4.08
C LEU C 385 22.71 -52.30 -4.91
N HIS C 386 21.39 -52.28 -4.98
CA HIS C 386 20.54 -53.27 -5.71
C HIS C 386 19.37 -52.55 -6.38
N ALA C 387 19.39 -52.47 -7.72
CA ALA C 387 18.30 -51.93 -8.54
C ALA C 387 17.02 -52.70 -8.23
N VAL C 388 15.89 -51.99 -8.12
CA VAL C 388 14.57 -52.55 -7.66
C VAL C 388 13.88 -53.24 -8.83
N GLY D 1 21.12 6.62 -4.60
CA GLY D 1 20.70 5.19 -4.69
C GLY D 1 20.63 4.51 -3.33
N MET D 2 19.99 5.16 -2.35
CA MET D 2 19.76 4.65 -0.97
C MET D 2 18.73 3.51 -1.04
N LEU D 3 18.84 2.54 -0.13
CA LEU D 3 17.95 1.35 -0.03
C LEU D 3 17.11 1.45 1.22
N PRO D 4 15.95 0.74 1.30
CA PRO D 4 15.14 0.72 2.51
C PRO D 4 15.89 0.03 3.66
N ASP D 5 15.66 0.45 4.90
CA ASP D 5 16.24 -0.18 6.11
C ASP D 5 15.89 -1.68 6.08
N GLY D 6 16.90 -2.53 6.32
CA GLY D 6 16.76 -4.01 6.34
C GLY D 6 16.82 -4.59 4.94
N VAL D 7 17.26 -3.80 3.95
CA VAL D 7 17.46 -4.26 2.55
C VAL D 7 18.90 -3.91 2.14
N ALA D 8 19.69 -4.91 1.75
CA ALA D 8 21.11 -4.74 1.38
C ALA D 8 21.43 -5.54 0.11
N ASP D 9 22.25 -4.97 -0.76
CA ASP D 9 22.94 -5.73 -1.83
C ASP D 9 23.90 -6.72 -1.16
N VAL D 10 23.96 -7.94 -1.71
CA VAL D 10 25.11 -8.87 -1.48
C VAL D 10 25.95 -8.83 -2.75
N LEU D 11 27.17 -8.28 -2.66
CA LEU D 11 27.99 -7.88 -3.84
C LEU D 11 29.27 -8.71 -3.94
N PHE D 12 29.65 -9.06 -5.16
CA PHE D 12 31.03 -9.47 -5.55
C PHE D 12 31.36 -10.80 -4.86
N GLU D 13 32.38 -10.84 -4.00
CA GLU D 13 32.86 -12.10 -3.38
C GLU D 13 31.81 -12.61 -2.39
N ASP D 14 31.09 -11.72 -1.72
CA ASP D 14 29.98 -12.09 -0.80
C ASP D 14 28.87 -12.78 -1.59
N ALA D 15 28.57 -12.28 -2.79
CA ALA D 15 27.56 -12.85 -3.70
C ALA D 15 28.00 -14.23 -4.17
N HIS D 16 29.29 -14.37 -4.53
CA HIS D 16 29.89 -15.68 -4.93
C HIS D 16 29.75 -16.66 -3.76
N LYS D 17 30.16 -16.22 -2.56
CA LYS D 17 30.11 -17.03 -1.31
C LYS D 17 28.66 -17.50 -1.08
N GLN D 18 27.71 -16.55 -1.05
CA GLN D 18 26.26 -16.83 -0.84
C GLN D 18 25.81 -17.90 -1.84
N GLU D 19 26.18 -17.76 -3.10
CA GLU D 19 25.80 -18.69 -4.19
C GLU D 19 26.40 -20.08 -3.91
N VAL D 20 27.64 -20.15 -3.47
CA VAL D 20 28.32 -21.44 -3.11
C VAL D 20 27.60 -22.07 -1.91
N LEU D 21 27.39 -21.29 -0.85
CA LEU D 21 26.68 -21.78 0.38
C LEU D 21 25.29 -22.29 -0.01
N ARG D 22 24.49 -21.49 -0.69
CA ARG D 22 23.13 -21.90 -1.14
C ARG D 22 23.23 -23.27 -1.80
N HIS D 23 24.22 -23.48 -2.66
CA HIS D 23 24.33 -24.69 -3.52
C HIS D 23 24.87 -25.87 -2.72
N GLN D 24 25.97 -25.71 -1.98
CA GLN D 24 26.55 -26.77 -1.12
C GLN D 24 25.44 -27.31 -0.21
N LEU D 25 24.78 -26.42 0.53
CA LEU D 25 23.77 -26.76 1.57
C LEU D 25 22.55 -27.43 0.93
N THR D 26 22.10 -26.95 -0.24
CA THR D 26 20.95 -27.55 -0.97
C THR D 26 21.31 -28.97 -1.38
N GLN D 27 22.52 -29.18 -1.90
CA GLN D 27 22.99 -30.49 -2.39
C GLN D 27 23.11 -31.45 -1.21
N GLN D 28 23.65 -30.99 -0.06
CA GLN D 28 23.73 -31.79 1.18
C GLN D 28 22.34 -32.34 1.51
N LEU D 29 21.35 -31.46 1.61
CA LEU D 29 19.96 -31.82 2.00
C LEU D 29 19.40 -32.82 0.98
N ILE D 30 19.68 -32.63 -0.31
CA ILE D 30 19.17 -33.51 -1.41
C ILE D 30 19.75 -34.91 -1.24
N THR D 31 21.03 -35.02 -0.83
CA THR D 31 21.76 -36.30 -0.66
C THR D 31 21.33 -37.01 0.62
N HIS D 32 20.69 -36.28 1.55
CA HIS D 32 20.09 -36.83 2.81
C HIS D 32 18.63 -37.22 2.57
N GLY D 33 18.16 -37.16 1.33
CA GLY D 33 16.85 -37.70 0.90
C GLY D 33 15.74 -36.67 0.94
N TYR D 34 16.07 -35.39 1.13
CA TYR D 34 15.10 -34.25 1.09
C TYR D 34 14.87 -33.88 -0.38
N GLN D 35 13.59 -33.82 -0.80
CA GLN D 35 13.21 -33.44 -2.18
C GLN D 35 13.28 -31.92 -2.30
N LEU D 36 14.09 -31.39 -3.21
CA LEU D 36 14.11 -29.93 -3.49
C LEU D 36 12.78 -29.54 -4.14
N VAL D 37 12.12 -28.52 -3.58
CA VAL D 37 10.94 -27.84 -4.19
C VAL D 37 11.25 -26.35 -4.26
N SER D 38 10.80 -25.69 -5.33
CA SER D 38 10.95 -24.25 -5.56
C SER D 38 9.58 -23.65 -5.81
N PRO D 39 8.81 -23.34 -4.74
CA PRO D 39 7.51 -22.71 -4.88
C PRO D 39 7.67 -21.23 -5.21
N PRO D 40 6.63 -20.58 -5.79
CA PRO D 40 6.76 -19.21 -6.27
C PRO D 40 6.86 -18.19 -5.14
N MET D 41 7.30 -16.96 -5.47
CA MET D 41 7.40 -15.82 -4.53
C MET D 41 6.01 -15.31 -4.15
N ILE D 42 5.04 -15.46 -5.06
CA ILE D 42 3.66 -14.91 -4.90
C ILE D 42 2.65 -16.05 -5.05
N GLU D 43 1.65 -16.06 -4.16
CA GLU D 43 0.41 -16.87 -4.24
C GLU D 43 -0.76 -15.97 -3.84
N PHE D 44 -2.00 -16.40 -4.08
CA PHE D 44 -3.22 -15.83 -3.45
C PHE D 44 -3.10 -15.98 -1.93
N THR D 45 -3.60 -15.02 -1.16
CA THR D 45 -3.54 -15.01 0.33
C THR D 45 -4.28 -16.24 0.88
N GLU D 46 -5.37 -16.66 0.21
CA GLU D 46 -6.18 -17.85 0.55
C GLU D 46 -5.28 -19.07 0.79
N SER D 47 -4.24 -19.27 -0.03
CA SER D 47 -3.32 -20.43 0.05
C SER D 47 -2.06 -20.08 0.86
N LEU D 48 -1.50 -18.88 0.67
CA LEU D 48 -0.20 -18.47 1.26
C LEU D 48 -0.35 -18.33 2.78
N LEU D 49 -1.48 -17.82 3.25
CA LEU D 49 -1.73 -17.47 4.67
C LEU D 49 -2.81 -18.38 5.28
N SER D 50 -3.23 -19.44 4.57
CA SER D 50 -4.15 -20.48 5.07
C SER D 50 -3.71 -20.94 6.46
N GLY D 51 -4.51 -20.63 7.49
CA GLY D 51 -4.22 -20.95 8.91
C GLY D 51 -2.90 -20.33 9.36
N ALA D 52 -2.83 -18.99 9.37
CA ALA D 52 -1.62 -18.22 9.74
C ALA D 52 -1.92 -17.34 10.96
N SER D 53 -0.93 -17.19 11.83
CA SER D 53 -0.92 -16.24 12.98
C SER D 53 -1.01 -14.81 12.45
N GLU D 54 -1.39 -13.86 13.30
CA GLU D 54 -1.39 -12.41 12.98
C GLU D 54 0.03 -11.97 12.59
N ASP D 55 1.04 -12.55 13.23
CA ASP D 55 2.47 -12.18 13.02
C ASP D 55 2.88 -12.51 11.59
N LEU D 56 2.49 -13.68 11.08
CA LEU D 56 2.82 -14.11 9.69
C LEU D 56 2.03 -13.27 8.69
N LYS D 57 0.76 -12.98 8.99
CA LYS D 57 -0.12 -12.13 8.14
C LYS D 57 0.47 -10.72 8.04
N ARG D 58 0.97 -10.19 9.16
CA ARG D 58 1.50 -8.79 9.26
C ARG D 58 2.85 -8.69 8.53
N GLN D 59 3.63 -9.77 8.48
CA GLN D 59 4.97 -9.78 7.83
C GLN D 59 4.83 -9.94 6.31
N THR D 60 3.65 -10.27 5.80
CA THR D 60 3.39 -10.54 4.36
C THR D 60 2.88 -9.28 3.67
N PHE D 61 3.68 -8.70 2.77
CA PHE D 61 3.27 -7.66 1.80
C PHE D 61 2.09 -8.20 0.99
N LYS D 62 1.06 -7.37 0.77
CA LYS D 62 -0.11 -7.68 -0.08
C LYS D 62 0.00 -6.91 -1.40
N ILE D 63 -0.40 -7.54 -2.50
CA ILE D 63 -0.39 -6.97 -3.87
C ILE D 63 -1.64 -7.47 -4.60
N ILE D 64 -2.03 -6.79 -5.68
CA ILE D 64 -3.35 -7.00 -6.35
C ILE D 64 -3.10 -7.75 -7.66
N ASP D 65 -3.71 -8.93 -7.83
CA ASP D 65 -3.68 -9.67 -9.12
C ASP D 65 -4.64 -8.94 -10.07
N GLN D 66 -4.12 -8.29 -11.11
CA GLN D 66 -4.91 -7.46 -12.05
C GLN D 66 -5.71 -8.34 -13.01
N LEU D 67 -5.52 -9.66 -12.99
CA LEU D 67 -6.28 -10.61 -13.86
C LEU D 67 -7.61 -10.97 -13.19
N THR D 68 -7.65 -11.07 -11.86
CA THR D 68 -8.82 -11.54 -11.08
C THR D 68 -9.36 -10.47 -10.12
N GLY D 69 -8.54 -9.49 -9.75
CA GLY D 69 -8.89 -8.47 -8.73
C GLY D 69 -8.60 -8.95 -7.31
N ARG D 70 -8.17 -10.21 -7.16
CA ARG D 70 -7.98 -10.88 -5.84
C ARG D 70 -6.65 -10.43 -5.21
N LEU D 71 -6.55 -10.59 -3.89
CA LEU D 71 -5.31 -10.30 -3.12
C LEU D 71 -4.32 -11.45 -3.31
N MET D 72 -3.04 -11.09 -3.51
CA MET D 72 -1.88 -12.02 -3.44
C MET D 72 -0.95 -11.51 -2.34
N GLY D 73 0.06 -12.30 -1.98
CA GLY D 73 1.12 -11.90 -1.04
C GLY D 73 2.50 -12.30 -1.54
N ILE D 74 3.51 -11.47 -1.27
CA ILE D 74 4.94 -11.87 -1.37
C ILE D 74 5.21 -12.71 -0.12
N ARG D 75 5.59 -13.98 -0.30
CA ARG D 75 5.81 -14.92 0.81
C ARG D 75 6.83 -14.31 1.79
N ALA D 76 6.54 -14.40 3.09
CA ALA D 76 7.45 -14.04 4.20
C ALA D 76 8.04 -15.32 4.80
N ASP D 77 7.55 -16.49 4.36
CA ASP D 77 7.93 -17.82 4.90
C ASP D 77 7.52 -18.90 3.90
N ILE D 78 8.38 -19.89 3.68
CA ILE D 78 8.21 -20.94 2.64
C ILE D 78 7.47 -22.13 3.25
N THR D 79 7.63 -22.38 4.56
CA THR D 79 7.10 -23.58 5.28
C THR D 79 5.62 -23.78 4.91
N PRO D 80 4.73 -22.76 5.02
CA PRO D 80 3.35 -22.90 4.58
C PRO D 80 3.18 -23.37 3.12
N GLN D 81 4.11 -23.03 2.24
CA GLN D 81 4.07 -23.47 0.82
C GLN D 81 4.44 -24.97 0.74
N ILE D 82 5.41 -25.41 1.56
CA ILE D 82 5.80 -26.86 1.64
C ILE D 82 4.56 -27.65 2.09
N LEU D 83 3.81 -27.09 3.04
CA LEU D 83 2.56 -27.68 3.59
C LEU D 83 1.55 -27.89 2.46
N ARG D 84 1.29 -26.86 1.66
CA ARG D 84 0.38 -26.91 0.48
C ARG D 84 0.87 -28.00 -0.47
N ILE D 85 2.16 -27.99 -0.81
CA ILE D 85 2.79 -28.96 -1.76
C ILE D 85 2.64 -30.37 -1.18
N ASP D 86 2.96 -30.56 0.11
CA ASP D 86 2.90 -31.88 0.79
C ASP D 86 1.46 -32.41 0.75
N ALA D 87 0.48 -31.53 1.00
CA ALA D 87 -0.96 -31.87 1.01
C ALA D 87 -1.36 -32.53 -0.30
N HIS D 88 -0.80 -32.08 -1.43
CA HIS D 88 -1.16 -32.58 -2.79
C HIS D 88 -0.31 -33.80 -3.19
N HIS D 89 1.00 -33.77 -2.92
CA HIS D 89 2.01 -34.71 -3.49
C HIS D 89 2.50 -35.73 -2.44
N GLY D 90 2.44 -35.38 -1.15
CA GLY D 90 3.13 -36.09 -0.06
C GLY D 90 2.55 -37.47 0.24
N GLY D 91 1.23 -37.64 0.14
CA GLY D 91 0.53 -38.87 0.55
C GLY D 91 0.51 -39.02 2.06
N ASP D 92 0.25 -40.24 2.55
CA ASP D 92 0.07 -40.53 4.00
C ASP D 92 1.39 -40.96 4.64
N GLY D 93 2.35 -41.44 3.84
CA GLY D 93 3.67 -41.91 4.32
C GLY D 93 4.56 -40.75 4.73
N ILE D 94 5.80 -41.05 5.13
CA ILE D 94 6.84 -40.02 5.43
C ILE D 94 7.25 -39.34 4.12
N ALA D 95 7.43 -38.03 4.15
CA ALA D 95 7.91 -37.19 3.02
C ALA D 95 8.90 -36.14 3.55
N ARG D 96 10.02 -35.97 2.86
CA ARG D 96 11.06 -34.99 3.19
C ARG D 96 11.12 -33.95 2.06
N TYR D 97 11.31 -32.69 2.42
CA TYR D 97 11.40 -31.54 1.48
C TYR D 97 12.53 -30.62 1.96
N CYS D 98 13.24 -30.02 0.99
CA CYS D 98 14.18 -28.91 1.23
C CYS D 98 13.85 -27.80 0.23
N TYR D 99 14.30 -26.59 0.53
CA TYR D 99 13.99 -25.37 -0.25
C TYR D 99 15.05 -24.33 0.07
N ALA D 100 15.32 -23.48 -0.93
CA ALA D 100 16.09 -22.24 -0.80
C ALA D 100 15.40 -21.22 -1.70
N GLY D 101 15.08 -20.06 -1.14
CA GLY D 101 14.36 -18.99 -1.84
C GLY D 101 14.42 -17.70 -1.07
N ASP D 102 14.27 -16.57 -1.77
CA ASP D 102 14.10 -15.24 -1.14
C ASP D 102 12.69 -15.18 -0.55
N VAL D 103 12.58 -14.58 0.63
CA VAL D 103 11.28 -14.20 1.26
C VAL D 103 11.41 -12.74 1.67
N ILE D 104 10.30 -12.02 1.72
CA ILE D 104 10.25 -10.56 2.06
C ILE D 104 9.41 -10.41 3.32
N HIS D 105 9.90 -9.63 4.29
CA HIS D 105 9.15 -9.22 5.50
C HIS D 105 8.81 -7.74 5.40
N THR D 106 7.62 -7.34 5.87
CA THR D 106 7.17 -5.93 5.89
C THR D 106 8.03 -5.16 6.88
N LEU D 107 8.35 -5.76 8.03
CA LEU D 107 9.16 -5.15 9.11
C LEU D 107 10.35 -6.05 9.42
N PRO D 108 11.48 -5.48 9.93
CA PRO D 108 12.63 -6.27 10.37
C PRO D 108 12.27 -6.99 11.68
N SER D 109 12.84 -8.18 11.91
CA SER D 109 12.44 -9.10 13.02
C SER D 109 13.07 -8.65 14.33
N GLY D 110 14.36 -8.27 14.32
CA GLY D 110 15.05 -7.76 15.50
C GLY D 110 15.95 -6.60 15.15
N LEU D 111 16.69 -6.12 16.16
CA LEU D 111 17.75 -5.08 16.06
C LEU D 111 18.47 -5.22 14.72
N PHE D 112 18.22 -4.29 13.79
CA PHE D 112 18.92 -4.15 12.48
C PHE D 112 18.75 -5.41 11.63
N GLY D 113 17.62 -6.12 11.79
CA GLY D 113 17.31 -7.36 11.07
C GLY D 113 17.15 -7.12 9.57
N SER D 114 17.37 -8.15 8.76
CA SER D 114 17.11 -8.14 7.29
C SER D 114 15.60 -8.28 7.08
N ARG D 115 15.09 -7.69 5.99
CA ARG D 115 13.69 -7.86 5.51
C ARG D 115 13.69 -8.75 4.27
N THR D 116 14.88 -9.18 3.82
CA THR D 116 15.09 -9.97 2.59
C THR D 116 16.05 -11.12 2.86
N PRO D 117 15.72 -12.05 3.79
CA PRO D 117 16.57 -13.20 4.03
C PRO D 117 16.48 -14.17 2.86
N LEU D 118 17.57 -14.90 2.59
CA LEU D 118 17.59 -16.08 1.69
C LEU D 118 17.27 -17.29 2.55
N GLN D 119 15.98 -17.62 2.68
CA GLN D 119 15.47 -18.70 3.56
C GLN D 119 15.82 -20.05 2.93
N LEU D 120 16.59 -20.86 3.66
CA LEU D 120 16.97 -22.25 3.29
C LEU D 120 16.56 -23.18 4.44
N GLY D 121 15.95 -24.33 4.14
CA GLY D 121 15.37 -25.19 5.17
C GLY D 121 15.02 -26.58 4.69
N ALA D 122 14.64 -27.43 5.66
CA ALA D 122 14.17 -28.82 5.47
C ALA D 122 12.91 -29.04 6.33
N GLU D 123 12.00 -29.89 5.84
CA GLU D 123 10.79 -30.33 6.56
C GLU D 123 10.69 -31.85 6.45
N ILE D 124 10.38 -32.54 7.55
CA ILE D 124 9.91 -33.96 7.53
C ILE D 124 8.43 -33.97 7.88
N PHE D 125 7.60 -34.53 7.00
CA PHE D 125 6.14 -34.75 7.18
C PHE D 125 5.90 -36.24 7.40
N GLY D 126 4.98 -36.60 8.29
CA GLY D 126 4.35 -37.93 8.37
C GLY D 126 4.99 -38.87 9.38
N CYS D 127 5.80 -38.35 10.32
CA CYS D 127 6.46 -39.12 11.40
C CYS D 127 6.21 -38.44 12.76
N GLU D 128 5.64 -39.17 13.71
CA GLU D 128 5.31 -38.68 15.08
C GLU D 128 6.57 -38.75 15.96
N SER D 129 7.40 -39.78 15.75
CA SER D 129 8.60 -40.10 16.56
C SER D 129 9.49 -38.86 16.70
N ILE D 130 10.06 -38.68 17.89
CA ILE D 130 11.14 -37.69 18.18
C ILE D 130 12.35 -38.00 17.27
N ALA D 131 12.40 -39.19 16.68
CA ALA D 131 13.46 -39.63 15.73
C ALA D 131 13.58 -38.68 14.54
N ALA D 132 12.44 -38.17 14.02
CA ALA D 132 12.40 -37.21 12.89
C ALA D 132 13.04 -35.88 13.34
N ASP D 133 12.71 -35.43 14.56
CA ASP D 133 13.30 -34.21 15.16
C ASP D 133 14.82 -34.40 15.33
N ILE D 134 15.26 -35.64 15.59
CA ILE D 134 16.69 -35.99 15.83
C ILE D 134 17.44 -36.03 14.49
N GLU D 135 16.80 -36.53 13.43
CA GLU D 135 17.37 -36.59 12.05
C GLU D 135 17.67 -35.16 11.58
N LEU D 136 16.72 -34.23 11.76
CA LEU D 136 16.84 -32.82 11.32
C LEU D 136 18.03 -32.16 12.04
N ILE D 137 18.17 -32.38 13.35
CA ILE D 137 19.31 -31.83 14.14
C ILE D 137 20.60 -32.38 13.54
N ASP D 138 20.62 -33.68 13.23
CA ASP D 138 21.81 -34.38 12.68
C ASP D 138 22.15 -33.77 11.31
N VAL D 139 21.14 -33.57 10.45
CA VAL D 139 21.30 -32.99 9.08
C VAL D 139 21.82 -31.55 9.23
N LEU D 140 21.21 -30.76 10.11
CA LEU D 140 21.58 -29.34 10.34
C LEU D 140 23.04 -29.25 10.77
N PHE D 141 23.46 -30.05 11.76
CA PHE D 141 24.82 -29.97 12.35
C PHE D 141 25.84 -30.56 11.36
N SER D 142 25.44 -31.54 10.56
CA SER D 142 26.20 -32.04 9.39
C SER D 142 26.51 -30.86 8.46
N MET D 143 25.51 -30.01 8.17
CA MET D 143 25.61 -28.81 7.30
C MET D 143 26.51 -27.76 7.96
N ILE D 144 26.23 -27.36 9.20
CA ILE D 144 27.01 -26.34 9.98
C ILE D 144 28.48 -26.76 10.00
N ASN D 145 28.76 -28.04 10.28
CA ASN D 145 30.14 -28.56 10.45
C ASN D 145 30.87 -28.49 9.10
N SER D 146 30.18 -28.75 7.98
CA SER D 146 30.76 -28.75 6.62
C SER D 146 31.26 -27.35 6.23
N LEU D 147 30.75 -26.29 6.87
CA LEU D 147 31.09 -24.87 6.55
C LEU D 147 32.45 -24.48 7.15
N ASP D 148 33.00 -25.30 8.04
CA ASP D 148 34.32 -25.06 8.70
C ASP D 148 34.33 -23.62 9.23
N MET D 149 33.30 -23.23 9.98
CA MET D 149 33.18 -21.89 10.63
C MET D 149 34.02 -21.87 11.91
N SER D 150 34.58 -20.71 12.25
CA SER D 150 35.27 -20.44 13.54
C SER D 150 34.20 -20.22 14.62
N ALA D 151 33.19 -19.41 14.30
CA ALA D 151 32.00 -19.15 15.15
C ALA D 151 31.32 -20.47 15.52
N VAL D 152 30.59 -20.49 16.64
CA VAL D 152 29.97 -21.71 17.22
C VAL D 152 28.47 -21.44 17.42
N LEU D 153 27.65 -22.46 17.17
CA LEU D 153 26.16 -22.39 17.28
C LEU D 153 25.74 -22.75 18.70
N HIS D 154 25.15 -21.80 19.45
CA HIS D 154 24.40 -22.08 20.70
C HIS D 154 22.95 -22.43 20.34
N VAL D 155 22.44 -23.57 20.83
CA VAL D 155 21.05 -24.02 20.57
C VAL D 155 20.18 -23.69 21.80
N ASP D 156 19.02 -23.07 21.58
CA ASP D 156 17.96 -22.82 22.60
C ASP D 156 16.76 -23.73 22.29
N LEU D 157 16.45 -24.64 23.19
CA LEU D 157 15.27 -25.55 23.10
C LEU D 157 14.09 -24.96 23.88
N GLY D 158 12.91 -24.95 23.26
CA GLY D 158 11.63 -24.63 23.92
C GLY D 158 10.59 -25.68 23.59
N HIS D 159 9.39 -25.57 24.18
CA HIS D 159 8.26 -26.49 23.93
C HIS D 159 6.95 -25.78 24.25
N VAL D 160 6.19 -25.44 23.20
CA VAL D 160 4.94 -24.63 23.31
C VAL D 160 3.83 -25.49 23.94
N THR D 161 3.90 -26.82 23.82
CA THR D 161 2.92 -27.77 24.42
C THR D 161 2.75 -27.48 25.91
N ILE D 162 3.85 -27.22 26.63
CA ILE D 162 3.88 -27.05 28.11
C ILE D 162 2.93 -25.90 28.51
N PHE D 163 3.16 -24.69 27.97
CA PHE D 163 2.35 -23.49 28.27
C PHE D 163 0.90 -23.69 27.79
N LYS D 164 0.70 -24.33 26.63
CA LYS D 164 -0.63 -24.51 26.00
C LYS D 164 -1.48 -25.47 26.84
N ARG D 165 -0.87 -26.49 27.46
CA ARG D 165 -1.57 -27.44 28.37
C ARG D 165 -1.95 -26.69 29.66
N LEU D 166 -1.04 -25.89 30.21
CA LEU D 166 -1.29 -25.08 31.44
C LEU D 166 -2.42 -24.08 31.15
N ALA D 167 -2.44 -23.46 29.97
CA ALA D 167 -3.46 -22.49 29.52
C ALA D 167 -4.83 -23.17 29.45
N GLU D 168 -4.90 -24.40 28.93
CA GLU D 168 -6.15 -25.21 28.80
C GLU D 168 -6.63 -25.65 30.19
N LEU D 169 -5.75 -26.22 31.01
CA LEU D 169 -6.08 -26.79 32.35
C LEU D 169 -6.52 -25.68 33.31
N ALA D 170 -5.87 -24.51 33.26
CA ALA D 170 -6.18 -23.32 34.08
C ALA D 170 -7.30 -22.49 33.43
N ALA D 171 -7.75 -22.88 32.24
CA ALA D 171 -8.88 -22.27 31.49
C ALA D 171 -8.68 -20.75 31.37
N LEU D 172 -7.51 -20.33 30.90
CA LEU D 172 -7.12 -18.89 30.75
C LEU D 172 -8.04 -18.19 29.73
N SER D 173 -8.32 -16.91 29.98
CA SER D 173 -9.02 -15.99 29.03
C SER D 173 -8.09 -15.69 27.86
N ALA D 174 -8.64 -15.07 26.80
CA ALA D 174 -7.90 -14.64 25.58
C ALA D 174 -6.85 -13.58 25.96
N SER D 175 -7.22 -12.66 26.87
CA SER D 175 -6.41 -11.47 27.26
C SER D 175 -5.32 -11.86 28.27
N ASP D 176 -5.63 -12.76 29.21
CA ASP D 176 -4.68 -13.26 30.25
C ASP D 176 -3.49 -13.95 29.58
N THR D 177 -3.77 -14.75 28.53
CA THR D 177 -2.75 -15.39 27.66
C THR D 177 -1.82 -14.32 27.09
N GLU D 178 -2.39 -13.23 26.55
CA GLU D 178 -1.62 -12.12 25.92
C GLU D 178 -0.69 -11.48 26.96
N GLN D 179 -1.18 -11.24 28.18
CA GLN D 179 -0.41 -10.54 29.25
C GLN D 179 0.77 -11.43 29.69
N LEU D 180 0.57 -12.75 29.73
CA LEU D 180 1.63 -13.73 30.14
C LEU D 180 2.68 -13.86 29.04
N MET D 181 2.25 -13.90 27.77
CA MET D 181 3.17 -14.02 26.60
C MET D 181 4.04 -12.77 26.50
N GLN D 182 3.48 -11.58 26.81
CA GLN D 182 4.22 -10.29 26.81
C GLN D 182 5.26 -10.33 27.94
N LEU D 183 4.86 -10.75 29.14
CA LEU D 183 5.75 -10.78 30.34
C LEU D 183 6.86 -11.82 30.16
N TYR D 184 6.52 -12.98 29.62
CA TYR D 184 7.48 -14.08 29.31
C TYR D 184 8.55 -13.57 28.35
N ALA D 185 8.14 -12.83 27.31
CA ALA D 185 9.00 -12.35 26.21
C ALA D 185 10.08 -11.38 26.72
N ASN D 186 9.83 -10.65 27.82
CA ASN D 186 10.85 -9.74 28.43
C ASN D 186 11.32 -10.31 29.78
N LYS D 187 10.99 -11.57 30.07
CA LYS D 187 11.28 -12.27 31.36
C LYS D 187 11.18 -11.30 32.53
N ASN D 188 10.08 -10.52 32.58
CA ASN D 188 9.75 -9.58 33.69
C ASN D 188 9.27 -10.42 34.88
N LEU D 189 10.19 -10.89 35.72
CA LEU D 189 9.90 -11.83 36.85
C LEU D 189 9.11 -11.11 37.94
N PRO D 190 9.43 -9.86 38.33
CA PRO D 190 8.65 -9.13 39.33
C PRO D 190 7.17 -8.95 38.98
N GLU D 191 6.87 -8.39 37.80
CA GLU D 191 5.49 -8.03 37.36
C GLU D 191 4.72 -9.31 37.03
N LEU D 192 5.43 -10.39 36.70
CA LEU D 192 4.87 -11.75 36.47
C LEU D 192 4.41 -12.36 37.80
N LYS D 193 5.23 -12.23 38.86
CA LYS D 193 4.94 -12.75 40.22
C LYS D 193 3.64 -12.13 40.74
N GLN D 194 3.40 -10.85 40.44
CA GLN D 194 2.18 -10.09 40.83
C GLN D 194 0.96 -10.66 40.09
N VAL D 195 1.05 -10.72 38.76
CA VAL D 195 -0.04 -11.22 37.85
C VAL D 195 -0.38 -12.67 38.22
N CYS D 196 0.63 -13.49 38.53
CA CYS D 196 0.51 -14.96 38.73
C CYS D 196 -0.15 -15.30 40.07
N GLN D 197 -0.12 -14.40 41.05
CA GLN D 197 -0.70 -14.64 42.40
C GLN D 197 -2.23 -14.59 42.35
N VAL D 198 -2.81 -14.06 41.27
CA VAL D 198 -4.29 -13.91 41.10
C VAL D 198 -4.82 -14.89 40.03
N LEU D 199 -3.94 -15.50 39.23
CA LEU D 199 -4.34 -16.45 38.15
C LEU D 199 -4.48 -17.86 38.71
N PRO D 200 -5.43 -18.67 38.18
CA PRO D 200 -5.51 -20.10 38.52
C PRO D 200 -4.28 -20.88 38.04
N MET D 201 -3.72 -21.72 38.91
CA MET D 201 -2.42 -22.42 38.74
C MET D 201 -1.31 -21.40 38.46
N GLY D 202 -1.49 -20.17 38.94
CA GLY D 202 -0.59 -19.03 38.64
C GLY D 202 0.86 -19.33 38.99
N SER D 203 1.10 -20.09 40.06
CA SER D 203 2.45 -20.51 40.52
C SER D 203 3.16 -21.34 39.43
N ASP D 204 2.40 -22.16 38.67
CA ASP D 204 2.95 -22.98 37.55
C ASP D 204 3.46 -22.08 36.43
N PHE D 205 2.73 -21.00 36.11
CA PHE D 205 3.09 -20.03 35.05
C PHE D 205 4.35 -19.25 35.47
N TYR D 206 4.50 -18.93 36.76
CA TYR D 206 5.70 -18.28 37.33
C TYR D 206 6.88 -19.25 37.31
N THR D 207 6.64 -20.52 37.62
CA THR D 207 7.66 -21.62 37.64
C THR D 207 8.31 -21.74 36.26
N LEU D 208 7.51 -21.68 35.18
CA LEU D 208 8.01 -21.75 33.78
C LEU D 208 9.11 -20.70 33.58
N ALA D 209 8.86 -19.46 34.01
CA ALA D 209 9.74 -18.29 33.74
C ALA D 209 10.98 -18.32 34.64
N ARG D 210 10.82 -18.73 35.90
CA ARG D 210 11.89 -18.69 36.93
C ARG D 210 12.79 -19.93 36.81
N PHE D 211 12.19 -21.11 36.60
CA PHE D 211 12.88 -22.43 36.70
C PHE D 211 12.71 -23.28 35.42
N GLY D 212 12.36 -22.65 34.30
CA GLY D 212 12.24 -23.33 32.99
C GLY D 212 13.57 -23.87 32.48
N HIS D 213 14.67 -23.13 32.72
CA HIS D 213 16.05 -23.47 32.29
C HIS D 213 16.48 -24.84 32.85
N ASP D 214 16.07 -25.15 34.08
CA ASP D 214 16.49 -26.38 34.81
C ASP D 214 15.49 -27.50 34.49
N ILE D 215 15.54 -28.04 33.27
CA ILE D 215 14.55 -29.00 32.71
C ILE D 215 14.60 -30.33 33.48
N ALA D 216 15.76 -30.68 34.07
CA ALA D 216 15.97 -31.92 34.85
C ALA D 216 15.00 -31.97 36.04
N ASN D 217 14.71 -30.81 36.65
CA ASN D 217 13.94 -30.67 37.91
C ASN D 217 12.61 -29.93 37.69
N LEU D 218 12.29 -29.54 36.46
CA LEU D 218 11.10 -28.68 36.17
C LEU D 218 9.81 -29.41 36.57
N LEU D 219 9.68 -30.69 36.21
CA LEU D 219 8.45 -31.51 36.45
C LEU D 219 8.17 -31.55 37.96
N GLY D 220 9.19 -31.78 38.79
CA GLY D 220 9.08 -31.88 40.26
C GLY D 220 8.72 -30.55 40.93
N ARG D 221 8.65 -29.46 40.17
CA ARG D 221 8.31 -28.09 40.65
C ARG D 221 6.87 -27.70 40.29
N LEU D 222 6.21 -28.45 39.40
CA LEU D 222 4.85 -28.10 38.88
C LEU D 222 3.77 -28.65 39.82
N SER D 223 2.56 -28.08 39.76
CA SER D 223 1.37 -28.52 40.54
C SER D 223 1.03 -29.97 40.18
N GLU D 224 0.29 -30.65 41.06
CA GLU D 224 -0.04 -32.10 40.93
C GLU D 224 -0.92 -32.30 39.69
N ASN D 225 -1.87 -31.39 39.46
CA ASN D 225 -2.76 -31.34 38.26
C ASN D 225 -1.89 -31.31 36.99
N ALA D 226 -0.87 -30.45 36.97
CA ALA D 226 0.09 -30.28 35.84
C ALA D 226 0.95 -31.53 35.69
N GLN D 227 1.54 -32.02 36.79
CA GLN D 227 2.45 -33.20 36.81
C GLN D 227 1.75 -34.46 36.28
N GLN D 228 0.42 -34.54 36.44
CA GLN D 228 -0.38 -35.72 36.02
C GLN D 228 -0.76 -35.59 34.52
N ASP D 229 -0.58 -34.42 33.90
CA ASP D 229 -0.88 -34.20 32.46
C ASP D 229 0.19 -34.90 31.62
N THR D 230 -0.21 -35.87 30.80
CA THR D 230 0.68 -36.72 29.95
C THR D 230 1.40 -35.85 28.92
N LYS D 231 0.70 -34.88 28.31
CA LYS D 231 1.23 -34.01 27.23
C LYS D 231 2.35 -33.12 27.79
N ILE D 232 2.24 -32.71 29.06
CA ILE D 232 3.29 -31.89 29.75
C ILE D 232 4.51 -32.78 30.05
N VAL D 233 4.29 -34.00 30.54
CA VAL D 233 5.36 -34.96 30.95
C VAL D 233 6.14 -35.39 29.70
N THR D 234 5.43 -35.67 28.60
CA THR D 234 6.01 -36.00 27.26
C THR D 234 6.90 -34.84 26.81
N ALA D 235 6.34 -33.63 26.80
CA ALA D 235 7.00 -32.36 26.38
C ALA D 235 8.34 -32.21 27.10
N ILE D 236 8.34 -32.29 28.43
CA ILE D 236 9.56 -32.12 29.29
C ILE D 236 10.54 -33.28 29.02
N ASP D 237 10.03 -34.46 28.68
CA ASP D 237 10.87 -35.65 28.36
C ASP D 237 11.52 -35.47 26.98
N GLU D 238 10.80 -34.89 26.02
CA GLU D 238 11.32 -34.62 24.64
C GLU D 238 12.48 -33.63 24.72
N LEU D 239 12.37 -32.59 25.57
CA LEU D 239 13.45 -31.58 25.78
C LEU D 239 14.71 -32.27 26.32
N GLN D 240 14.54 -33.17 27.30
CA GLN D 240 15.67 -33.90 27.96
C GLN D 240 16.36 -34.80 26.91
N ARG D 241 15.59 -35.48 26.07
CA ARG D 241 16.09 -36.40 25.01
C ARG D 241 16.93 -35.62 23.99
N LEU D 242 16.41 -34.49 23.52
CA LEU D 242 17.10 -33.63 22.52
C LEU D 242 18.32 -32.97 23.16
N LYS D 243 18.19 -32.46 24.39
CA LYS D 243 19.32 -31.82 25.13
C LYS D 243 20.48 -32.82 25.21
N ALA D 244 20.20 -34.07 25.58
CA ALA D 244 21.18 -35.17 25.73
C ALA D 244 21.82 -35.47 24.37
N HIS D 245 21.00 -35.70 23.34
CA HIS D 245 21.45 -36.01 21.95
C HIS D 245 22.42 -34.93 21.45
N LEU D 246 22.12 -33.65 21.72
CA LEU D 246 22.90 -32.49 21.22
C LEU D 246 24.26 -32.44 21.94
N GLN D 247 24.30 -32.73 23.25
CA GLN D 247 25.55 -32.70 24.06
C GLN D 247 26.43 -33.91 23.71
N VAL D 248 25.84 -35.11 23.67
CA VAL D 248 26.56 -36.40 23.44
C VAL D 248 27.05 -36.46 21.98
N GLN D 249 26.15 -36.39 21.01
CA GLN D 249 26.43 -36.59 19.56
C GLN D 249 27.27 -35.42 19.01
N TRP D 250 26.96 -34.18 19.42
CA TRP D 250 27.40 -32.95 18.70
C TRP D 250 28.22 -32.01 19.60
N GLN D 251 28.46 -32.36 20.87
CA GLN D 251 29.21 -31.47 21.80
C GLN D 251 28.64 -30.06 21.67
N CYS D 252 27.33 -29.90 21.85
CA CYS D 252 26.59 -28.62 21.73
C CYS D 252 26.10 -28.17 23.10
N ALA D 253 26.46 -26.95 23.50
CA ALA D 253 25.93 -26.25 24.69
C ALA D 253 24.45 -25.94 24.41
N VAL D 254 23.55 -26.57 25.16
CA VAL D 254 22.07 -26.37 25.05
C VAL D 254 21.63 -25.55 26.25
N SER D 255 20.77 -24.55 26.03
CA SER D 255 19.98 -23.85 27.06
C SER D 255 18.50 -24.12 26.78
N ILE D 256 17.71 -24.34 27.84
CA ILE D 256 16.23 -24.56 27.75
C ILE D 256 15.51 -23.26 28.12
N ASP D 257 14.43 -22.94 27.41
CA ASP D 257 13.46 -21.86 27.77
C ASP D 257 12.08 -22.30 27.29
N VAL D 258 11.24 -22.76 28.23
CA VAL D 258 9.89 -23.35 27.96
C VAL D 258 8.85 -22.23 27.79
N THR D 259 9.29 -20.96 27.92
CA THR D 259 8.47 -19.74 27.72
C THR D 259 8.83 -19.05 26.41
N GLU D 260 9.70 -19.65 25.58
CA GLU D 260 9.97 -19.16 24.20
C GLU D 260 8.78 -19.53 23.31
N LEU D 261 7.97 -18.53 22.96
CA LEU D 261 6.77 -18.62 22.07
C LEU D 261 6.86 -17.48 21.05
N SER D 262 8.08 -17.10 20.64
CA SER D 262 8.39 -15.90 19.83
C SER D 262 8.54 -16.26 18.34
N GLY D 263 8.82 -17.54 18.03
CA GLY D 263 8.69 -18.12 16.69
C GLY D 263 7.26 -18.01 16.16
N TYR D 264 7.05 -18.39 14.91
CA TYR D 264 5.75 -18.35 14.21
C TYR D 264 4.76 -19.25 14.96
N HIS D 265 3.57 -18.73 15.24
CA HIS D 265 2.55 -19.34 16.14
C HIS D 265 1.87 -20.56 15.50
N TYR D 266 2.37 -21.07 14.37
CA TYR D 266 1.90 -22.35 13.77
C TYR D 266 2.62 -23.54 14.44
N HIS D 267 3.58 -23.27 15.33
CA HIS D 267 4.36 -24.29 16.10
C HIS D 267 3.43 -24.99 17.10
N THR D 268 3.52 -26.32 17.21
CA THR D 268 2.60 -27.18 17.98
C THR D 268 3.34 -28.08 18.98
N GLY D 269 4.64 -27.87 19.18
CA GLY D 269 5.46 -28.74 20.04
C GLY D 269 6.85 -28.19 20.28
N ILE D 270 7.87 -29.04 20.12
CA ILE D 270 9.31 -28.68 20.28
C ILE D 270 9.63 -27.49 19.38
N VAL D 271 10.44 -26.55 19.87
CA VAL D 271 10.98 -25.42 19.07
C VAL D 271 12.49 -25.31 19.34
N PHE D 272 13.25 -25.02 18.28
CA PHE D 272 14.73 -24.92 18.26
C PHE D 272 15.09 -23.52 17.73
N ASN D 273 16.04 -22.86 18.36
CA ASN D 273 16.65 -21.59 17.91
C ASN D 273 18.17 -21.73 18.00
N GLY D 274 18.86 -21.67 16.86
CA GLY D 274 20.33 -21.68 16.77
C GLY D 274 20.85 -20.27 16.68
N TYR D 275 21.65 -19.85 17.67
CA TYR D 275 22.35 -18.54 17.71
C TYR D 275 23.81 -18.76 17.34
N ILE D 276 24.34 -17.92 16.46
CA ILE D 276 25.78 -17.90 16.03
C ILE D 276 26.50 -16.86 16.89
N ASN D 277 27.57 -17.26 17.58
CA ASN D 277 28.31 -16.41 18.56
C ASN D 277 27.30 -15.75 19.52
N SER D 278 27.36 -14.42 19.68
CA SER D 278 26.51 -13.65 20.63
C SER D 278 25.52 -12.76 19.87
N GLU D 279 25.08 -13.19 18.69
CA GLU D 279 24.17 -12.41 17.80
C GLU D 279 22.72 -12.56 18.30
N THR D 280 21.99 -11.44 18.37
CA THR D 280 20.64 -11.33 18.99
C THR D 280 19.62 -12.16 18.19
N GLN D 281 19.63 -12.02 16.85
CA GLN D 281 18.71 -12.77 15.97
C GLN D 281 19.28 -14.16 15.74
N PRO D 282 18.48 -15.23 15.98
CA PRO D 282 18.95 -16.59 15.68
C PRO D 282 19.18 -16.80 14.17
N LEU D 283 20.21 -17.58 13.84
CA LEU D 283 20.54 -18.04 12.47
C LEU D 283 19.49 -19.07 12.04
N VAL D 284 19.19 -20.04 12.90
CA VAL D 284 18.29 -21.19 12.61
C VAL D 284 17.06 -21.11 13.53
N ARG D 285 15.88 -21.31 12.94
CA ARG D 285 14.59 -21.46 13.66
C ARG D 285 13.93 -22.75 13.16
N GLY D 286 13.44 -23.59 14.08
CA GLY D 286 12.81 -24.87 13.76
C GLY D 286 11.79 -25.29 14.81
N GLY D 287 10.95 -26.27 14.48
CA GLY D 287 9.99 -26.85 15.42
C GLY D 287 8.96 -27.74 14.76
N ARG D 288 8.09 -28.37 15.57
CA ARG D 288 6.93 -29.16 15.13
C ARG D 288 5.81 -28.21 14.66
N PHE D 289 5.02 -28.63 13.67
CA PHE D 289 3.82 -27.91 13.15
C PHE D 289 2.85 -28.95 12.57
N ASP D 290 1.64 -28.57 12.14
CA ASP D 290 0.56 -29.54 11.81
C ASP D 290 -0.32 -28.98 10.68
N GLY D 291 -0.85 -29.89 9.83
CA GLY D 291 -1.56 -29.59 8.58
C GLY D 291 -2.84 -28.81 8.80
N PRO D 302 -4.52 -33.72 8.88
CA PRO D 302 -4.21 -34.31 10.19
C PRO D 302 -2.78 -34.89 10.24
N ARG D 303 -1.79 -34.09 9.83
CA ARG D 303 -0.44 -34.58 9.38
C ARG D 303 0.67 -34.03 10.28
N GLN D 304 1.52 -34.93 10.78
CA GLN D 304 2.74 -34.60 11.56
C GLN D 304 3.72 -33.87 10.65
N ALA D 305 4.42 -32.88 11.19
CA ALA D 305 5.43 -32.06 10.48
C ALA D 305 6.43 -31.47 11.48
N THR D 306 7.71 -31.48 11.12
CA THR D 306 8.81 -30.78 11.83
C THR D 306 9.84 -30.35 10.79
N GLY D 307 10.57 -29.26 11.05
CA GLY D 307 11.55 -28.69 10.11
C GLY D 307 12.32 -27.54 10.73
N PHE D 308 13.24 -26.97 9.95
CA PHE D 308 14.02 -25.75 10.31
C PHE D 308 14.23 -24.89 9.06
N SER D 309 14.52 -23.61 9.27
CA SER D 309 14.89 -22.62 8.24
C SER D 309 16.09 -21.81 8.76
N MET D 310 16.92 -21.32 7.86
CA MET D 310 18.02 -20.38 8.20
C MET D 310 18.15 -19.35 7.09
N ASP D 311 18.60 -18.15 7.46
CA ASP D 311 18.98 -17.06 6.53
C ASP D 311 20.41 -17.30 6.07
N VAL D 312 20.60 -17.79 4.84
CA VAL D 312 21.94 -18.12 4.27
C VAL D 312 22.85 -16.89 4.38
N SER D 313 22.28 -15.69 4.24
CA SER D 313 23.00 -14.39 4.24
C SER D 313 23.72 -14.17 5.58
N ARG D 314 23.21 -14.76 6.66
CA ARG D 314 23.78 -14.60 8.02
C ARG D 314 25.06 -15.43 8.16
N LEU D 315 25.26 -16.44 7.30
CA LEU D 315 26.48 -17.29 7.30
C LEU D 315 27.68 -16.53 6.70
N LEU D 316 27.43 -15.56 5.82
CA LEU D 316 28.47 -14.90 4.98
C LEU D 316 29.64 -14.45 5.85
N ALA D 317 29.36 -13.72 6.93
CA ALA D 317 30.38 -13.06 7.78
C ALA D 317 31.20 -14.10 8.57
N HIS D 318 30.80 -15.38 8.54
CA HIS D 318 31.41 -16.47 9.37
C HIS D 318 32.01 -17.58 8.50
N THR D 319 31.84 -17.52 7.17
CA THR D 319 32.39 -18.50 6.21
C THR D 319 33.47 -17.81 5.36
N GLN D 320 34.48 -18.56 4.92
CA GLN D 320 35.56 -18.09 4.01
C GLN D 320 35.68 -19.06 2.84
N LEU D 321 35.98 -18.57 1.63
CA LEU D 321 36.33 -19.40 0.47
C LEU D 321 37.80 -19.20 0.15
N ASP D 322 38.40 -20.17 -0.55
CA ASP D 322 39.75 -20.04 -1.14
C ASP D 322 39.79 -18.73 -1.95
N ALA D 323 40.86 -17.95 -1.80
CA ALA D 323 41.10 -16.76 -2.65
C ALA D 323 40.86 -17.18 -4.11
N PRO D 324 40.18 -16.37 -4.93
CA PRO D 324 39.94 -16.74 -6.32
C PRO D 324 41.16 -16.37 -7.17
N PHE D 325 41.34 -17.07 -8.30
CA PHE D 325 42.37 -16.77 -9.33
C PHE D 325 41.73 -15.92 -10.42
N ILE D 326 42.10 -14.64 -10.46
CA ILE D 326 41.55 -13.63 -11.41
C ILE D 326 42.64 -13.31 -12.44
N VAL D 327 42.44 -13.76 -13.68
CA VAL D 327 43.43 -13.78 -14.78
C VAL D 327 43.05 -12.75 -15.83
N LEU D 328 44.00 -11.93 -16.27
CA LEU D 328 43.85 -11.00 -17.42
C LEU D 328 44.81 -11.41 -18.54
N ILE D 329 44.28 -11.74 -19.71
CA ILE D 329 45.06 -11.98 -20.95
C ILE D 329 45.63 -10.63 -21.41
N ASP D 330 46.94 -10.57 -21.71
CA ASP D 330 47.62 -9.35 -22.22
C ASP D 330 46.96 -8.95 -23.55
N TYR D 331 46.48 -7.70 -23.63
CA TYR D 331 45.71 -7.15 -24.77
C TYR D 331 46.57 -7.16 -26.04
N ASP D 332 47.75 -6.55 -25.97
CA ASP D 332 48.64 -6.29 -27.14
C ASP D 332 49.06 -7.62 -27.78
N ALA D 333 49.50 -8.58 -26.96
CA ALA D 333 49.98 -9.91 -27.38
C ALA D 333 48.87 -10.67 -28.12
N PHE D 334 47.65 -10.70 -27.57
CA PHE D 334 46.48 -11.42 -28.14
C PHE D 334 46.15 -10.89 -29.53
N ASN D 335 46.19 -9.56 -29.71
CA ASN D 335 45.81 -8.88 -30.98
C ASN D 335 46.90 -9.08 -32.04
N ASN D 336 48.10 -9.52 -31.63
CA ASN D 336 49.24 -9.80 -32.54
C ASN D 336 49.12 -11.23 -33.10
N LEU D 337 48.15 -12.02 -32.62
CA LEU D 337 48.00 -13.45 -32.99
C LEU D 337 47.25 -13.59 -34.32
N ASP D 338 47.63 -14.59 -35.12
CA ASP D 338 46.86 -15.07 -36.30
C ASP D 338 45.65 -15.85 -35.78
N SER D 339 44.72 -16.23 -36.67
CA SER D 339 43.44 -16.92 -36.34
C SER D 339 43.72 -18.25 -35.62
N ALA D 340 44.63 -19.08 -36.16
CA ALA D 340 44.98 -20.41 -35.62
C ALA D 340 45.58 -20.27 -34.21
N GLN D 341 46.42 -19.25 -34.00
CA GLN D 341 47.06 -18.93 -32.70
C GLN D 341 45.99 -18.46 -31.69
N ARG D 342 44.99 -17.68 -32.14
CA ARG D 342 43.86 -17.20 -31.30
C ARG D 342 43.04 -18.41 -30.83
N GLN D 343 42.66 -19.29 -31.76
CA GLN D 343 41.90 -20.54 -31.48
C GLN D 343 42.65 -21.35 -30.42
N LEU D 344 43.98 -21.44 -30.54
CA LEU D 344 44.86 -22.22 -29.62
C LEU D 344 44.78 -21.62 -28.20
N LEU D 345 44.79 -20.29 -28.08
CA LEU D 345 44.68 -19.58 -26.77
C LEU D 345 43.31 -19.86 -26.14
N LEU D 346 42.23 -19.71 -26.92
CA LEU D 346 40.82 -19.86 -26.43
C LEU D 346 40.64 -21.25 -25.82
N GLN D 347 41.22 -22.29 -26.43
CA GLN D 347 41.21 -23.68 -25.90
C GLN D 347 41.92 -23.72 -24.54
N GLN D 348 43.06 -23.02 -24.40
CA GLN D 348 43.86 -22.92 -23.15
C GLN D 348 43.05 -22.15 -22.10
N VAL D 349 42.39 -21.06 -22.51
CA VAL D 349 41.53 -20.21 -21.64
C VAL D 349 40.33 -21.03 -21.18
N ALA D 350 39.70 -21.80 -22.08
CA ALA D 350 38.55 -22.68 -21.78
C ALA D 350 38.97 -23.72 -20.73
N SER D 351 40.17 -24.27 -20.85
CA SER D 351 40.78 -25.22 -19.89
C SER D 351 40.89 -24.56 -18.51
N LEU D 352 41.40 -23.31 -18.45
CA LEU D 352 41.56 -22.55 -17.18
C LEU D 352 40.20 -22.33 -16.51
N ARG D 353 39.18 -21.94 -17.28
CA ARG D 353 37.83 -21.64 -16.75
C ARG D 353 37.20 -22.91 -16.16
N GLN D 354 37.34 -24.03 -16.86
CA GLN D 354 36.90 -25.38 -16.43
C GLN D 354 37.51 -25.70 -15.05
N GLN D 355 38.76 -25.28 -14.81
CA GLN D 355 39.49 -25.47 -13.53
C GLN D 355 39.07 -24.42 -12.50
N GLY D 356 38.24 -23.44 -12.88
CA GLY D 356 37.64 -22.44 -11.97
C GLY D 356 38.39 -21.12 -11.97
N TYR D 357 39.35 -20.93 -12.88
CA TYR D 357 40.06 -19.63 -13.09
C TYR D 357 39.10 -18.62 -13.69
N ARG D 358 39.14 -17.38 -13.20
CA ARG D 358 38.33 -16.24 -13.70
C ARG D 358 39.16 -15.46 -14.72
N VAL D 359 38.93 -15.72 -16.01
CA VAL D 359 39.78 -15.20 -17.13
C VAL D 359 38.99 -14.13 -17.88
N THR D 360 39.56 -12.93 -17.97
CA THR D 360 39.02 -11.76 -18.72
C THR D 360 39.78 -11.63 -20.04
N MET D 361 39.06 -11.83 -21.15
CA MET D 361 39.52 -11.51 -22.53
C MET D 361 39.31 -10.01 -22.75
N PRO D 362 40.39 -9.19 -22.76
CA PRO D 362 40.25 -7.74 -22.66
C PRO D 362 39.76 -7.05 -23.93
N LEU D 363 38.96 -5.98 -23.76
CA LEU D 363 38.38 -5.16 -24.86
C LEU D 363 39.32 -4.00 -25.20
N THR D 364 40.15 -3.56 -24.24
CA THR D 364 41.11 -2.43 -24.38
C THR D 364 42.37 -2.73 -23.55
N ALA D 365 43.44 -1.96 -23.77
CA ALA D 365 44.73 -2.05 -23.05
C ALA D 365 44.54 -1.76 -21.55
N GLU D 366 43.47 -1.04 -21.20
CA GLU D 366 43.21 -0.54 -19.82
C GLU D 366 42.23 -1.46 -19.08
N ASP D 367 41.51 -2.33 -19.82
CA ASP D 367 40.52 -3.30 -19.29
C ASP D 367 41.16 -4.09 -18.15
N MET D 368 40.82 -3.77 -16.91
CA MET D 368 41.41 -4.32 -15.67
C MET D 368 40.33 -5.02 -14.85
N PRO D 369 40.38 -6.37 -14.70
CA PRO D 369 39.50 -7.05 -13.74
C PRO D 369 39.78 -6.61 -12.29
N VAL D 370 38.73 -6.55 -11.46
CA VAL D 370 38.85 -6.20 -10.02
C VAL D 370 39.60 -7.32 -9.31
N GLY D 371 40.55 -6.96 -8.43
CA GLY D 371 41.34 -7.91 -7.62
C GLY D 371 42.18 -8.86 -8.46
N LEU D 372 42.79 -8.34 -9.53
CA LEU D 372 43.68 -9.11 -10.45
C LEU D 372 44.75 -9.83 -9.64
N THR D 373 44.94 -11.13 -9.88
CA THR D 373 45.97 -12.00 -9.23
C THR D 373 47.06 -12.39 -10.23
N HIS D 374 46.70 -12.69 -11.49
CA HIS D 374 47.61 -13.27 -12.52
C HIS D 374 47.39 -12.62 -13.88
N ARG D 375 48.45 -12.55 -14.71
CA ARG D 375 48.41 -12.20 -16.15
C ARG D 375 48.73 -13.46 -16.95
N LEU D 376 47.97 -13.72 -18.02
CA LEU D 376 48.33 -14.73 -19.05
C LEU D 376 49.12 -13.99 -20.14
N SER D 377 50.43 -14.23 -20.21
CA SER D 377 51.40 -13.45 -21.03
C SER D 377 52.09 -14.36 -22.05
N LEU D 378 52.42 -13.82 -23.22
CA LEU D 378 53.12 -14.53 -24.33
C LEU D 378 54.62 -14.27 -24.24
N ALA D 379 55.42 -15.33 -23.96
CA ALA D 379 56.90 -15.30 -24.00
C ALA D 379 57.42 -16.49 -24.81
N ASP D 380 58.06 -16.22 -25.95
CA ASP D 380 58.70 -17.25 -26.82
C ASP D 380 57.63 -18.23 -27.31
N ASN D 381 56.58 -17.70 -27.95
CA ASN D 381 55.49 -18.48 -28.60
C ASN D 381 54.87 -19.45 -27.59
N GLN D 382 54.58 -18.98 -26.37
CA GLN D 382 54.02 -19.80 -25.26
C GLN D 382 53.26 -18.90 -24.27
N TRP D 383 52.11 -19.37 -23.78
CA TRP D 383 51.20 -18.65 -22.86
C TRP D 383 51.29 -19.27 -21.45
N ARG D 384 51.72 -18.48 -20.46
CA ARG D 384 51.91 -18.92 -19.05
C ARG D 384 51.32 -17.90 -18.07
N LEU D 385 50.86 -18.37 -16.90
CA LEU D 385 50.37 -17.51 -15.79
C LEU D 385 51.55 -16.85 -15.09
N HIS D 386 51.37 -15.60 -14.64
CA HIS D 386 52.38 -14.78 -13.91
C HIS D 386 51.69 -13.97 -12.81
N ALA D 387 51.96 -14.28 -11.54
CA ALA D 387 51.51 -13.47 -10.36
C ALA D 387 52.02 -12.04 -10.54
N VAL D 388 51.17 -11.05 -10.24
CA VAL D 388 51.43 -9.60 -10.56
C VAL D 388 52.29 -8.98 -9.46
N LEU E 23 35.84 -12.93 27.71
CA LEU E 23 35.02 -14.20 27.69
C LEU E 23 33.96 -14.17 28.80
N GLY E 24 34.13 -13.33 29.83
CA GLY E 24 33.27 -13.31 31.03
C GLY E 24 32.14 -12.30 30.93
N LEU E 25 31.63 -11.86 32.07
CA LEU E 25 30.43 -10.97 32.19
C LEU E 25 30.87 -9.51 32.20
N THR E 26 30.20 -8.66 31.42
CA THR E 26 30.34 -7.19 31.44
C THR E 26 29.09 -6.59 32.11
N LEU E 27 29.27 -5.96 33.27
CA LEU E 27 28.16 -5.38 34.09
C LEU E 27 28.08 -3.87 33.83
N ALA E 28 26.92 -3.41 33.34
CA ALA E 28 26.62 -1.98 33.09
C ALA E 28 26.01 -1.35 34.34
N LEU E 29 26.67 -0.34 34.90
CA LEU E 29 26.20 0.39 36.12
C LEU E 29 26.03 1.88 35.79
N SER E 30 24.93 2.46 36.27
CA SER E 30 24.68 3.93 36.31
C SER E 30 25.53 4.56 37.42
N LYS E 31 26.13 5.71 37.16
CA LYS E 31 26.90 6.52 38.15
C LYS E 31 25.91 7.11 39.16
N GLY E 32 26.41 7.52 40.34
CA GLY E 32 25.62 8.24 41.37
C GLY E 32 24.91 7.31 42.34
N ARG E 33 23.63 7.56 42.60
CA ARG E 33 22.79 6.88 43.62
C ARG E 33 22.79 5.37 43.38
N ILE E 34 22.58 4.94 42.13
CA ILE E 34 22.48 3.50 41.73
C ILE E 34 23.80 2.80 42.10
N LEU E 35 24.94 3.41 41.77
CA LEU E 35 26.30 2.83 41.97
C LEU E 35 26.55 2.56 43.46
N GLU E 36 26.30 3.54 44.33
CA GLU E 36 26.62 3.49 45.78
C GLU E 36 25.75 2.41 46.46
N GLU E 37 24.50 2.25 46.03
CA GLU E 37 23.50 1.33 46.64
C GLU E 37 23.69 -0.10 46.11
N THR E 38 24.42 -0.28 45.01
CA THR E 38 24.64 -1.59 44.34
C THR E 38 25.90 -2.27 44.86
N MET E 39 26.91 -1.51 45.32
CA MET E 39 28.21 -2.03 45.80
C MET E 39 28.01 -3.14 46.84
N PRO E 40 27.14 -2.95 47.86
CA PRO E 40 26.85 -4.02 48.83
C PRO E 40 26.35 -5.34 48.22
N LEU E 41 25.43 -5.28 47.25
CA LEU E 41 24.88 -6.47 46.54
C LEU E 41 26.02 -7.20 45.82
N LEU E 42 26.87 -6.42 45.15
CA LEU E 42 28.06 -6.90 44.39
C LEU E 42 29.06 -7.58 45.33
N ARG E 43 29.46 -6.88 46.40
CA ARG E 43 30.40 -7.38 47.45
C ARG E 43 29.98 -8.79 47.90
N ALA E 44 28.67 -8.98 48.13
CA ALA E 44 28.06 -10.24 48.61
C ALA E 44 28.12 -11.32 47.52
N ALA E 45 28.14 -10.90 46.24
CA ALA E 45 28.21 -11.79 45.05
C ALA E 45 29.67 -12.08 44.67
N GLY E 46 30.63 -11.49 45.39
CA GLY E 46 32.08 -11.72 45.21
C GLY E 46 32.70 -10.74 44.22
N VAL E 47 32.06 -9.58 44.02
CA VAL E 47 32.48 -8.55 43.01
C VAL E 47 32.69 -7.22 43.73
N GLU E 48 33.93 -6.89 44.07
CA GLU E 48 34.36 -5.54 44.53
C GLU E 48 35.06 -4.85 43.36
N LEU E 49 34.71 -3.59 43.09
CA LEU E 49 35.49 -2.69 42.19
C LEU E 49 36.86 -2.43 42.84
N LEU E 50 37.92 -2.25 42.03
CA LEU E 50 39.32 -2.13 42.52
C LEU E 50 39.69 -0.66 42.69
N GLU E 51 38.78 0.27 42.40
CA GLU E 51 38.95 1.74 42.57
C GLU E 51 37.60 2.38 42.91
N ASP E 52 37.57 3.67 43.23
CA ASP E 52 36.32 4.50 43.20
C ASP E 52 36.16 5.06 41.79
N PRO E 53 35.08 4.71 41.06
CA PRO E 53 34.85 5.27 39.72
C PRO E 53 34.72 6.81 39.70
N GLU E 54 34.03 7.37 40.70
CA GLU E 54 33.63 8.80 40.78
C GLU E 54 34.86 9.70 40.59
N ALA E 55 36.05 9.24 40.99
CA ALA E 55 37.35 9.93 40.85
C ALA E 55 38.22 9.22 39.81
N ILE E 60 36.15 1.44 31.73
CA ILE E 60 36.12 -0.05 31.91
C ILE E 60 36.93 -0.39 33.17
N PHE E 61 36.30 -1.02 34.15
CA PHE E 61 36.84 -1.27 35.52
C PHE E 61 36.96 -2.78 35.77
N PRO E 62 38.16 -3.28 36.13
CA PRO E 62 38.30 -4.66 36.60
C PRO E 62 37.75 -4.82 38.03
N THR E 63 37.40 -6.06 38.42
CA THR E 63 36.86 -6.41 39.77
C THR E 63 37.66 -7.59 40.34
N SER E 64 37.43 -7.92 41.62
CA SER E 64 38.15 -8.99 42.38
C SER E 64 37.84 -10.36 41.76
N ASN E 65 36.62 -10.55 41.25
CA ASN E 65 36.24 -11.68 40.37
C ASN E 65 36.77 -11.36 38.96
N PRO E 66 37.76 -12.10 38.43
CA PRO E 66 38.35 -11.78 37.13
C PRO E 66 37.45 -12.17 35.94
N ASN E 67 36.32 -12.82 36.20
CA ASN E 67 35.24 -13.11 35.19
C ASN E 67 34.44 -11.84 34.90
N VAL E 68 34.17 -11.02 35.93
CA VAL E 68 33.26 -9.84 35.86
C VAL E 68 34.10 -8.57 35.70
N ARG E 69 33.71 -7.71 34.76
CA ARG E 69 34.21 -6.31 34.61
C ARG E 69 32.98 -5.38 34.57
N VAL E 70 33.18 -4.09 34.85
CA VAL E 70 32.08 -3.11 35.03
C VAL E 70 32.26 -1.93 34.06
N LEU E 71 31.15 -1.47 33.47
CA LEU E 71 31.04 -0.21 32.69
C LEU E 71 30.29 0.82 33.53
N ILE E 72 30.84 2.03 33.68
CA ILE E 72 30.16 3.19 34.32
C ILE E 72 29.57 4.07 33.21
N LEU E 73 28.24 4.10 33.11
CA LEU E 73 27.48 4.76 32.03
C LEU E 73 26.55 5.82 32.63
N ARG E 74 26.03 6.72 31.80
CA ARG E 74 24.80 7.51 32.11
C ARG E 74 23.65 6.50 32.21
N ALA E 75 22.77 6.67 33.20
CA ALA E 75 21.65 5.74 33.54
C ALA E 75 20.84 5.38 32.29
N SER E 76 20.64 6.34 31.38
CA SER E 76 19.80 6.22 30.16
C SER E 76 20.45 5.30 29.11
N ASP E 77 21.77 5.07 29.20
CA ASP E 77 22.54 4.29 28.19
C ASP E 77 22.63 2.81 28.60
N VAL E 78 22.28 2.47 29.85
CA VAL E 78 22.43 1.08 30.40
C VAL E 78 21.55 0.11 29.60
N PRO E 79 20.23 0.36 29.42
CA PRO E 79 19.40 -0.52 28.60
C PRO E 79 19.96 -0.74 27.19
N THR E 80 20.52 0.31 26.58
CA THR E 80 21.10 0.32 25.21
C THR E 80 22.28 -0.66 25.15
N TYR E 81 23.26 -0.51 26.04
CA TYR E 81 24.48 -1.35 26.13
C TYR E 81 24.09 -2.82 26.36
N VAL E 82 23.07 -3.07 27.18
CA VAL E 82 22.64 -4.45 27.58
C VAL E 82 21.88 -5.09 26.42
N GLU E 83 20.90 -4.40 25.82
CA GLU E 83 20.05 -4.97 24.73
C GLU E 83 20.92 -5.34 23.52
N HIS E 84 22.01 -4.60 23.28
CA HIS E 84 22.94 -4.81 22.12
C HIS E 84 24.05 -5.80 22.47
N GLY E 85 24.15 -6.23 23.73
CA GLY E 85 25.10 -7.27 24.20
C GLY E 85 26.49 -6.75 24.45
N ALA E 86 26.73 -5.43 24.32
CA ALA E 86 28.00 -4.77 24.70
C ALA E 86 28.22 -4.92 26.21
N ALA E 87 27.13 -5.02 26.97
CA ALA E 87 27.10 -5.49 28.37
C ALA E 87 26.18 -6.72 28.44
N ASP E 88 26.49 -7.67 29.31
CA ASP E 88 25.77 -8.96 29.44
C ASP E 88 24.56 -8.75 30.38
N PHE E 89 24.70 -7.85 31.34
CA PHE E 89 23.65 -7.50 32.34
C PHE E 89 23.98 -6.13 32.95
N GLY E 90 22.98 -5.47 33.54
CA GLY E 90 23.13 -4.12 34.09
C GLY E 90 22.10 -3.79 35.15
N VAL E 91 22.28 -2.64 35.81
CA VAL E 91 21.35 -2.09 36.85
C VAL E 91 20.87 -0.72 36.37
N ALA E 92 19.56 -0.58 36.12
CA ALA E 92 18.89 0.66 35.69
C ALA E 92 17.53 0.77 36.37
N GLY E 93 17.08 2.00 36.66
CA GLY E 93 15.77 2.28 37.26
C GLY E 93 14.62 1.91 36.33
N LYS E 94 13.48 1.48 36.90
CA LYS E 94 12.24 1.17 36.15
C LYS E 94 11.84 2.41 35.32
N ASP E 95 12.19 3.61 35.80
CA ASP E 95 11.95 4.90 35.09
C ASP E 95 12.64 4.88 33.72
N VAL E 96 13.93 4.55 33.66
CA VAL E 96 14.72 4.50 32.40
C VAL E 96 14.21 3.35 31.52
N LEU E 97 13.90 2.19 32.13
CA LEU E 97 13.42 0.98 31.43
C LEU E 97 12.05 1.26 30.79
N LEU E 98 11.14 1.92 31.51
CA LEU E 98 9.77 2.24 31.01
C LEU E 98 9.85 3.21 29.83
N GLU E 99 10.69 4.23 29.95
CA GLU E 99 10.90 5.29 28.92
C GLU E 99 11.51 4.67 27.65
N HIS E 100 12.55 3.84 27.81
CA HIS E 100 13.35 3.22 26.73
C HIS E 100 12.56 2.11 26.03
N GLY E 101 11.75 1.35 26.79
CA GLY E 101 11.13 0.09 26.33
C GLY E 101 12.11 -1.07 26.50
N ALA E 102 11.80 -2.02 27.38
CA ALA E 102 12.68 -3.14 27.79
C ALA E 102 12.22 -4.45 27.16
N ASN E 103 11.85 -4.43 25.87
CA ASN E 103 11.31 -5.61 25.14
C ASN E 103 12.45 -6.56 24.78
N HIS E 104 13.68 -6.06 24.60
CA HIS E 104 14.85 -6.80 24.04
C HIS E 104 15.77 -7.29 25.17
N VAL E 105 15.45 -7.03 26.44
CA VAL E 105 16.22 -7.52 27.63
C VAL E 105 15.28 -8.28 28.56
N TYR E 106 15.85 -8.96 29.56
CA TYR E 106 15.12 -9.65 30.66
C TYR E 106 15.28 -8.83 31.93
N GLU E 107 14.15 -8.37 32.51
CA GLU E 107 14.09 -7.73 33.86
C GLU E 107 13.92 -8.85 34.89
N LEU E 108 15.04 -9.41 35.37
CA LEU E 108 15.09 -10.65 36.19
C LEU E 108 14.72 -10.32 37.65
N LEU E 109 15.19 -9.19 38.17
CA LEU E 109 15.19 -8.91 39.63
C LEU E 109 14.81 -7.45 39.90
N ASP E 110 13.80 -7.25 40.75
CA ASP E 110 13.54 -5.96 41.46
C ASP E 110 14.50 -5.93 42.65
N LEU E 111 15.49 -5.03 42.62
CA LEU E 111 16.59 -4.95 43.62
C LEU E 111 16.14 -4.16 44.86
N LYS E 112 15.06 -3.38 44.73
CA LYS E 112 14.45 -2.59 45.85
C LYS E 112 15.48 -1.59 46.40
N ILE E 113 16.36 -1.08 45.53
CA ILE E 113 17.36 0.00 45.83
C ILE E 113 16.99 1.24 45.01
N ALA E 114 17.56 2.39 45.38
CA ALA E 114 17.29 3.73 44.79
C ALA E 114 15.78 3.88 44.54
N GLN E 115 14.97 3.71 45.58
CA GLN E 115 13.49 3.83 45.51
C GLN E 115 13.11 5.30 45.38
N CYS E 116 12.17 5.58 44.48
CA CYS E 116 11.56 6.91 44.24
C CYS E 116 10.24 6.68 43.47
N LYS E 117 9.60 7.75 42.99
CA LYS E 117 8.35 7.66 42.19
C LYS E 117 8.46 8.60 40.99
N LEU E 118 7.87 8.20 39.86
CA LEU E 118 7.56 9.09 38.71
C LEU E 118 6.25 9.81 39.02
N MET E 119 6.27 11.15 39.02
CA MET E 119 5.07 11.99 39.31
C MET E 119 5.02 13.15 38.32
N THR E 120 3.81 13.67 38.08
CA THR E 120 3.58 15.01 37.49
C THR E 120 3.87 16.05 38.59
N ALA E 121 4.35 17.23 38.22
CA ALA E 121 4.64 18.34 39.14
C ALA E 121 4.41 19.68 38.43
N GLY E 122 3.85 20.65 39.16
CA GLY E 122 3.58 22.03 38.68
C GLY E 122 4.00 23.06 39.71
N VAL E 123 3.84 24.36 39.42
CA VAL E 123 4.13 25.49 40.35
C VAL E 123 3.25 25.31 41.61
N LYS E 124 3.84 25.58 42.78
CA LYS E 124 3.32 25.13 44.11
C LYS E 124 1.95 25.75 44.36
N ASP E 125 0.91 24.91 44.41
CA ASP E 125 -0.47 25.22 44.90
C ASP E 125 -1.29 25.93 43.82
N ALA E 126 -0.65 26.46 42.77
CA ALA E 126 -1.33 26.95 41.54
C ALA E 126 -2.12 25.80 40.94
N PRO E 127 -3.37 26.01 40.49
CA PRO E 127 -4.18 24.95 39.90
C PRO E 127 -3.99 24.81 38.38
N LEU E 128 -4.26 23.60 37.85
CA LEU E 128 -4.17 23.25 36.41
C LEU E 128 -5.07 24.21 35.62
N PRO E 129 -4.57 24.84 34.52
CA PRO E 129 -5.43 25.61 33.64
C PRO E 129 -6.30 24.65 32.80
N ASN E 130 -7.30 25.20 32.11
CA ASN E 130 -8.35 24.40 31.42
C ASN E 130 -7.92 24.09 29.99
N ARG E 131 -6.90 24.78 29.47
CA ARG E 131 -6.39 24.61 28.07
C ARG E 131 -5.54 23.33 27.99
N ARG E 132 -5.14 22.99 26.76
CA ARG E 132 -4.40 21.74 26.42
C ARG E 132 -3.06 21.76 27.17
N LEU E 133 -2.78 20.74 27.98
CA LEU E 133 -1.59 20.73 28.87
C LEU E 133 -0.33 20.59 28.01
N ARG E 134 0.68 21.44 28.28
CA ARG E 134 2.07 21.28 27.78
C ARG E 134 2.90 20.62 28.88
N ILE E 135 3.42 19.41 28.62
CA ILE E 135 4.29 18.63 29.56
C ILE E 135 5.74 18.70 29.06
N ALA E 136 6.67 19.10 29.94
CA ALA E 136 8.13 19.16 29.67
C ALA E 136 8.82 18.09 30.52
N THR E 137 9.54 17.14 29.89
CA THR E 137 10.10 15.96 30.58
C THR E 137 11.14 15.23 29.73
N LYS E 138 12.11 14.57 30.41
CA LYS E 138 12.93 13.46 29.87
C LYS E 138 12.01 12.32 29.44
N TYR E 139 11.03 11.98 30.29
CA TYR E 139 10.22 10.75 30.24
C TYR E 139 9.02 10.96 29.32
N VAL E 140 9.30 11.22 28.04
CA VAL E 140 8.31 11.62 26.99
C VAL E 140 7.28 10.51 26.81
N ASN E 141 7.73 9.26 26.65
CA ASN E 141 6.87 8.07 26.40
C ASN E 141 6.04 7.76 27.65
N VAL E 142 6.65 7.82 28.84
CA VAL E 142 5.97 7.64 30.16
C VAL E 142 4.86 8.69 30.26
N ALA E 143 5.19 9.95 29.94
CA ALA E 143 4.27 11.09 29.97
C ALA E 143 3.05 10.79 29.09
N ARG E 144 3.27 10.47 27.83
CA ARG E 144 2.19 10.17 26.85
C ARG E 144 1.33 9.04 27.37
N ALA E 145 1.97 7.97 27.84
CA ALA E 145 1.31 6.75 28.39
C ALA E 145 0.38 7.15 29.55
N TYR E 146 0.91 7.87 30.55
CA TYR E 146 0.16 8.24 31.78
C TYR E 146 -1.07 9.08 31.41
N PHE E 147 -0.89 10.15 30.64
CA PHE E 147 -1.96 11.12 30.30
C PHE E 147 -2.98 10.45 29.37
N ALA E 148 -2.53 9.50 28.53
CA ALA E 148 -3.41 8.62 27.74
C ALA E 148 -4.35 7.86 28.70
N SER E 149 -3.78 7.20 29.71
CA SER E 149 -4.50 6.34 30.69
C SER E 149 -5.47 7.16 31.54
N GLN E 150 -5.22 8.46 31.71
CA GLN E 150 -6.12 9.40 32.44
C GLN E 150 -7.07 10.08 31.44
N GLY E 151 -7.12 9.60 30.18
CA GLY E 151 -8.00 10.09 29.12
C GLY E 151 -7.71 11.54 28.75
N GLN E 152 -6.51 12.05 29.05
CA GLN E 152 -6.09 13.44 28.76
C GLN E 152 -5.15 13.45 27.54
N GLN E 153 -5.37 14.39 26.62
CA GLN E 153 -4.49 14.66 25.46
C GLN E 153 -3.55 15.81 25.84
N VAL E 154 -2.24 15.61 25.64
CA VAL E 154 -1.17 16.57 26.05
C VAL E 154 -0.24 16.82 24.85
N ASP E 155 0.40 18.00 24.83
CA ASP E 155 1.61 18.31 24.04
C ASP E 155 2.83 18.03 24.93
N VAL E 156 3.77 17.22 24.46
CA VAL E 156 4.99 16.83 25.23
C VAL E 156 6.21 17.49 24.58
N ILE E 157 7.06 18.11 25.42
CA ILE E 157 8.34 18.76 25.02
C ILE E 157 9.49 17.96 25.65
N LYS E 158 10.37 17.41 24.82
CA LYS E 158 11.54 16.59 25.25
C LYS E 158 12.58 17.52 25.87
N LEU E 159 12.97 17.23 27.12
CA LEU E 159 14.12 17.87 27.83
C LEU E 159 15.15 16.79 28.19
N TYR E 160 16.43 17.03 27.90
CA TYR E 160 17.56 16.13 28.24
C TYR E 160 18.11 16.50 29.63
N GLY E 161 18.06 17.79 29.99
CA GLY E 161 18.63 18.33 31.24
C GLY E 161 17.60 18.50 32.34
N SER E 162 17.90 19.37 33.31
CA SER E 162 17.09 19.62 34.53
C SER E 162 15.75 20.24 34.15
N MET E 163 14.65 19.68 34.67
CA MET E 163 13.24 19.96 34.26
C MET E 163 12.58 20.97 35.19
N GLU E 164 13.13 21.19 36.39
CA GLU E 164 12.49 22.02 37.46
C GLU E 164 12.32 23.46 36.97
N LEU E 165 13.15 23.91 36.03
CA LEU E 165 13.14 25.28 35.45
C LEU E 165 11.95 25.45 34.50
N ALA E 166 11.47 24.37 33.88
CA ALA E 166 10.52 24.42 32.73
C ALA E 166 9.21 25.11 33.11
N PRO E 167 8.52 24.72 34.21
CA PRO E 167 7.28 25.39 34.61
C PRO E 167 7.46 26.87 35.00
N LEU E 168 8.63 27.23 35.53
CA LEU E 168 8.91 28.58 36.10
C LEU E 168 9.03 29.62 34.99
N VAL E 169 9.44 29.23 33.78
CA VAL E 169 9.55 30.14 32.60
C VAL E 169 8.45 29.77 31.59
N GLY E 170 7.46 28.99 32.01
CA GLY E 170 6.25 28.66 31.23
C GLY E 170 6.55 27.91 29.94
N LEU E 171 7.60 27.08 29.92
CA LEU E 171 7.89 26.14 28.82
C LEU E 171 6.81 25.05 28.81
N GLY E 172 6.56 24.46 29.98
CA GLY E 172 5.47 23.50 30.22
C GLY E 172 4.59 23.93 31.38
N ASP E 173 3.36 23.43 31.44
CA ASP E 173 2.42 23.63 32.57
C ASP E 173 2.84 22.72 33.71
N LEU E 174 3.05 21.43 33.42
CA LEU E 174 3.57 20.42 34.37
C LEU E 174 4.89 19.84 33.83
N ILE E 175 5.62 19.15 34.72
CA ILE E 175 6.77 18.27 34.37
C ILE E 175 6.44 16.87 34.85
N VAL E 176 7.02 15.86 34.18
CA VAL E 176 7.09 14.46 34.70
C VAL E 176 8.55 14.22 35.07
N ASP E 177 8.82 13.86 36.34
CA ASP E 177 10.19 13.67 36.87
C ASP E 177 10.14 12.66 38.02
N VAL E 178 11.31 12.18 38.42
CA VAL E 178 11.52 11.25 39.57
C VAL E 178 11.53 12.09 40.85
N VAL E 179 10.84 11.60 41.89
CA VAL E 179 10.61 12.31 43.18
C VAL E 179 10.81 11.31 44.33
N ASP E 180 11.63 11.65 45.33
CA ASP E 180 11.84 10.85 46.56
C ASP E 180 11.13 11.55 47.73
N THR E 181 11.76 12.56 48.34
CA THR E 181 11.22 13.33 49.50
C THR E 181 10.29 14.44 48.98
N GLY E 182 10.59 14.99 47.80
CA GLY E 182 9.90 16.15 47.22
C GLY E 182 10.64 17.45 47.51
N ASN E 183 11.83 17.36 48.12
CA ASN E 183 12.64 18.52 48.59
C ASN E 183 13.14 19.34 47.38
N THR E 184 13.60 18.67 46.31
CA THR E 184 14.15 19.34 45.09
C THR E 184 13.03 20.15 44.43
N LEU E 185 11.80 19.62 44.41
CA LEU E 185 10.60 20.31 43.87
C LEU E 185 10.31 21.58 44.69
N ARG E 186 10.15 21.43 46.01
CA ARG E 186 9.75 22.52 46.94
C ARG E 186 10.79 23.64 46.93
N ALA E 187 12.08 23.29 46.83
CA ALA E 187 13.22 24.24 46.80
C ALA E 187 13.22 25.08 45.52
N ASN E 188 12.50 24.64 44.48
CA ASN E 188 12.40 25.33 43.15
C ASN E 188 10.99 25.89 42.95
N GLY E 189 10.14 25.87 43.99
CA GLY E 189 8.80 26.46 43.97
C GLY E 189 7.77 25.57 43.30
N LEU E 190 8.06 24.28 43.11
CA LEU E 190 7.15 23.26 42.51
C LEU E 190 6.56 22.38 43.62
N GLU E 191 5.54 21.57 43.30
CA GLU E 191 4.94 20.57 44.22
C GLU E 191 4.39 19.40 43.39
N ALA E 192 4.55 18.17 43.89
CA ALA E 192 4.07 16.92 43.26
C ALA E 192 2.54 16.95 43.19
N ARG E 193 1.97 16.56 42.04
CA ARG E 193 0.51 16.49 41.81
C ARG E 193 0.07 15.01 41.82
N ASP E 194 0.27 14.28 40.71
CA ASP E 194 -0.24 12.91 40.50
C ASP E 194 0.91 11.89 40.62
N HIS E 195 0.62 10.72 41.19
CA HIS E 195 1.52 9.55 41.27
C HIS E 195 1.33 8.70 40.01
N ILE E 196 2.36 8.62 39.16
CA ILE E 196 2.32 7.84 37.87
C ILE E 196 2.58 6.37 38.19
N CYS E 197 3.71 6.06 38.82
CA CYS E 197 4.09 4.68 39.25
C CYS E 197 5.31 4.71 40.19
N ASP E 198 5.57 3.59 40.86
CA ASP E 198 6.73 3.39 41.78
C ASP E 198 7.97 3.01 40.96
N VAL E 199 9.13 3.50 41.38
CA VAL E 199 10.44 3.30 40.69
C VAL E 199 11.42 2.63 41.66
N SER E 200 12.08 1.56 41.20
CA SER E 200 13.26 0.93 41.85
C SER E 200 14.24 0.47 40.75
N SER E 201 15.53 0.47 41.06
CA SER E 201 16.59 -0.09 40.17
C SER E 201 16.33 -1.59 39.99
N ARG E 202 16.47 -2.08 38.76
CA ARG E 202 16.21 -3.49 38.36
C ARG E 202 17.50 -4.09 37.77
N LEU E 203 17.68 -5.40 37.90
CA LEU E 203 18.73 -6.17 37.19
C LEU E 203 18.16 -6.62 35.84
N ILE E 204 18.70 -6.08 34.74
CA ILE E 204 18.38 -6.49 33.35
C ILE E 204 19.53 -7.33 32.79
N VAL E 205 19.20 -8.29 31.92
CA VAL E 205 20.15 -9.26 31.32
C VAL E 205 19.87 -9.34 29.81
N ASN E 206 20.92 -9.28 28.99
CA ASN E 206 20.88 -9.56 27.53
C ASN E 206 20.31 -10.96 27.33
N GLN E 207 19.33 -11.12 26.43
CA GLN E 207 18.60 -12.39 26.17
C GLN E 207 19.60 -13.50 25.80
N VAL E 208 20.59 -13.18 24.97
CA VAL E 208 21.61 -14.15 24.47
C VAL E 208 22.55 -14.50 25.64
N SER E 209 23.00 -13.51 26.41
CA SER E 209 23.91 -13.70 27.58
C SER E 209 23.27 -14.65 28.59
N TYR E 210 21.95 -14.56 28.80
CA TYR E 210 21.19 -15.41 29.77
C TYR E 210 21.21 -16.87 29.31
N LYS E 211 21.14 -17.11 27.99
CA LYS E 211 21.12 -18.47 27.40
C LYS E 211 22.54 -19.06 27.37
N ARG E 212 23.52 -18.26 26.96
CA ARG E 212 24.90 -18.73 26.60
C ARG E 212 25.84 -18.69 27.80
N LYS E 213 25.63 -17.78 28.76
CA LYS E 213 26.56 -17.58 29.92
C LYS E 213 25.83 -17.77 31.25
N PHE E 214 24.81 -18.62 31.30
CA PHE E 214 23.98 -18.86 32.51
C PHE E 214 24.85 -19.42 33.64
N ALA E 215 25.86 -20.22 33.32
CA ALA E 215 26.81 -20.85 34.27
C ALA E 215 27.58 -19.77 35.03
N LEU E 216 27.99 -18.70 34.33
CA LEU E 216 28.74 -17.55 34.93
C LEU E 216 27.77 -16.65 35.70
N LEU E 217 26.52 -16.53 35.22
CA LEU E 217 25.49 -15.61 35.79
C LEU E 217 24.91 -16.20 37.09
N GLU E 218 24.49 -17.48 37.07
CA GLU E 218 23.67 -18.12 38.13
C GLU E 218 24.22 -17.81 39.52
N PRO E 219 25.54 -17.93 39.79
CA PRO E 219 26.08 -17.64 41.11
C PRO E 219 25.80 -16.20 41.62
N ILE E 220 25.84 -15.22 40.70
CA ILE E 220 25.67 -13.77 41.01
C ILE E 220 24.17 -13.46 41.15
N LEU E 221 23.31 -14.08 40.33
CA LEU E 221 21.84 -13.92 40.37
C LEU E 221 21.28 -14.45 41.71
N ASP E 222 21.81 -15.57 42.19
CA ASP E 222 21.42 -16.20 43.49
C ASP E 222 21.85 -15.29 44.64
N SER E 223 23.06 -14.73 44.58
CA SER E 223 23.62 -13.81 45.59
C SER E 223 22.82 -12.50 45.64
N PHE E 224 22.27 -12.08 44.49
CA PHE E 224 21.38 -10.89 44.38
C PHE E 224 19.99 -11.26 44.90
N LYS E 225 19.48 -12.44 44.53
CA LYS E 225 18.19 -13.02 45.01
C LYS E 225 18.24 -13.14 46.54
N ASN E 226 19.39 -13.55 47.08
CA ASN E 226 19.63 -13.78 48.54
C ASN E 226 19.69 -12.43 49.27
N SER E 227 20.36 -11.43 48.69
CA SER E 227 20.62 -10.11 49.30
C SER E 227 19.31 -9.32 49.51
N ILE E 228 18.26 -9.60 48.72
CA ILE E 228 17.03 -8.75 48.66
C ILE E 228 15.91 -9.44 49.45
N PHE F 22 7.70 38.61 33.94
CA PHE F 22 8.96 39.16 33.33
C PHE F 22 8.71 39.51 31.86
N LEU F 23 9.04 40.76 31.48
CA LEU F 23 8.60 41.41 30.22
C LEU F 23 9.77 41.60 29.24
N GLY F 24 11.02 41.44 29.70
CA GLY F 24 12.25 41.70 28.90
C GLY F 24 12.77 40.45 28.19
N LEU F 25 14.06 40.42 27.87
CA LEU F 25 14.73 39.32 27.12
C LEU F 25 15.23 38.25 28.09
N THR F 26 14.96 36.98 27.77
CA THR F 26 15.52 35.77 28.44
C THR F 26 16.56 35.15 27.51
N LEU F 27 17.83 35.15 27.93
CA LEU F 27 18.97 34.61 27.14
C LEU F 27 19.30 33.19 27.63
N ALA F 28 19.21 32.21 26.74
CA ALA F 28 19.52 30.77 27.00
C ALA F 28 21.00 30.52 26.70
N LEU F 29 21.76 30.12 27.72
CA LEU F 29 23.23 29.84 27.61
C LEU F 29 23.50 28.40 28.03
N SER F 30 24.34 27.71 27.25
CA SER F 30 24.94 26.38 27.56
C SER F 30 26.04 26.58 28.60
N LYS F 31 26.14 25.68 29.57
CA LYS F 31 27.25 25.64 30.58
C LYS F 31 28.55 25.24 29.88
N GLY F 32 29.70 25.54 30.51
CA GLY F 32 31.03 25.09 30.06
C GLY F 32 31.68 26.06 29.10
N ARG F 33 32.25 25.56 28.00
CA ARG F 33 33.08 26.31 27.01
C ARG F 33 32.29 27.50 26.46
N ILE F 34 31.04 27.25 26.05
CA ILE F 34 30.12 28.28 25.45
C ILE F 34 29.96 29.45 26.43
N LEU F 35 29.69 29.16 27.70
CA LEU F 35 29.42 30.18 28.77
C LEU F 35 30.62 31.11 28.94
N GLU F 36 31.82 30.55 29.10
CA GLU F 36 33.07 31.31 29.41
C GLU F 36 33.43 32.24 28.24
N GLU F 37 33.21 31.79 27.01
CA GLU F 37 33.60 32.51 25.76
C GLU F 37 32.54 33.55 25.37
N THR F 38 31.34 33.48 25.96
CA THR F 38 30.20 34.39 25.67
C THR F 38 30.23 35.62 26.58
N MET F 39 30.74 35.47 27.82
CA MET F 39 30.73 36.55 28.86
C MET F 39 31.36 37.83 28.32
N PRO F 40 32.53 37.78 27.63
CA PRO F 40 33.12 38.99 27.04
C PRO F 40 32.20 39.73 26.05
N LEU F 41 31.52 38.99 25.16
CA LEU F 41 30.59 39.56 24.15
C LEU F 41 29.43 40.25 24.89
N LEU F 42 28.91 39.60 25.94
CA LEU F 42 27.80 40.09 26.81
C LEU F 42 28.23 41.39 27.50
N ARG F 43 29.38 41.36 28.21
CA ARG F 43 29.96 42.53 28.93
C ARG F 43 29.96 43.76 28.02
N ALA F 44 30.37 43.58 26.75
CA ALA F 44 30.49 44.64 25.72
C ALA F 44 29.09 45.12 25.30
N ALA F 45 28.07 44.26 25.41
CA ALA F 45 26.65 44.54 25.06
C ALA F 45 25.91 45.15 26.26
N GLY F 46 26.57 45.27 27.42
CA GLY F 46 26.03 45.89 28.64
C GLY F 46 25.33 44.87 29.54
N VAL F 47 25.69 43.60 29.41
CA VAL F 47 25.07 42.46 30.16
C VAL F 47 26.17 41.70 30.91
N GLU F 48 26.37 42.02 32.19
CA GLU F 48 27.23 41.24 33.12
C GLU F 48 26.32 40.39 34.03
N LEU F 49 26.61 39.10 34.14
CA LEU F 49 25.76 38.11 34.85
C LEU F 49 25.94 38.30 36.36
N LEU F 50 25.08 37.67 37.14
CA LEU F 50 25.11 37.64 38.64
C LEU F 50 25.96 36.45 39.14
N ALA F 55 29.95 27.76 38.00
CA ALA F 55 30.44 28.21 39.34
C ALA F 55 29.27 28.62 40.25
N SER F 56 28.06 28.09 40.04
CA SER F 56 26.82 28.46 40.76
C SER F 56 25.80 27.31 40.62
N ARG F 57 24.93 27.14 41.63
CA ARG F 57 23.90 26.06 41.69
C ARG F 57 22.53 26.62 41.29
N LYS F 58 22.48 27.76 40.58
CA LYS F 58 21.24 28.54 40.28
C LYS F 58 21.04 28.63 38.75
N LEU F 59 19.78 28.63 38.29
CA LEU F 59 19.42 28.41 36.86
C LEU F 59 18.79 29.66 36.22
N ILE F 60 18.16 30.56 37.01
CA ILE F 60 17.74 31.92 36.55
C ILE F 60 18.67 32.96 37.17
N PHE F 61 19.40 33.70 36.33
CA PHE F 61 20.40 34.72 36.75
C PHE F 61 19.97 36.11 36.30
N PRO F 62 19.83 37.10 37.23
CA PRO F 62 19.69 38.49 36.84
C PRO F 62 21.02 39.08 36.34
N THR F 63 20.96 40.16 35.56
CA THR F 63 22.15 40.85 34.96
C THR F 63 22.08 42.35 35.27
N SER F 64 23.16 43.09 34.94
CA SER F 64 23.31 44.55 35.21
C SER F 64 22.28 45.34 34.41
N ASN F 65 21.95 44.89 33.19
CA ASN F 65 20.76 45.33 32.41
C ASN F 65 19.54 44.63 32.99
N PRO F 66 18.60 45.34 33.65
CA PRO F 66 17.46 44.69 34.30
C PRO F 66 16.39 44.19 33.31
N ASN F 67 16.55 44.50 32.01
CA ASN F 67 15.71 43.98 30.90
C ASN F 67 16.11 42.53 30.58
N VAL F 68 17.40 42.21 30.63
CA VAL F 68 17.97 40.89 30.24
C VAL F 68 18.17 40.02 31.49
N ARG F 69 17.74 38.76 31.42
CA ARG F 69 18.07 37.68 32.40
C ARG F 69 18.61 36.49 31.61
N VAL F 70 19.32 35.57 32.28
CA VAL F 70 20.01 34.42 31.64
C VAL F 70 19.50 33.11 32.25
N LEU F 71 19.28 32.11 31.39
CA LEU F 71 19.05 30.69 31.77
C LEU F 71 20.32 29.88 31.48
N ILE F 72 20.78 29.11 32.47
CA ILE F 72 21.89 28.13 32.32
C ILE F 72 21.28 26.75 32.09
N LEU F 73 21.42 26.24 30.87
CA LEU F 73 20.80 24.98 30.39
C LEU F 73 21.89 24.00 29.97
N ARG F 74 21.54 22.71 29.82
CA ARG F 74 22.32 21.74 29.02
C ARG F 74 22.25 22.23 27.57
N ALA F 75 23.38 22.17 26.84
CA ALA F 75 23.54 22.71 25.47
C ALA F 75 22.41 22.25 24.55
N SER F 76 21.96 20.99 24.70
CA SER F 76 20.94 20.33 23.85
C SER F 76 19.54 20.92 24.07
N ASP F 77 19.30 21.58 25.21
CA ASP F 77 17.96 22.14 25.58
C ASP F 77 17.80 23.59 25.10
N VAL F 78 18.88 24.26 24.69
CA VAL F 78 18.87 25.70 24.30
C VAL F 78 17.93 25.90 23.09
N PRO F 79 18.09 25.14 21.98
CA PRO F 79 17.16 25.28 20.84
C PRO F 79 15.69 25.09 21.24
N THR F 80 15.42 24.15 22.16
CA THR F 80 14.07 23.79 22.66
C THR F 80 13.44 25.00 23.36
N TYR F 81 14.15 25.57 24.34
CA TYR F 81 13.70 26.74 25.15
C TYR F 81 13.46 27.94 24.23
N VAL F 82 14.31 28.13 23.22
CA VAL F 82 14.25 29.31 22.30
C VAL F 82 13.08 29.14 21.32
N GLU F 83 12.96 27.98 20.67
CA GLU F 83 11.90 27.75 19.64
C GLU F 83 10.50 27.86 20.28
N HIS F 84 10.35 27.51 21.56
CA HIS F 84 9.06 27.55 22.31
C HIS F 84 8.84 28.91 22.99
N GLY F 85 9.83 29.82 22.94
CA GLY F 85 9.71 31.20 23.42
C GLY F 85 9.90 31.33 24.93
N ALA F 86 10.23 30.25 25.63
CA ALA F 86 10.60 30.26 27.07
C ALA F 86 11.89 31.06 27.25
N ALA F 87 12.74 31.07 26.21
CA ALA F 87 13.86 32.02 26.02
C ALA F 87 13.64 32.77 24.71
N ASP F 88 14.05 34.03 24.65
CA ASP F 88 13.82 34.94 23.49
C ASP F 88 14.94 34.73 22.48
N PHE F 89 16.14 34.41 22.96
CA PHE F 89 17.35 34.15 22.13
C PHE F 89 18.35 33.34 22.97
N GLY F 90 19.28 32.67 22.31
CA GLY F 90 20.25 31.77 22.97
C GLY F 90 21.53 31.61 22.17
N VAL F 91 22.52 30.96 22.79
CA VAL F 91 23.82 30.58 22.18
C VAL F 91 23.96 29.06 22.26
N ALA F 92 24.00 28.39 21.11
CA ALA F 92 24.18 26.93 20.97
C ALA F 92 25.09 26.65 19.78
N GLY F 93 25.88 25.57 19.87
CA GLY F 93 26.78 25.11 18.79
C GLY F 93 26.00 24.66 17.57
N LYS F 94 26.58 24.83 16.38
CA LYS F 94 26.02 24.35 15.08
C LYS F 94 25.76 22.84 15.19
N ASP F 95 26.55 22.12 16.01
CA ASP F 95 26.40 20.67 16.30
C ASP F 95 25.00 20.40 16.87
N VAL F 96 24.60 21.12 17.92
CA VAL F 96 23.28 20.95 18.59
C VAL F 96 22.17 21.41 17.64
N LEU F 97 22.38 22.51 16.90
CA LEU F 97 21.39 23.09 15.96
C LEU F 97 21.15 22.12 14.80
N LEU F 98 22.21 21.51 14.26
CA LEU F 98 22.10 20.55 13.11
C LEU F 98 21.33 19.31 13.55
N GLU F 99 21.66 18.79 14.75
CA GLU F 99 21.04 17.57 15.34
C GLU F 99 19.55 17.81 15.61
N HIS F 100 19.23 18.95 16.23
CA HIS F 100 17.86 19.34 16.69
C HIS F 100 16.97 19.71 15.49
N GLY F 101 17.55 20.36 14.48
CA GLY F 101 16.79 21.06 13.42
C GLY F 101 16.37 22.45 13.87
N ALA F 102 16.88 23.50 13.23
CA ALA F 102 16.70 24.92 13.63
C ALA F 102 15.72 25.62 12.68
N ASN F 103 14.62 24.95 12.31
CA ASN F 103 13.64 25.48 11.31
C ASN F 103 12.74 26.53 11.98
N HIS F 104 12.55 26.45 13.29
CA HIS F 104 11.55 27.25 14.07
C HIS F 104 12.22 28.45 14.76
N VAL F 105 13.54 28.62 14.59
CA VAL F 105 14.32 29.77 15.16
C VAL F 105 15.07 30.47 14.02
N TYR F 106 15.63 31.65 14.30
CA TYR F 106 16.50 32.43 13.38
C TYR F 106 17.96 32.32 13.86
N GLU F 107 18.85 31.80 13.01
CA GLU F 107 20.32 31.79 13.23
C GLU F 107 20.88 33.11 12.68
N LEU F 108 20.92 34.14 13.52
CA LEU F 108 21.26 35.54 13.12
C LEU F 108 22.77 35.72 12.97
N LEU F 109 23.57 35.10 13.85
CA LEU F 109 25.03 35.36 13.94
C LEU F 109 25.82 34.06 14.12
N ASP F 110 26.85 33.86 13.29
CA ASP F 110 28.01 32.98 13.59
C ASP F 110 28.94 33.78 14.52
N LEU F 111 29.06 33.36 15.79
CA LEU F 111 29.80 34.08 16.84
C LEU F 111 31.31 33.76 16.77
N LYS F 112 31.68 32.66 16.10
CA LYS F 112 33.09 32.21 15.89
C LYS F 112 33.74 31.95 17.25
N ILE F 113 32.97 31.48 18.23
CA ILE F 113 33.45 31.06 19.58
C ILE F 113 33.23 29.56 19.73
N ALA F 114 33.85 28.94 20.73
CA ALA F 114 33.83 27.49 21.04
C ALA F 114 33.94 26.70 19.73
N GLN F 115 35.01 26.93 18.97
CA GLN F 115 35.28 26.25 17.68
C GLN F 115 35.72 24.81 17.96
N CYS F 116 35.17 23.87 17.18
CA CYS F 116 35.53 22.44 17.15
C CYS F 116 35.01 21.84 15.84
N LYS F 117 35.10 20.52 15.67
CA LYS F 117 34.60 19.82 14.45
C LYS F 117 33.79 18.59 14.86
N LEU F 118 32.72 18.29 14.12
CA LEU F 118 32.04 16.97 14.14
C LEU F 118 32.82 16.01 13.24
N MET F 119 33.26 14.87 13.78
CA MET F 119 34.01 13.83 13.01
C MET F 119 33.47 12.44 13.37
N THR F 120 33.63 11.49 12.45
CA THR F 120 33.55 10.03 12.73
C THR F 120 34.87 9.65 13.42
N ALA F 121 34.83 8.65 14.30
CA ALA F 121 36.01 8.12 15.02
C ALA F 121 35.83 6.62 15.28
N GLY F 122 36.92 5.84 15.19
CA GLY F 122 36.94 4.40 15.47
C GLY F 122 38.14 4.01 16.30
N VAL F 123 38.25 2.73 16.66
CA VAL F 123 39.41 2.16 17.41
C VAL F 123 40.65 2.34 16.53
N LYS F 124 41.78 2.67 17.14
CA LYS F 124 43.09 2.89 16.48
C LYS F 124 43.47 1.67 15.62
N ASP F 125 43.50 1.84 14.29
CA ASP F 125 44.01 0.89 13.27
C ASP F 125 43.01 -0.25 12.99
N ALA F 126 41.98 -0.43 13.82
CA ALA F 126 40.93 -1.46 13.69
C ALA F 126 40.24 -1.31 12.34
N PRO F 127 40.01 -2.41 11.59
CA PRO F 127 39.47 -2.32 10.23
C PRO F 127 37.93 -2.36 10.18
N LEU F 128 37.35 -1.76 9.13
CA LEU F 128 35.89 -1.74 8.86
C LEU F 128 35.40 -3.17 8.71
N PRO F 129 34.31 -3.58 9.39
CA PRO F 129 33.69 -4.88 9.13
C PRO F 129 32.97 -4.86 7.77
N ASN F 130 32.49 -6.01 7.32
CA ASN F 130 31.87 -6.21 5.97
C ASN F 130 30.36 -5.92 6.05
N ARG F 131 29.78 -5.86 7.25
CA ARG F 131 28.33 -5.61 7.46
C ARG F 131 28.02 -4.12 7.21
N ARG F 132 26.74 -3.74 7.31
CA ARG F 132 26.30 -2.33 7.48
C ARG F 132 26.96 -1.77 8.74
N LEU F 133 27.69 -0.64 8.62
CA LEU F 133 28.37 0.05 9.75
C LEU F 133 27.36 0.42 10.84
N ARG F 134 27.68 0.11 12.09
CA ARG F 134 26.90 0.50 13.30
C ARG F 134 27.56 1.73 13.92
N ILE F 135 26.85 2.86 13.93
CA ILE F 135 27.31 4.19 14.45
C ILE F 135 26.62 4.44 15.79
N ALA F 136 27.40 4.73 16.83
CA ALA F 136 26.94 5.04 18.20
C ALA F 136 27.24 6.52 18.49
N THR F 137 26.22 7.34 18.79
CA THR F 137 26.37 8.81 18.87
C THR F 137 25.15 9.49 19.52
N LYS F 138 25.39 10.62 20.17
CA LYS F 138 24.37 11.67 20.49
C LYS F 138 23.75 12.17 19.18
N TYR F 139 24.60 12.45 18.19
CA TYR F 139 24.27 13.19 16.95
C TYR F 139 23.71 12.24 15.90
N VAL F 140 22.57 11.63 16.21
CA VAL F 140 21.92 10.55 15.39
C VAL F 140 21.57 11.09 14.00
N ASN F 141 20.93 12.26 13.94
CA ASN F 141 20.45 12.89 12.68
C ASN F 141 21.63 13.38 11.86
N VAL F 142 22.65 13.97 12.51
CA VAL F 142 23.93 14.41 11.87
C VAL F 142 24.59 13.17 11.24
N ALA F 143 24.64 12.08 12.01
CA ALA F 143 25.21 10.78 11.57
C ALA F 143 24.52 10.32 10.29
N ARG F 144 23.19 10.20 10.31
CA ARG F 144 22.38 9.76 9.15
C ARG F 144 22.64 10.68 7.96
N ALA F 145 22.62 11.99 8.19
CA ALA F 145 22.85 13.04 7.16
C ALA F 145 24.22 12.83 6.49
N TYR F 146 25.28 12.74 7.29
CA TYR F 146 26.68 12.60 6.77
C TYR F 146 26.81 11.34 5.92
N PHE F 147 26.42 10.19 6.46
CA PHE F 147 26.58 8.86 5.80
C PHE F 147 25.66 8.80 4.58
N ALA F 148 24.51 9.48 4.60
CA ALA F 148 23.63 9.69 3.43
C ALA F 148 24.44 10.37 2.32
N SER F 149 25.09 11.49 2.64
CA SER F 149 25.85 12.35 1.70
C SER F 149 27.07 11.59 1.14
N GLN F 150 27.59 10.60 1.86
CA GLN F 150 28.70 9.71 1.40
C GLN F 150 28.12 8.46 0.73
N GLY F 151 26.81 8.43 0.45
CA GLY F 151 26.10 7.33 -0.23
C GLY F 151 26.12 6.04 0.56
N GLN F 152 26.34 6.10 1.87
CA GLN F 152 26.40 4.91 2.79
C GLN F 152 25.09 4.84 3.60
N GLN F 153 24.51 3.65 3.74
CA GLN F 153 23.42 3.35 4.70
C GLN F 153 24.06 2.78 5.97
N VAL F 154 23.68 3.30 7.13
CA VAL F 154 24.25 2.91 8.46
C VAL F 154 23.12 2.57 9.42
N ASP F 155 23.41 1.71 10.41
CA ASP F 155 22.58 1.47 11.61
C ASP F 155 23.07 2.39 12.72
N VAL F 156 22.18 3.18 13.32
CA VAL F 156 22.54 4.24 14.31
C VAL F 156 22.01 3.83 15.68
N ILE F 157 22.85 3.92 16.71
CA ILE F 157 22.51 3.67 18.14
C ILE F 157 22.60 5.00 18.88
N LYS F 158 21.49 5.45 19.47
CA LYS F 158 21.39 6.73 20.21
C LYS F 158 22.09 6.55 21.57
N LEU F 159 23.08 7.41 21.86
CA LEU F 159 23.78 7.48 23.17
C LEU F 159 23.58 8.89 23.74
N TYR F 160 23.17 8.94 25.02
CA TYR F 160 22.97 10.20 25.79
C TYR F 160 24.28 10.59 26.49
N GLY F 161 25.08 9.60 26.89
CA GLY F 161 26.31 9.79 27.71
C GLY F 161 27.57 9.78 26.88
N SER F 162 28.71 9.48 27.50
CA SER F 162 30.06 9.43 26.89
C SER F 162 30.12 8.33 25.84
N MET F 163 30.61 8.66 24.63
CA MET F 163 30.55 7.82 23.42
C MET F 163 31.86 7.05 23.19
N GLU F 164 32.96 7.51 23.83
CA GLU F 164 34.33 6.98 23.60
C GLU F 164 34.39 5.48 23.97
N LEU F 165 33.52 5.05 24.89
CA LEU F 165 33.44 3.65 25.38
C LEU F 165 32.85 2.72 24.30
N ALA F 166 31.99 3.24 23.43
CA ALA F 166 31.10 2.45 22.53
C ALA F 166 31.93 1.55 21.61
N PRO F 167 32.94 2.06 20.86
CA PRO F 167 33.75 1.21 19.99
C PRO F 167 34.57 0.14 20.74
N LEU F 168 35.00 0.45 21.98
CA LEU F 168 35.94 -0.39 22.77
C LEU F 168 35.25 -1.68 23.24
N VAL F 169 33.93 -1.66 23.43
CA VAL F 169 33.13 -2.86 23.84
C VAL F 169 32.25 -3.31 22.67
N GLY F 170 32.55 -2.81 21.46
CA GLY F 170 31.93 -3.25 20.19
C GLY F 170 30.43 -3.00 20.15
N LEU F 171 29.97 -1.91 20.79
CA LEU F 171 28.56 -1.44 20.67
C LEU F 171 28.36 -0.90 19.26
N GLY F 172 29.27 -0.02 18.83
CA GLY F 172 29.32 0.55 17.46
C GLY F 172 30.69 0.36 16.85
N ASP F 173 30.77 0.40 15.52
CA ASP F 173 32.04 0.31 14.75
C ASP F 173 32.73 1.68 14.83
N LEU F 174 32.00 2.75 14.53
CA LEU F 174 32.46 4.16 14.65
C LEU F 174 31.56 4.91 15.63
N ILE F 175 32.02 6.09 16.06
CA ILE F 175 31.20 7.10 16.80
C ILE F 175 31.25 8.40 15.98
N VAL F 176 30.21 9.24 16.12
CA VAL F 176 30.22 10.66 15.67
C VAL F 176 30.23 11.51 16.94
N ASP F 177 31.24 12.37 17.11
CA ASP F 177 31.38 13.25 18.30
C ASP F 177 32.09 14.54 17.89
N VAL F 178 32.08 15.52 18.78
CA VAL F 178 32.78 16.83 18.64
C VAL F 178 34.25 16.62 19.04
N VAL F 179 35.17 17.20 18.25
CA VAL F 179 36.64 17.04 18.39
C VAL F 179 37.28 18.43 18.27
N ASP F 180 38.12 18.80 19.25
CA ASP F 180 38.93 20.03 19.27
C ASP F 180 40.40 19.64 19.02
N THR F 181 41.13 19.19 20.05
CA THR F 181 42.56 18.80 19.95
C THR F 181 42.67 17.35 19.43
N GLY F 182 41.72 16.50 19.81
CA GLY F 182 41.72 15.05 19.52
C GLY F 182 42.27 14.23 20.68
N ASN F 183 42.56 14.90 21.81
CA ASN F 183 43.24 14.32 23.00
C ASN F 183 42.34 13.27 23.65
N THR F 184 41.04 13.56 23.79
CA THR F 184 40.05 12.67 24.45
C THR F 184 39.94 11.36 23.66
N LEU F 185 39.99 11.43 22.33
CA LEU F 185 39.97 10.24 21.42
C LEU F 185 41.22 9.38 21.67
N ARG F 186 42.40 10.00 21.53
CA ARG F 186 43.72 9.31 21.60
C ARG F 186 43.91 8.65 22.97
N ALA F 187 43.45 9.31 24.05
CA ALA F 187 43.55 8.84 25.45
C ALA F 187 42.67 7.60 25.69
N ASN F 188 41.70 7.35 24.81
CA ASN F 188 40.74 6.21 24.92
C ASN F 188 41.01 5.18 23.80
N GLY F 189 42.11 5.34 23.06
CA GLY F 189 42.55 4.38 22.01
C GLY F 189 41.78 4.54 20.71
N LEU F 190 41.12 5.67 20.53
CA LEU F 190 40.34 6.02 19.29
C LEU F 190 41.17 7.00 18.47
N GLU F 191 40.79 7.15 17.19
CA GLU F 191 41.43 8.12 16.25
C GLU F 191 40.35 8.65 15.30
N ALA F 192 40.39 9.94 15.02
CA ALA F 192 39.47 10.63 14.07
C ALA F 192 39.66 10.04 12.67
N ARG F 193 38.56 9.76 11.96
CA ARG F 193 38.57 9.23 10.57
C ARG F 193 38.18 10.37 9.62
N ASP F 194 36.89 10.68 9.50
CA ASP F 194 36.33 11.64 8.51
C ASP F 194 35.94 12.94 9.20
N HIS F 195 36.13 14.07 8.50
CA HIS F 195 35.64 15.42 8.89
C HIS F 195 34.23 15.62 8.33
N ILE F 196 33.23 15.72 9.20
CA ILE F 196 31.79 15.88 8.82
C ILE F 196 31.54 17.35 8.48
N CYS F 197 31.81 18.26 9.41
CA CYS F 197 31.67 19.73 9.23
C CYS F 197 32.31 20.49 10.39
N ASP F 198 32.51 21.80 10.20
CA ASP F 198 33.07 22.75 11.20
C ASP F 198 31.94 23.20 12.13
N VAL F 199 32.25 23.35 13.43
CA VAL F 199 31.27 23.72 14.50
C VAL F 199 31.73 25.04 15.15
N SER F 200 30.79 25.99 15.26
CA SER F 200 30.93 27.22 16.08
C SER F 200 29.59 27.51 16.76
N SER F 201 29.62 28.11 17.95
CA SER F 201 28.41 28.60 18.67
C SER F 201 27.75 29.69 17.83
N ARG F 202 26.42 29.65 17.74
CA ARG F 202 25.60 30.60 16.94
C ARG F 202 24.59 31.30 17.85
N LEU F 203 24.23 32.54 17.51
CA LEU F 203 23.14 33.29 18.18
C LEU F 203 21.82 32.97 17.47
N ILE F 204 20.92 32.27 18.15
CA ILE F 204 19.54 31.92 17.66
C ILE F 204 18.53 32.81 18.39
N VAL F 205 17.43 33.15 17.70
CA VAL F 205 16.36 34.04 18.22
C VAL F 205 15.00 33.41 17.89
N ASN F 206 14.10 33.40 18.87
CA ASN F 206 12.66 33.03 18.70
C ASN F 206 12.05 33.95 17.64
N GLN F 207 11.34 33.39 16.66
CA GLN F 207 10.73 34.12 15.52
C GLN F 207 9.83 35.26 16.02
N VAL F 208 9.03 34.99 17.06
CA VAL F 208 8.05 35.96 17.64
C VAL F 208 8.83 37.04 18.39
N SER F 209 9.83 36.66 19.19
CA SER F 209 10.68 37.58 19.98
C SER F 209 11.39 38.59 19.04
N TYR F 210 11.81 38.16 17.85
CA TYR F 210 12.48 39.01 16.84
C TYR F 210 11.50 40.08 16.31
N LYS F 211 10.22 39.75 16.17
CA LYS F 211 9.16 40.65 15.65
C LYS F 211 8.70 41.60 16.77
N ARG F 212 8.48 41.09 17.99
CA ARG F 212 7.83 41.81 19.11
C ARG F 212 8.83 42.61 19.96
N LYS F 213 10.08 42.13 20.09
CA LYS F 213 11.07 42.68 21.05
C LYS F 213 12.34 43.14 20.31
N PHE F 214 12.24 43.53 19.04
CA PHE F 214 13.39 43.92 18.18
C PHE F 214 14.10 45.14 18.78
N ALA F 215 13.34 46.05 19.39
CA ALA F 215 13.84 47.29 20.03
C ALA F 215 14.81 46.94 21.17
N LEU F 216 14.50 45.91 21.96
CA LEU F 216 15.36 45.43 23.08
C LEU F 216 16.53 44.61 22.54
N LEU F 217 16.34 43.90 21.43
CA LEU F 217 17.35 42.98 20.83
C LEU F 217 18.42 43.79 20.08
N GLU F 218 18.01 44.71 19.20
CA GLU F 218 18.89 45.39 18.20
C GLU F 218 20.19 45.88 18.86
N PRO F 219 20.15 46.56 20.04
CA PRO F 219 21.37 47.05 20.69
C PRO F 219 22.38 45.95 21.02
N ILE F 220 21.91 44.76 21.41
CA ILE F 220 22.75 43.60 21.82
C ILE F 220 23.31 42.90 20.56
N LEU F 221 22.51 42.80 19.50
CA LEU F 221 22.90 42.17 18.20
C LEU F 221 24.02 42.99 17.55
N ASP F 222 23.92 44.33 17.60
CA ASP F 222 24.93 45.28 17.06
C ASP F 222 26.24 45.15 17.86
N SER F 223 26.15 45.05 19.19
CA SER F 223 27.32 44.90 20.10
C SER F 223 28.02 43.55 19.88
N PHE F 224 27.25 42.52 19.48
CA PHE F 224 27.77 41.18 19.11
C PHE F 224 28.41 41.26 17.72
N LYS F 225 27.81 41.96 16.76
CA LYS F 225 28.49 42.37 15.49
C LYS F 225 29.79 43.12 15.82
N PHE G 22 -43.05 2.32 -15.44
CA PHE G 22 -43.66 0.98 -15.17
C PHE G 22 -43.40 0.58 -13.71
N LEU G 23 -44.48 0.18 -13.00
CA LEU G 23 -44.54 0.08 -11.52
C LEU G 23 -44.60 -1.39 -11.06
N GLY G 24 -44.90 -2.33 -11.96
CA GLY G 24 -45.09 -3.75 -11.64
C GLY G 24 -43.82 -4.57 -11.81
N LEU G 25 -43.97 -5.88 -12.05
CA LEU G 25 -42.85 -6.86 -12.16
C LEU G 25 -42.40 -6.96 -13.62
N THR G 26 -41.08 -6.93 -13.84
CA THR G 26 -40.43 -7.23 -15.14
C THR G 26 -39.75 -8.61 -15.02
N LEU G 27 -40.23 -9.59 -15.80
CA LEU G 27 -39.72 -10.98 -15.80
C LEU G 27 -38.73 -11.17 -16.96
N ALA G 28 -37.48 -11.53 -16.65
CA ALA G 28 -36.40 -11.80 -17.62
C ALA G 28 -36.42 -13.28 -17.99
N LEU G 29 -36.65 -13.60 -19.27
CA LEU G 29 -36.69 -14.98 -19.79
C LEU G 29 -35.64 -15.16 -20.89
N SER G 30 -34.94 -16.30 -20.86
CA SER G 30 -34.06 -16.80 -21.95
C SER G 30 -34.95 -17.33 -23.09
N LYS G 31 -34.58 -17.06 -24.34
CA LYS G 31 -35.29 -17.61 -25.54
C LYS G 31 -34.97 -19.11 -25.65
N GLY G 32 -35.78 -19.86 -26.40
CA GLY G 32 -35.55 -21.30 -26.70
C GLY G 32 -36.17 -22.22 -25.67
N ARG G 33 -35.40 -23.22 -25.21
CA ARG G 33 -35.85 -24.32 -24.31
C ARG G 33 -36.49 -23.75 -23.04
N ILE G 34 -35.82 -22.79 -22.40
CA ILE G 34 -36.23 -22.15 -21.12
C ILE G 34 -37.63 -21.53 -21.30
N LEU G 35 -37.82 -20.78 -22.39
CA LEU G 35 -39.07 -20.01 -22.69
C LEU G 35 -40.26 -20.96 -22.80
N GLU G 36 -40.12 -22.03 -23.60
CA GLU G 36 -41.23 -22.98 -23.92
C GLU G 36 -41.67 -23.72 -22.65
N GLU G 37 -40.71 -24.07 -21.77
CA GLU G 37 -40.94 -24.89 -20.55
C GLU G 37 -41.44 -24.02 -19.39
N THR G 38 -41.32 -22.69 -19.50
CA THR G 38 -41.74 -21.70 -18.46
C THR G 38 -43.19 -21.25 -18.68
N MET G 39 -43.67 -21.23 -19.92
CA MET G 39 -45.02 -20.73 -20.30
C MET G 39 -46.10 -21.43 -19.45
N PRO G 40 -46.08 -22.77 -19.27
CA PRO G 40 -47.03 -23.46 -18.42
C PRO G 40 -47.06 -22.97 -16.96
N LEU G 41 -45.90 -22.73 -16.35
CA LEU G 41 -45.77 -22.23 -14.95
C LEU G 41 -46.42 -20.84 -14.87
N LEU G 42 -46.15 -19.99 -15.87
CA LEU G 42 -46.68 -18.61 -16.00
C LEU G 42 -48.20 -18.64 -16.13
N ARG G 43 -48.72 -19.41 -17.09
CA ARG G 43 -50.17 -19.59 -17.37
C ARG G 43 -50.92 -19.88 -16.07
N ALA G 44 -50.36 -20.79 -15.24
CA ALA G 44 -50.92 -21.24 -13.94
C ALA G 44 -50.86 -20.10 -12.90
N ALA G 45 -49.91 -19.17 -13.05
CA ALA G 45 -49.70 -18.00 -12.16
C ALA G 45 -50.54 -16.80 -12.64
N GLY G 46 -51.26 -16.95 -13.76
CA GLY G 46 -52.16 -15.92 -14.32
C GLY G 46 -51.45 -14.98 -15.28
N VAL G 47 -50.34 -15.44 -15.88
CA VAL G 47 -49.48 -14.64 -16.79
C VAL G 47 -49.36 -15.38 -18.12
N GLU G 48 -50.20 -15.02 -19.10
CA GLU G 48 -50.08 -15.48 -20.51
C GLU G 48 -49.46 -14.35 -21.33
N LEU G 49 -48.47 -14.65 -22.18
CA LEU G 49 -47.97 -13.71 -23.23
C LEU G 49 -49.09 -13.49 -24.26
N LEU G 50 -49.16 -12.31 -24.87
CA LEU G 50 -50.29 -11.89 -25.75
C LEU G 50 -49.97 -12.22 -27.21
N GLU G 51 -48.79 -12.75 -27.51
CA GLU G 51 -48.41 -13.30 -28.84
C GLU G 51 -47.21 -14.24 -28.70
N ASP G 52 -46.83 -14.93 -29.78
CA ASP G 52 -45.68 -15.87 -29.86
C ASP G 52 -44.42 -15.08 -30.15
N PRO G 53 -43.41 -15.07 -29.24
CA PRO G 53 -42.19 -14.30 -29.43
C PRO G 53 -41.38 -14.66 -30.68
N GLU G 54 -41.29 -15.97 -30.99
CA GLU G 54 -40.43 -16.56 -32.05
C GLU G 54 -40.63 -15.81 -33.38
N ALA G 55 -41.85 -15.32 -33.63
CA ALA G 55 -42.25 -14.59 -34.86
C ALA G 55 -42.60 -13.13 -34.50
N SER G 56 -41.66 -12.44 -33.85
CA SER G 56 -41.82 -11.01 -33.45
C SER G 56 -40.46 -10.31 -33.44
N ARG G 57 -40.43 -9.01 -33.77
CA ARG G 57 -39.24 -8.12 -33.71
C ARG G 57 -39.32 -7.25 -32.44
N LYS G 58 -39.86 -7.82 -31.36
CA LYS G 58 -40.19 -7.15 -30.07
C LYS G 58 -39.40 -7.85 -28.94
N LEU G 59 -38.95 -7.09 -27.93
CA LEU G 59 -38.16 -7.59 -26.79
C LEU G 59 -38.84 -7.29 -25.44
N ILE G 60 -39.77 -6.32 -25.41
CA ILE G 60 -40.69 -6.06 -24.26
C ILE G 60 -42.09 -6.57 -24.64
N PHE G 61 -42.61 -7.54 -23.87
CA PHE G 61 -43.91 -8.22 -24.13
C PHE G 61 -44.88 -7.95 -22.98
N PRO G 62 -46.08 -7.41 -23.28
CA PRO G 62 -47.16 -7.32 -22.29
C PRO G 62 -47.80 -8.70 -22.06
N THR G 63 -48.44 -8.88 -20.90
CA THR G 63 -49.13 -10.14 -20.48
C THR G 63 -50.56 -9.82 -20.02
N SER G 64 -51.37 -10.86 -19.79
CA SER G 64 -52.81 -10.78 -19.41
C SER G 64 -52.93 -10.13 -18.02
N ASN G 65 -51.98 -10.39 -17.12
CA ASN G 65 -51.76 -9.62 -15.86
C ASN G 65 -51.05 -8.32 -16.24
N PRO G 66 -51.70 -7.14 -16.11
CA PRO G 66 -51.08 -5.89 -16.54
C PRO G 66 -49.99 -5.37 -15.59
N ASN G 67 -49.80 -6.05 -14.45
CA ASN G 67 -48.67 -5.80 -13.49
C ASN G 67 -47.38 -6.40 -14.04
N VAL G 68 -47.45 -7.57 -14.68
CA VAL G 68 -46.26 -8.34 -15.16
C VAL G 68 -46.02 -8.06 -16.65
N ARG G 69 -44.76 -7.78 -17.00
CA ARG G 69 -44.26 -7.74 -18.41
C ARG G 69 -43.03 -8.64 -18.50
N VAL G 70 -42.64 -9.06 -19.72
CA VAL G 70 -41.56 -10.05 -19.94
C VAL G 70 -40.50 -9.46 -20.88
N LEU G 71 -39.22 -9.70 -20.57
CA LEU G 71 -38.06 -9.42 -21.44
C LEU G 71 -37.54 -10.75 -22.01
N ILE G 72 -37.33 -10.82 -23.33
CA ILE G 72 -36.68 -11.98 -24.02
C ILE G 72 -35.22 -11.62 -24.25
N LEU G 73 -34.31 -12.29 -23.53
CA LEU G 73 -32.85 -12.02 -23.51
C LEU G 73 -32.08 -13.27 -23.96
N ARG G 74 -30.80 -13.12 -24.29
CA ARG G 74 -29.84 -14.25 -24.32
C ARG G 74 -29.69 -14.74 -22.87
N ALA G 75 -29.63 -16.06 -22.67
CA ALA G 75 -29.62 -16.74 -21.36
C ALA G 75 -28.56 -16.13 -20.43
N SER G 76 -27.40 -15.75 -20.98
CA SER G 76 -26.23 -15.22 -20.22
C SER G 76 -26.49 -13.82 -19.68
N ASP G 77 -27.47 -13.09 -20.22
CA ASP G 77 -27.77 -11.67 -19.86
C ASP G 77 -28.83 -11.61 -18.74
N VAL G 78 -29.53 -12.71 -18.45
CA VAL G 78 -30.66 -12.74 -17.47
C VAL G 78 -30.14 -12.37 -16.08
N PRO G 79 -29.09 -13.01 -15.54
CA PRO G 79 -28.54 -12.62 -14.23
C PRO G 79 -28.17 -11.13 -14.17
N THR G 80 -27.62 -10.58 -15.26
CA THR G 80 -27.18 -9.17 -15.39
C THR G 80 -28.37 -8.22 -15.21
N TYR G 81 -29.43 -8.43 -16.00
CA TYR G 81 -30.67 -7.61 -15.97
C TYR G 81 -31.32 -7.68 -14.59
N VAL G 82 -31.31 -8.86 -13.95
CA VAL G 82 -31.98 -9.10 -12.64
C VAL G 82 -31.16 -8.43 -11.52
N GLU G 83 -29.85 -8.66 -11.47
CA GLU G 83 -28.97 -8.14 -10.38
C GLU G 83 -28.99 -6.60 -10.38
N HIS G 84 -29.15 -5.96 -11.55
CA HIS G 84 -29.16 -4.48 -11.71
C HIS G 84 -30.59 -3.92 -11.55
N GLY G 85 -31.60 -4.78 -11.44
CA GLY G 85 -32.99 -4.38 -11.16
C GLY G 85 -33.75 -3.91 -12.40
N ALA G 86 -33.13 -3.99 -13.59
CA ALA G 86 -33.80 -3.74 -14.89
C ALA G 86 -34.90 -4.78 -15.10
N ALA G 87 -34.70 -5.97 -14.54
CA ALA G 87 -35.74 -7.00 -14.32
C ALA G 87 -35.84 -7.29 -12.82
N ASP G 88 -37.04 -7.58 -12.33
CA ASP G 88 -37.33 -7.78 -10.88
C ASP G 88 -37.03 -9.25 -10.53
N PHE G 89 -37.24 -10.16 -11.48
CA PHE G 89 -36.99 -11.61 -11.34
C PHE G 89 -36.83 -12.22 -12.73
N GLY G 90 -36.21 -13.41 -12.82
CA GLY G 90 -35.92 -14.08 -14.09
C GLY G 90 -35.77 -15.58 -13.94
N VAL G 91 -35.68 -16.28 -15.07
CA VAL G 91 -35.41 -17.75 -15.17
C VAL G 91 -34.12 -17.94 -15.96
N ALA G 92 -33.09 -18.50 -15.30
CA ALA G 92 -31.77 -18.84 -15.90
C ALA G 92 -31.29 -20.18 -15.34
N GLY G 93 -30.53 -20.94 -16.14
CA GLY G 93 -29.91 -22.21 -15.73
C GLY G 93 -28.87 -22.01 -14.65
N LYS G 94 -28.72 -22.97 -13.74
CA LYS G 94 -27.70 -22.98 -12.67
C LYS G 94 -26.31 -22.81 -13.31
N ASP G 95 -26.14 -23.29 -14.55
CA ASP G 95 -24.90 -23.19 -15.35
C ASP G 95 -24.53 -21.70 -15.54
N VAL G 96 -25.48 -20.87 -16.02
CA VAL G 96 -25.25 -19.42 -16.27
C VAL G 96 -25.05 -18.71 -14.92
N LEU G 97 -25.83 -19.07 -13.90
CA LEU G 97 -25.77 -18.47 -12.54
C LEU G 97 -24.41 -18.77 -11.90
N LEU G 98 -23.92 -20.01 -12.01
CA LEU G 98 -22.62 -20.44 -11.39
C LEU G 98 -21.46 -19.69 -12.07
N GLU G 99 -21.50 -19.58 -13.40
CA GLU G 99 -20.46 -18.90 -14.22
C GLU G 99 -20.42 -17.41 -13.89
N HIS G 100 -21.60 -16.78 -13.85
CA HIS G 100 -21.79 -15.31 -13.67
C HIS G 100 -21.47 -14.90 -12.22
N GLY G 101 -21.81 -15.76 -11.25
CA GLY G 101 -21.82 -15.43 -9.81
C GLY G 101 -23.14 -14.78 -9.43
N ALA G 102 -23.92 -15.45 -8.59
CA ALA G 102 -25.30 -15.05 -8.20
C ALA G 102 -25.30 -14.48 -6.79
N ASN G 103 -24.31 -13.65 -6.44
CA ASN G 103 -24.13 -13.06 -5.09
C ASN G 103 -25.14 -11.93 -4.88
N HIS G 104 -25.56 -11.25 -5.95
CA HIS G 104 -26.37 -10.00 -5.90
C HIS G 104 -27.86 -10.29 -6.14
N VAL G 105 -28.23 -11.55 -6.36
CA VAL G 105 -29.64 -11.99 -6.57
C VAL G 105 -29.99 -13.10 -5.56
N TYR G 106 -31.29 -13.42 -5.44
CA TYR G 106 -31.83 -14.53 -4.63
C TYR G 106 -32.27 -15.67 -5.56
N GLU G 107 -31.70 -16.86 -5.38
CA GLU G 107 -32.16 -18.10 -6.06
C GLU G 107 -33.24 -18.76 -5.20
N LEU G 108 -34.50 -18.39 -5.44
CA LEU G 108 -35.65 -18.76 -4.57
C LEU G 108 -36.11 -20.19 -4.85
N LEU G 109 -36.11 -20.61 -6.12
CA LEU G 109 -36.79 -21.87 -6.57
C LEU G 109 -35.93 -22.61 -7.60
N ASP G 110 -35.72 -23.90 -7.36
CA ASP G 110 -35.34 -24.91 -8.38
C ASP G 110 -36.62 -25.29 -9.12
N LEU G 111 -36.73 -24.92 -10.40
CA LEU G 111 -37.96 -25.11 -11.23
C LEU G 111 -37.99 -26.51 -11.83
N LYS G 112 -36.85 -27.22 -11.86
CA LYS G 112 -36.72 -28.62 -12.33
C LYS G 112 -37.12 -28.71 -13.81
N ILE G 113 -36.87 -27.64 -14.59
CA ILE G 113 -37.08 -27.58 -16.06
C ILE G 113 -35.70 -27.44 -16.73
N ALA G 114 -35.63 -27.70 -18.04
CA ALA G 114 -34.39 -27.72 -18.85
C ALA G 114 -33.24 -28.39 -18.06
N GLN G 115 -33.46 -29.63 -17.62
CA GLN G 115 -32.45 -30.41 -16.86
C GLN G 115 -31.34 -30.89 -17.80
N CYS G 116 -30.09 -30.75 -17.34
CA CYS G 116 -28.85 -31.25 -18.00
C CYS G 116 -27.74 -31.28 -16.94
N LYS G 117 -26.48 -31.50 -17.34
CA LYS G 117 -25.31 -31.54 -16.41
C LYS G 117 -24.15 -30.75 -17.04
N LEU G 118 -23.36 -30.06 -16.21
CA LEU G 118 -22.02 -29.52 -16.58
C LEU G 118 -21.00 -30.65 -16.44
N MET G 119 -20.29 -30.98 -17.52
CA MET G 119 -19.27 -32.06 -17.53
C MET G 119 -18.03 -31.59 -18.30
N THR G 120 -16.87 -32.17 -17.99
CA THR G 120 -15.67 -32.16 -18.87
C THR G 120 -15.93 -33.13 -20.02
N ALA G 121 -15.38 -32.85 -21.20
CA ALA G 121 -15.47 -33.74 -22.39
C ALA G 121 -14.18 -33.63 -23.21
N GLY G 122 -13.73 -34.75 -23.76
CA GLY G 122 -12.52 -34.85 -24.61
C GLY G 122 -12.80 -35.70 -25.85
N VAL G 123 -11.80 -35.81 -26.74
CA VAL G 123 -11.87 -36.64 -27.97
C VAL G 123 -12.10 -38.10 -27.55
N LYS G 124 -12.95 -38.82 -28.29
CA LYS G 124 -13.37 -40.22 -28.01
C LYS G 124 -12.12 -41.12 -28.00
N ASP G 125 -11.81 -41.69 -26.83
CA ASP G 125 -10.79 -42.75 -26.61
C ASP G 125 -9.39 -42.17 -26.53
N ALA G 126 -9.17 -40.91 -26.98
CA ALA G 126 -7.93 -40.15 -26.71
C ALA G 126 -7.75 -40.03 -25.20
N PRO G 127 -6.53 -40.27 -24.67
CA PRO G 127 -6.27 -40.11 -23.24
C PRO G 127 -5.78 -38.69 -22.90
N LEU G 128 -5.90 -38.29 -21.62
CA LEU G 128 -5.31 -37.05 -21.05
C LEU G 128 -3.82 -36.98 -21.37
N PRO G 129 -3.29 -35.87 -21.94
CA PRO G 129 -1.86 -35.73 -22.14
C PRO G 129 -1.19 -35.46 -20.78
N ASN G 130 0.15 -35.52 -20.76
CA ASN G 130 0.95 -35.44 -19.51
C ASN G 130 1.27 -33.99 -19.18
N ARG G 131 1.11 -33.06 -20.15
CA ARG G 131 1.44 -31.62 -19.98
C ARG G 131 0.32 -30.93 -19.22
N ARG G 132 0.47 -29.61 -19.01
CA ARG G 132 -0.54 -28.70 -18.40
C ARG G 132 -1.83 -28.78 -19.23
N LEU G 133 -2.96 -29.14 -18.62
CA LEU G 133 -4.26 -29.30 -19.34
C LEU G 133 -4.72 -27.93 -19.84
N ARG G 134 -5.08 -27.84 -21.12
CA ARG G 134 -5.73 -26.65 -21.74
C ARG G 134 -7.23 -26.94 -21.83
N ILE G 135 -8.06 -26.13 -21.13
CA ILE G 135 -9.55 -26.23 -21.13
C ILE G 135 -10.12 -25.09 -21.97
N ALA G 136 -10.97 -25.41 -22.95
CA ALA G 136 -11.69 -24.44 -23.81
C ALA G 136 -13.18 -24.50 -23.46
N THR G 137 -13.78 -23.37 -23.04
CA THR G 137 -15.16 -23.36 -22.50
C THR G 137 -15.73 -21.93 -22.40
N LYS G 138 -17.06 -21.81 -22.53
CA LYS G 138 -17.87 -20.66 -22.04
C LYS G 138 -17.67 -20.51 -20.53
N TYR G 139 -17.73 -21.64 -19.81
CA TYR G 139 -17.86 -21.73 -18.34
C TYR G 139 -16.47 -21.66 -17.70
N VAL G 140 -15.77 -20.55 -17.91
CA VAL G 140 -14.34 -20.33 -17.52
C VAL G 140 -14.20 -20.44 -16.00
N ASN G 141 -15.06 -19.77 -15.23
CA ASN G 141 -15.02 -19.72 -13.75
C ASN G 141 -15.39 -21.10 -13.18
N VAL G 142 -16.42 -21.75 -13.74
CA VAL G 142 -16.85 -23.13 -13.36
C VAL G 142 -15.65 -24.07 -13.58
N ALA G 143 -15.00 -23.96 -14.75
CA ALA G 143 -13.83 -24.75 -15.14
C ALA G 143 -12.73 -24.62 -14.09
N ARG G 144 -12.31 -23.38 -13.79
CA ARG G 144 -11.23 -23.08 -12.82
C ARG G 144 -11.60 -23.70 -11.47
N ALA G 145 -12.84 -23.47 -11.03
CA ALA G 145 -13.38 -23.97 -9.74
C ALA G 145 -13.25 -25.50 -9.69
N TYR G 146 -13.78 -26.21 -10.69
CA TYR G 146 -13.81 -27.69 -10.73
C TYR G 146 -12.38 -28.25 -10.66
N PHE G 147 -11.50 -27.79 -11.54
CA PHE G 147 -10.11 -28.32 -11.67
C PHE G 147 -9.29 -27.95 -10.44
N ALA G 148 -9.60 -26.81 -9.81
CA ALA G 148 -9.07 -26.42 -8.48
C ALA G 148 -9.42 -27.52 -7.47
N SER G 149 -10.70 -27.89 -7.39
CA SER G 149 -11.27 -28.85 -6.41
C SER G 149 -10.71 -30.27 -6.66
N GLN G 150 -10.28 -30.58 -7.89
CA GLN G 150 -9.62 -31.87 -8.23
C GLN G 150 -8.09 -31.73 -8.10
N GLY G 151 -7.61 -30.63 -7.51
CA GLY G 151 -6.19 -30.35 -7.26
C GLY G 151 -5.38 -30.25 -8.55
N GLN G 152 -6.04 -29.96 -9.68
CA GLN G 152 -5.42 -29.85 -11.02
C GLN G 152 -5.30 -28.37 -11.40
N GLN G 153 -4.12 -27.98 -11.90
CA GLN G 153 -3.84 -26.62 -12.42
C GLN G 153 -4.01 -26.66 -13.94
N VAL G 154 -4.81 -25.73 -14.49
CA VAL G 154 -5.24 -25.73 -15.90
C VAL G 154 -5.01 -24.34 -16.50
N ASP G 155 -4.77 -24.30 -17.81
CA ASP G 155 -4.86 -23.10 -18.68
C ASP G 155 -6.27 -23.09 -19.27
N VAL G 156 -7.01 -22.00 -19.10
CA VAL G 156 -8.43 -21.88 -19.57
C VAL G 156 -8.50 -20.89 -20.72
N ILE G 157 -9.18 -21.28 -21.81
CA ILE G 157 -9.40 -20.45 -23.02
C ILE G 157 -10.90 -20.15 -23.12
N LYS G 158 -11.28 -18.87 -23.10
CA LYS G 158 -12.69 -18.41 -23.16
C LYS G 158 -13.21 -18.61 -24.59
N LEU G 159 -14.32 -19.34 -24.74
CA LEU G 159 -15.06 -19.52 -26.01
C LEU G 159 -16.50 -19.02 -25.82
N TYR G 160 -17.00 -18.20 -26.75
CA TYR G 160 -18.37 -17.65 -26.75
C TYR G 160 -19.31 -18.59 -27.50
N GLY G 161 -18.80 -19.27 -28.54
CA GLY G 161 -19.59 -20.09 -29.48
C GLY G 161 -19.52 -21.57 -29.16
N SER G 162 -19.74 -22.43 -30.17
CA SER G 162 -19.75 -23.90 -30.07
C SER G 162 -18.36 -24.42 -29.69
N MET G 163 -18.29 -25.27 -28.66
CA MET G 163 -17.04 -25.73 -28.01
C MET G 163 -16.60 -27.11 -28.53
N GLU G 164 -17.51 -27.85 -29.20
CA GLU G 164 -17.27 -29.24 -29.67
C GLU G 164 -16.09 -29.28 -30.65
N LEU G 165 -15.84 -28.17 -31.35
CA LEU G 165 -14.75 -28.01 -32.36
C LEU G 165 -13.38 -27.96 -31.67
N ALA G 166 -13.31 -27.45 -30.43
CA ALA G 166 -12.06 -27.04 -29.77
C ALA G 166 -11.10 -28.21 -29.62
N PRO G 167 -11.50 -29.37 -29.05
CA PRO G 167 -10.59 -30.51 -28.93
C PRO G 167 -10.14 -31.11 -30.27
N LEU G 168 -10.97 -31.01 -31.31
CA LEU G 168 -10.73 -31.66 -32.63
C LEU G 168 -9.59 -30.95 -33.39
N VAL G 169 -9.38 -29.65 -33.15
CA VAL G 169 -8.27 -28.86 -33.77
C VAL G 169 -7.22 -28.53 -32.70
N GLY G 170 -7.28 -29.21 -31.55
CA GLY G 170 -6.27 -29.14 -30.48
C GLY G 170 -6.13 -27.76 -29.88
N LEU G 171 -7.22 -26.99 -29.82
CA LEU G 171 -7.27 -25.69 -29.10
C LEU G 171 -7.20 -25.98 -27.60
N GLY G 172 -8.05 -26.91 -27.14
CA GLY G 172 -8.06 -27.45 -25.76
C GLY G 172 -7.93 -28.97 -25.76
N ASP G 173 -7.47 -29.52 -24.63
CA ASP G 173 -7.42 -30.98 -24.37
C ASP G 173 -8.84 -31.45 -24.03
N LEU G 174 -9.49 -30.76 -23.10
CA LEU G 174 -10.92 -30.98 -22.73
C LEU G 174 -11.73 -29.72 -22.98
N ILE G 175 -13.05 -29.86 -22.98
CA ILE G 175 -14.04 -28.74 -22.91
C ILE G 175 -14.87 -28.96 -21.65
N VAL G 176 -15.41 -27.87 -21.09
CA VAL G 176 -16.51 -27.91 -20.09
C VAL G 176 -17.76 -27.37 -20.79
N ASP G 177 -18.82 -28.16 -20.84
CA ASP G 177 -20.07 -27.80 -21.56
C ASP G 177 -21.26 -28.48 -20.86
N VAL G 178 -22.47 -28.06 -21.21
CA VAL G 178 -23.75 -28.65 -20.75
C VAL G 178 -24.04 -29.88 -21.61
N VAL G 179 -24.48 -30.96 -20.95
CA VAL G 179 -24.69 -32.32 -21.56
C VAL G 179 -26.02 -32.88 -21.03
N ASP G 180 -26.91 -33.31 -21.94
CA ASP G 180 -28.21 -33.97 -21.61
C ASP G 180 -28.07 -35.46 -21.93
N THR G 181 -28.26 -35.86 -23.19
CA THR G 181 -28.18 -37.27 -23.66
C THR G 181 -26.72 -37.64 -23.93
N GLY G 182 -25.91 -36.67 -24.38
CA GLY G 182 -24.52 -36.88 -24.82
C GLY G 182 -24.42 -37.04 -26.34
N ASN G 183 -25.55 -36.87 -27.05
CA ASN G 183 -25.67 -37.11 -28.52
C ASN G 183 -24.82 -36.11 -29.30
N THR G 184 -24.85 -34.83 -28.91
CA THR G 184 -24.12 -33.72 -29.59
C THR G 184 -22.61 -33.99 -29.49
N LEU G 185 -22.14 -34.51 -28.34
CA LEU G 185 -20.71 -34.89 -28.11
C LEU G 185 -20.33 -36.03 -29.07
N ARG G 186 -21.07 -37.14 -29.03
CA ARG G 186 -20.78 -38.39 -29.78
C ARG G 186 -20.79 -38.11 -31.29
N ALA G 187 -21.71 -37.25 -31.75
CA ALA G 187 -21.88 -36.88 -33.18
C ALA G 187 -20.68 -36.06 -33.68
N ASN G 188 -19.87 -35.49 -32.78
CA ASN G 188 -18.70 -34.66 -33.11
C ASN G 188 -17.40 -35.38 -32.70
N GLY G 189 -17.48 -36.65 -32.30
CA GLY G 189 -16.32 -37.50 -31.97
C GLY G 189 -15.77 -37.21 -30.58
N LEU G 190 -16.56 -36.58 -29.70
CA LEU G 190 -16.21 -36.34 -28.27
C LEU G 190 -16.97 -37.35 -27.39
N GLU G 191 -16.62 -37.40 -26.10
CA GLU G 191 -17.32 -38.22 -25.05
C GLU G 191 -17.16 -37.54 -23.69
N ALA G 192 -18.22 -37.55 -22.87
CA ALA G 192 -18.24 -37.00 -21.51
C ALA G 192 -17.25 -37.78 -20.63
N ARG G 193 -16.45 -37.07 -19.83
CA ARG G 193 -15.47 -37.65 -18.88
C ARG G 193 -16.01 -37.53 -17.44
N ASP G 194 -15.88 -36.35 -16.82
CA ASP G 194 -16.20 -36.12 -15.39
C ASP G 194 -17.50 -35.33 -15.25
N HIS G 195 -18.29 -35.65 -14.21
CA HIS G 195 -19.52 -34.93 -13.82
C HIS G 195 -19.15 -33.81 -12.85
N ILE G 196 -19.33 -32.55 -13.26
CA ILE G 196 -19.00 -31.34 -12.44
C ILE G 196 -20.15 -31.09 -11.44
N CYS G 197 -21.37 -30.90 -11.95
CA CYS G 197 -22.61 -30.72 -11.13
C CYS G 197 -23.87 -30.82 -11.99
N ASP G 198 -25.04 -30.96 -11.36
CA ASP G 198 -26.38 -31.02 -12.03
C ASP G 198 -26.87 -29.60 -12.32
N VAL G 199 -27.55 -29.43 -13.47
CA VAL G 199 -28.06 -28.11 -13.96
C VAL G 199 -29.58 -28.20 -14.14
N SER G 200 -30.30 -27.20 -13.62
CA SER G 200 -31.74 -26.94 -13.88
C SER G 200 -31.95 -25.41 -13.89
N SER G 201 -32.93 -24.94 -14.65
CA SER G 201 -33.37 -23.52 -14.65
C SER G 201 -33.90 -23.17 -13.27
N ARG G 202 -33.52 -21.98 -12.76
CA ARG G 202 -33.86 -21.50 -11.40
C ARG G 202 -34.61 -20.17 -11.52
N LEU G 203 -35.49 -19.88 -10.55
CA LEU G 203 -36.14 -18.55 -10.41
C LEU G 203 -35.26 -17.67 -9.52
N ILE G 204 -34.67 -16.63 -10.10
CA ILE G 204 -33.83 -15.63 -9.40
C ILE G 204 -34.63 -14.32 -9.26
N VAL G 205 -34.39 -13.59 -8.18
CA VAL G 205 -35.12 -12.34 -7.83
C VAL G 205 -34.10 -11.29 -7.39
N ASN G 206 -34.24 -10.06 -7.90
CA ASN G 206 -33.49 -8.86 -7.44
C ASN G 206 -33.74 -8.69 -5.93
N GLN G 207 -32.69 -8.50 -5.13
CA GLN G 207 -32.75 -8.40 -3.64
C GLN G 207 -33.74 -7.30 -3.23
N VAL G 208 -33.70 -6.15 -3.91
CA VAL G 208 -34.54 -4.96 -3.60
C VAL G 208 -35.98 -5.27 -3.99
N SER G 209 -36.20 -5.84 -5.18
CA SER G 209 -37.54 -6.23 -5.70
C SER G 209 -38.25 -7.19 -4.72
N TYR G 210 -37.51 -8.11 -4.09
CA TYR G 210 -38.03 -9.11 -3.12
C TYR G 210 -38.53 -8.40 -1.86
N LYS G 211 -37.85 -7.33 -1.44
CA LYS G 211 -38.18 -6.55 -0.22
C LYS G 211 -39.35 -5.59 -0.51
N ARG G 212 -39.32 -4.89 -1.65
CA ARG G 212 -40.23 -3.76 -1.98
C ARG G 212 -41.50 -4.23 -2.68
N LYS G 213 -41.45 -5.32 -3.46
CA LYS G 213 -42.58 -5.76 -4.32
C LYS G 213 -43.00 -7.20 -3.97
N PHE G 214 -42.83 -7.62 -2.72
CA PHE G 214 -43.15 -8.99 -2.22
C PHE G 214 -44.65 -9.27 -2.40
N ALA G 215 -45.49 -8.24 -2.23
CA ALA G 215 -46.96 -8.33 -2.37
C ALA G 215 -47.34 -8.76 -3.79
N LEU G 216 -46.64 -8.21 -4.81
CA LEU G 216 -46.86 -8.54 -6.24
C LEU G 216 -46.24 -9.92 -6.56
N LEU G 217 -45.13 -10.26 -5.92
CA LEU G 217 -44.35 -11.49 -6.19
C LEU G 217 -45.04 -12.71 -5.58
N GLU G 218 -45.42 -12.64 -4.30
CA GLU G 218 -45.84 -13.81 -3.47
C GLU G 218 -46.87 -14.67 -4.22
N PRO G 219 -47.93 -14.10 -4.85
CA PRO G 219 -48.91 -14.90 -5.58
C PRO G 219 -48.31 -15.77 -6.70
N ILE G 220 -47.31 -15.25 -7.41
CA ILE G 220 -46.64 -15.91 -8.57
C ILE G 220 -45.66 -16.97 -8.06
N LEU G 221 -44.94 -16.69 -6.97
CA LEU G 221 -43.96 -17.62 -6.33
C LEU G 221 -44.70 -18.86 -5.80
N ASP G 222 -45.87 -18.67 -5.19
CA ASP G 222 -46.74 -19.75 -4.66
C ASP G 222 -47.25 -20.61 -5.82
N SER G 223 -47.68 -19.99 -6.93
CA SER G 223 -48.20 -20.66 -8.14
C SER G 223 -47.08 -21.47 -8.82
N PHE G 224 -45.83 -21.01 -8.71
CA PHE G 224 -44.62 -21.72 -9.21
C PHE G 224 -44.29 -22.87 -8.25
N LYS G 225 -44.33 -22.60 -6.94
CA LYS G 225 -44.13 -23.60 -5.85
C LYS G 225 -45.17 -24.72 -5.99
N ASN G 226 -46.41 -24.37 -6.33
CA ASN G 226 -47.56 -25.30 -6.48
C ASN G 226 -47.37 -26.16 -7.74
N SER G 227 -46.94 -25.54 -8.85
CA SER G 227 -46.80 -26.19 -10.18
C SER G 227 -45.74 -27.29 -10.16
N ILE G 228 -44.77 -27.24 -9.24
CA ILE G 228 -43.56 -28.10 -9.21
C ILE G 228 -43.78 -29.31 -8.27
N ASN G 229 -44.35 -29.06 -7.07
CA ASN G 229 -44.46 -30.04 -5.95
C ASN G 229 -45.60 -31.02 -6.25
N PHE H 22 -2.94 -33.05 -40.03
CA PHE H 22 -3.17 -32.00 -41.07
C PHE H 22 -2.03 -30.98 -41.06
N LEU H 23 -1.42 -30.75 -42.22
CA LEU H 23 -0.11 -30.05 -42.38
C LEU H 23 -0.28 -28.67 -43.04
N GLY H 24 -1.45 -28.38 -43.62
CA GLY H 24 -1.72 -27.14 -44.38
C GLY H 24 -2.32 -26.04 -43.53
N LEU H 25 -3.03 -25.11 -44.16
CA LEU H 25 -3.61 -23.89 -43.52
C LEU H 25 -5.03 -24.20 -43.01
N THR H 26 -5.33 -23.78 -41.78
CA THR H 26 -6.68 -23.80 -41.17
C THR H 26 -7.19 -22.34 -41.11
N LEU H 27 -8.25 -22.04 -41.87
CA LEU H 27 -8.84 -20.67 -41.99
C LEU H 27 -10.07 -20.55 -41.08
N ALA H 28 -10.03 -19.62 -40.13
CA ALA H 28 -11.13 -19.32 -39.17
C ALA H 28 -12.04 -18.24 -39.78
N LEU H 29 -13.31 -18.57 -40.01
CA LEU H 29 -14.32 -17.64 -40.58
C LEU H 29 -15.50 -17.48 -39.62
N SER H 30 -15.96 -16.23 -39.45
CA SER H 30 -17.22 -15.86 -38.75
C SER H 30 -18.40 -16.19 -39.65
N LYS H 31 -19.48 -16.75 -39.11
CA LYS H 31 -20.75 -17.02 -39.85
C LYS H 31 -21.45 -15.67 -40.10
N GLY H 32 -22.39 -15.62 -41.06
CA GLY H 32 -23.24 -14.45 -41.34
C GLY H 32 -22.62 -13.52 -42.38
N ARG H 33 -22.62 -12.21 -42.09
CA ARG H 33 -22.23 -11.13 -43.06
C ARG H 33 -20.80 -11.36 -43.55
N ILE H 34 -19.87 -11.64 -42.64
CA ILE H 34 -18.42 -11.85 -42.91
C ILE H 34 -18.27 -13.01 -43.92
N LEU H 35 -18.95 -14.13 -43.68
CA LEU H 35 -18.86 -15.37 -44.50
C LEU H 35 -19.27 -15.10 -45.94
N GLU H 36 -20.43 -14.47 -46.17
CA GLU H 36 -21.03 -14.24 -47.51
C GLU H 36 -20.11 -13.31 -48.34
N GLU H 37 -19.50 -12.31 -47.69
CA GLU H 37 -18.68 -11.26 -48.36
C GLU H 37 -17.25 -11.77 -48.61
N THR H 38 -16.83 -12.86 -47.94
CA THR H 38 -15.46 -13.45 -48.01
C THR H 38 -15.38 -14.50 -49.12
N MET H 39 -16.49 -15.19 -49.43
CA MET H 39 -16.53 -16.30 -50.44
C MET H 39 -15.91 -15.86 -51.76
N PRO H 40 -16.27 -14.66 -52.32
CA PRO H 40 -15.65 -14.17 -53.54
C PRO H 40 -14.12 -14.02 -53.49
N LEU H 41 -13.57 -13.50 -52.38
CA LEU H 41 -12.11 -13.32 -52.17
C LEU H 41 -11.44 -14.71 -52.18
N LEU H 42 -12.06 -15.68 -51.50
CA LEU H 42 -11.59 -17.09 -51.40
C LEU H 42 -11.60 -17.74 -52.78
N ARG H 43 -12.73 -17.70 -53.48
CA ARG H 43 -12.92 -18.25 -54.86
C ARG H 43 -11.75 -17.82 -55.75
N ALA H 44 -11.39 -16.53 -55.70
CA ALA H 44 -10.31 -15.90 -56.50
C ALA H 44 -8.94 -16.41 -56.07
N ALA H 45 -8.80 -16.84 -54.80
CA ALA H 45 -7.56 -17.39 -54.21
C ALA H 45 -7.47 -18.91 -54.42
N GLY H 46 -8.49 -19.50 -55.04
CA GLY H 46 -8.54 -20.93 -55.40
C GLY H 46 -9.14 -21.78 -54.28
N VAL H 47 -9.95 -21.18 -53.41
CA VAL H 47 -10.54 -21.84 -52.20
C VAL H 47 -12.07 -21.68 -52.26
N GLU H 48 -12.77 -22.71 -52.75
CA GLU H 48 -14.24 -22.83 -52.65
C GLU H 48 -14.55 -23.84 -51.53
N LEU H 49 -15.50 -23.53 -50.64
CA LEU H 49 -16.10 -24.51 -49.71
C LEU H 49 -16.89 -25.55 -50.53
N LEU H 50 -16.94 -26.80 -50.05
CA LEU H 50 -17.55 -27.93 -50.80
C LEU H 50 -19.03 -28.10 -50.40
N GLU H 51 -19.52 -27.31 -49.42
CA GLU H 51 -20.97 -27.26 -49.04
C GLU H 51 -21.25 -25.98 -48.23
N ASP H 52 -22.54 -25.72 -48.00
CA ASP H 52 -23.06 -24.55 -47.24
C ASP H 52 -23.09 -24.90 -45.75
N PRO H 53 -22.34 -24.19 -44.89
CA PRO H 53 -22.37 -24.41 -43.44
C PRO H 53 -23.77 -24.30 -42.81
N GLU H 54 -24.57 -23.31 -43.23
CA GLU H 54 -25.91 -22.98 -42.66
C GLU H 54 -26.79 -24.24 -42.64
N ILE H 60 -15.76 -28.39 -39.20
CA ILE H 60 -14.49 -28.45 -39.98
C ILE H 60 -14.85 -28.81 -41.43
N PHE H 61 -14.52 -27.92 -42.38
CA PHE H 61 -14.97 -27.99 -43.80
C PHE H 61 -13.77 -28.11 -44.72
N PRO H 62 -13.70 -29.15 -45.59
CA PRO H 62 -12.70 -29.22 -46.65
C PRO H 62 -13.01 -28.22 -47.78
N THR H 63 -12.01 -27.85 -48.57
CA THR H 63 -12.11 -26.91 -49.71
C THR H 63 -11.47 -27.54 -50.96
N SER H 64 -11.63 -26.90 -52.12
CA SER H 64 -11.14 -27.39 -53.45
C SER H 64 -9.61 -27.42 -53.46
N ASN H 65 -8.96 -26.47 -52.78
CA ASN H 65 -7.51 -26.52 -52.42
C ASN H 65 -7.36 -27.46 -51.24
N PRO H 66 -6.71 -28.64 -51.40
CA PRO H 66 -6.61 -29.61 -50.31
C PRO H 66 -5.61 -29.22 -49.22
N ASN H 67 -4.86 -28.12 -49.41
CA ASN H 67 -3.98 -27.50 -48.40
C ASN H 67 -4.81 -26.73 -47.35
N VAL H 68 -5.88 -26.06 -47.79
CA VAL H 68 -6.70 -25.15 -46.95
C VAL H 68 -7.96 -25.90 -46.48
N ARG H 69 -8.26 -25.78 -45.17
CA ARG H 69 -9.56 -26.20 -44.57
C ARG H 69 -10.10 -25.00 -43.77
N VAL H 70 -11.40 -24.99 -43.48
CA VAL H 70 -12.11 -23.81 -42.89
C VAL H 70 -12.82 -24.23 -41.61
N LEU H 71 -12.76 -23.36 -40.59
CA LEU H 71 -13.56 -23.43 -39.34
C LEU H 71 -14.64 -22.35 -39.40
N ILE H 72 -15.91 -22.70 -39.15
CA ILE H 72 -17.04 -21.74 -39.01
C ILE H 72 -17.27 -21.52 -37.51
N LEU H 73 -16.94 -20.31 -37.02
CA LEU H 73 -16.95 -19.95 -35.58
C LEU H 73 -17.91 -18.78 -35.35
N ARG H 74 -18.27 -18.52 -34.09
CA ARG H 74 -18.81 -17.22 -33.65
C ARG H 74 -17.70 -16.19 -33.84
N ALA H 75 -18.03 -15.00 -34.36
CA ALA H 75 -17.08 -13.92 -34.75
C ALA H 75 -16.08 -13.65 -33.62
N SER H 76 -16.53 -13.69 -32.36
CA SER H 76 -15.75 -13.34 -31.14
C SER H 76 -14.67 -14.39 -30.85
N ASP H 77 -14.81 -15.62 -31.37
CA ASP H 77 -13.88 -16.74 -31.11
C ASP H 77 -12.75 -16.81 -32.14
N VAL H 78 -12.85 -16.08 -33.26
CA VAL H 78 -11.86 -16.13 -34.37
C VAL H 78 -10.49 -15.68 -33.87
N PRO H 79 -10.34 -14.51 -33.21
CA PRO H 79 -9.05 -14.10 -32.67
C PRO H 79 -8.43 -15.15 -31.73
N THR H 80 -9.26 -15.79 -30.91
CA THR H 80 -8.88 -16.83 -29.91
C THR H 80 -8.24 -18.02 -30.63
N TYR H 81 -8.95 -18.60 -31.61
CA TYR H 81 -8.51 -19.78 -32.40
C TYR H 81 -7.19 -19.45 -33.13
N VAL H 82 -7.06 -18.24 -33.65
CA VAL H 82 -5.89 -17.81 -34.46
C VAL H 82 -4.68 -17.57 -33.55
N GLU H 83 -4.85 -16.83 -32.45
CA GLU H 83 -3.72 -16.46 -31.54
C GLU H 83 -3.13 -17.74 -30.92
N HIS H 84 -3.94 -18.78 -30.69
CA HIS H 84 -3.52 -20.06 -30.06
C HIS H 84 -3.03 -21.07 -31.12
N GLY H 85 -3.16 -20.75 -32.42
CA GLY H 85 -2.62 -21.54 -33.53
C GLY H 85 -3.51 -22.72 -33.92
N ALA H 86 -4.68 -22.86 -33.31
CA ALA H 86 -5.72 -23.85 -33.71
C ALA H 86 -6.20 -23.53 -35.12
N ALA H 87 -6.17 -22.24 -35.48
CA ALA H 87 -6.27 -21.75 -36.87
C ALA H 87 -4.99 -20.98 -37.20
N ASP H 88 -4.55 -21.03 -38.46
CA ASP H 88 -3.29 -20.40 -38.94
C ASP H 88 -3.57 -18.94 -39.28
N PHE H 89 -4.78 -18.64 -39.76
CA PHE H 89 -5.23 -17.29 -40.15
C PHE H 89 -6.77 -17.26 -40.14
N GLY H 90 -7.35 -16.06 -40.06
CA GLY H 90 -8.81 -15.88 -39.97
C GLY H 90 -9.27 -14.52 -40.45
N VAL H 91 -10.60 -14.36 -40.57
CA VAL H 91 -11.27 -13.09 -40.93
C VAL H 91 -12.20 -12.69 -39.78
N ALA H 92 -11.93 -11.55 -39.13
CA ALA H 92 -12.73 -10.97 -38.04
C ALA H 92 -12.80 -9.44 -38.21
N GLY H 93 -13.90 -8.83 -37.79
CA GLY H 93 -14.10 -7.37 -37.81
C GLY H 93 -13.15 -6.66 -36.86
N LYS H 94 -12.73 -5.44 -37.20
CA LYS H 94 -11.87 -4.57 -36.34
C LYS H 94 -12.54 -4.40 -34.98
N ASP H 95 -13.88 -4.46 -34.94
CA ASP H 95 -14.70 -4.38 -33.70
C ASP H 95 -14.31 -5.51 -32.74
N VAL H 96 -14.29 -6.77 -33.21
CA VAL H 96 -13.94 -7.96 -32.40
C VAL H 96 -12.45 -7.89 -32.03
N LEU H 97 -11.60 -7.48 -32.96
CA LEU H 97 -10.12 -7.40 -32.76
C LEU H 97 -9.80 -6.33 -31.71
N LEU H 98 -10.46 -5.17 -31.76
CA LEU H 98 -10.21 -4.05 -30.81
C LEU H 98 -10.65 -4.47 -29.41
N GLU H 99 -11.81 -5.14 -29.29
CA GLU H 99 -12.39 -5.61 -28.01
C GLU H 99 -11.49 -6.68 -27.39
N HIS H 100 -11.07 -7.65 -28.20
CA HIS H 100 -10.27 -8.84 -27.78
C HIS H 100 -8.84 -8.45 -27.44
N GLY H 101 -8.26 -7.49 -28.18
CA GLY H 101 -6.83 -7.18 -28.17
C GLY H 101 -6.09 -8.10 -29.12
N ALA H 102 -5.47 -7.54 -30.17
CA ALA H 102 -4.83 -8.28 -31.27
C ALA H 102 -3.30 -8.22 -31.14
N ASN H 103 -2.77 -8.37 -29.93
CA ASN H 103 -1.32 -8.27 -29.60
C ASN H 103 -0.58 -9.50 -30.12
N HIS H 104 -1.25 -10.65 -30.11
CA HIS H 104 -0.65 -12.01 -30.29
C HIS H 104 -0.86 -12.51 -31.72
N VAL H 105 -1.52 -11.72 -32.57
CA VAL H 105 -1.73 -12.05 -34.02
C VAL H 105 -1.21 -10.89 -34.87
N TYR H 106 -1.08 -11.13 -36.18
CA TYR H 106 -0.70 -10.13 -37.21
C TYR H 106 -1.94 -9.74 -38.02
N GLU H 107 -2.31 -8.47 -38.00
CA GLU H 107 -3.37 -7.88 -38.86
C GLU H 107 -2.73 -7.48 -40.20
N LEU H 108 -2.70 -8.40 -41.16
CA LEU H 108 -1.94 -8.28 -42.44
C LEU H 108 -2.70 -7.42 -43.44
N LEU H 109 -4.03 -7.54 -43.49
CA LEU H 109 -4.86 -6.94 -44.57
C LEU H 109 -6.16 -6.36 -44.01
N ASP H 110 -6.44 -5.10 -44.36
CA ASP H 110 -7.81 -4.51 -44.35
C ASP H 110 -8.51 -5.00 -45.62
N LEU H 111 -9.53 -5.84 -45.49
CA LEU H 111 -10.24 -6.50 -46.62
C LEU H 111 -11.32 -5.57 -47.19
N LYS H 112 -11.73 -4.55 -46.44
CA LYS H 112 -12.72 -3.51 -46.86
C LYS H 112 -14.07 -4.17 -47.17
N ILE H 113 -14.40 -5.25 -46.45
CA ILE H 113 -15.70 -5.98 -46.53
C ILE H 113 -16.42 -5.83 -45.18
N ALA H 114 -17.72 -6.13 -45.14
CA ALA H 114 -18.62 -6.00 -43.97
C ALA H 114 -18.33 -4.68 -43.25
N GLN H 115 -18.42 -3.55 -43.98
CA GLN H 115 -18.19 -2.20 -43.44
C GLN H 115 -19.37 -1.80 -42.54
N CYS H 116 -19.04 -1.22 -41.39
CA CYS H 116 -19.99 -0.62 -40.41
C CYS H 116 -19.18 0.29 -39.49
N LYS H 117 -19.79 0.83 -38.43
CA LYS H 117 -19.11 1.75 -37.47
C LYS H 117 -19.48 1.32 -36.04
N LEU H 118 -18.53 1.43 -35.12
CA LEU H 118 -18.78 1.40 -33.65
C LEU H 118 -19.22 2.80 -33.23
N MET H 119 -20.41 2.91 -32.61
CA MET H 119 -20.95 4.21 -32.11
C MET H 119 -21.55 4.01 -30.72
N THR H 120 -21.60 5.08 -29.93
CA THR H 120 -22.47 5.22 -28.73
C THR H 120 -23.89 5.47 -29.25
N ALA H 121 -24.91 5.00 -28.53
CA ALA H 121 -26.34 5.21 -28.87
C ALA H 121 -27.17 5.30 -27.58
N GLY H 122 -28.17 6.17 -27.57
CA GLY H 122 -29.11 6.34 -26.45
C GLY H 122 -30.53 6.44 -26.91
N VAL H 123 -31.46 6.56 -25.97
CA VAL H 123 -32.92 6.76 -26.23
C VAL H 123 -33.07 8.08 -26.99
N LYS H 124 -33.98 8.12 -27.98
CA LYS H 124 -34.24 9.29 -28.85
C LYS H 124 -34.60 10.52 -27.98
N ASP H 125 -33.74 11.55 -28.00
CA ASP H 125 -33.96 12.90 -27.43
C ASP H 125 -33.75 12.93 -25.90
N ALA H 126 -33.64 11.76 -25.26
CA ALA H 126 -33.41 11.62 -23.80
C ALA H 126 -32.13 12.34 -23.41
N PRO H 127 -32.11 13.13 -22.32
CA PRO H 127 -30.92 13.90 -21.94
C PRO H 127 -29.96 13.14 -21.01
N LEU H 128 -28.68 13.51 -21.04
CA LEU H 128 -27.61 12.93 -20.18
C LEU H 128 -27.99 13.11 -18.71
N PRO H 129 -27.93 12.05 -17.87
CA PRO H 129 -28.10 12.21 -16.43
C PRO H 129 -26.86 12.87 -15.83
N ASN H 130 -26.92 13.25 -14.55
CA ASN H 130 -25.88 14.06 -13.86
C ASN H 130 -24.81 13.14 -13.25
N ARG H 131 -25.09 11.85 -13.11
CA ARG H 131 -24.15 10.85 -12.52
C ARG H 131 -23.07 10.49 -13.56
N ARG H 132 -22.13 9.60 -13.18
CA ARG H 132 -21.28 8.84 -14.13
C ARG H 132 -22.19 8.06 -15.08
N LEU H 133 -22.03 8.23 -16.39
CA LEU H 133 -22.76 7.49 -17.45
C LEU H 133 -22.58 5.98 -17.28
N ARG H 134 -23.69 5.24 -17.32
CA ARG H 134 -23.71 3.74 -17.30
C ARG H 134 -23.84 3.25 -18.76
N ILE H 135 -22.83 2.54 -19.26
CA ILE H 135 -22.74 1.99 -20.65
C ILE H 135 -23.00 0.47 -20.57
N ALA H 136 -23.95 -0.02 -21.37
CA ALA H 136 -24.27 -1.46 -21.54
C ALA H 136 -23.83 -1.90 -22.94
N THR H 137 -22.93 -2.88 -23.04
CA THR H 137 -22.29 -3.26 -24.33
C THR H 137 -21.56 -4.59 -24.25
N LYS H 138 -21.50 -5.30 -25.39
CA LYS H 138 -20.50 -6.36 -25.70
C LYS H 138 -19.10 -5.78 -25.59
N TYR H 139 -18.90 -4.60 -26.18
CA TYR H 139 -17.59 -3.97 -26.47
C TYR H 139 -17.12 -3.17 -25.25
N VAL H 140 -16.91 -3.87 -24.14
CA VAL H 140 -16.59 -3.29 -22.80
C VAL H 140 -15.27 -2.51 -22.88
N ASN H 141 -14.23 -3.12 -23.44
CA ASN H 141 -12.86 -2.54 -23.55
C ASN H 141 -12.87 -1.37 -24.54
N VAL H 142 -13.57 -1.49 -25.68
CA VAL H 142 -13.76 -0.42 -26.69
C VAL H 142 -14.44 0.77 -26.00
N ALA H 143 -15.49 0.49 -25.21
CA ALA H 143 -16.27 1.49 -24.45
C ALA H 143 -15.31 2.26 -23.55
N ARG H 144 -14.57 1.57 -22.68
CA ARG H 144 -13.63 2.19 -21.71
C ARG H 144 -12.62 3.04 -22.47
N ALA H 145 -12.03 2.48 -23.54
CA ALA H 145 -11.02 3.13 -24.41
C ALA H 145 -11.58 4.45 -24.95
N TYR H 146 -12.75 4.42 -25.59
CA TYR H 146 -13.36 5.60 -26.25
C TYR H 146 -13.60 6.71 -25.21
N PHE H 147 -14.29 6.39 -24.12
CA PHE H 147 -14.70 7.37 -23.09
C PHE H 147 -13.46 7.89 -22.34
N ALA H 148 -12.42 7.06 -22.22
CA ALA H 148 -11.08 7.46 -21.73
C ALA H 148 -10.54 8.58 -22.64
N SER H 149 -10.53 8.35 -23.95
CA SER H 149 -9.97 9.27 -24.98
C SER H 149 -10.76 10.58 -25.04
N GLN H 150 -12.04 10.58 -24.63
CA GLN H 150 -12.89 11.79 -24.53
C GLN H 150 -12.81 12.38 -23.10
N GLY H 151 -11.87 11.89 -22.29
CA GLY H 151 -11.63 12.36 -20.91
C GLY H 151 -12.82 12.12 -19.98
N GLN H 152 -13.71 11.19 -20.34
CA GLN H 152 -14.96 10.87 -19.57
C GLN H 152 -14.78 9.54 -18.82
N GLN H 153 -15.23 9.47 -17.58
CA GLN H 153 -15.22 8.21 -16.77
C GLN H 153 -16.61 7.60 -16.82
N VAL H 154 -16.71 6.30 -17.12
CA VAL H 154 -18.00 5.57 -17.30
C VAL H 154 -18.01 4.31 -16.44
N ASP H 155 -19.20 3.88 -16.03
CA ASP H 155 -19.50 2.54 -15.47
C ASP H 155 -19.97 1.65 -16.63
N VAL H 156 -19.35 0.50 -16.83
CA VAL H 156 -19.65 -0.40 -17.99
C VAL H 156 -20.31 -1.68 -17.48
N ILE H 157 -21.39 -2.12 -18.13
CA ILE H 157 -22.12 -3.39 -17.86
C ILE H 157 -21.95 -4.30 -19.08
N LYS H 158 -21.36 -5.48 -18.89
CA LYS H 158 -21.09 -6.47 -19.97
C LYS H 158 -22.42 -7.13 -20.39
N LEU H 159 -22.76 -7.05 -21.68
CA LEU H 159 -23.89 -7.77 -22.32
C LEU H 159 -23.35 -8.69 -23.42
N TYR H 160 -23.79 -9.94 -23.46
CA TYR H 160 -23.43 -10.94 -24.50
C TYR H 160 -24.44 -10.86 -25.66
N GLY H 161 -25.70 -10.54 -25.37
CA GLY H 161 -26.82 -10.58 -26.32
C GLY H 161 -27.15 -9.21 -26.89
N SER H 162 -28.40 -9.04 -27.37
CA SER H 162 -28.93 -7.81 -28.01
C SER H 162 -28.94 -6.65 -27.00
N MET H 163 -28.38 -5.50 -27.40
CA MET H 163 -28.09 -4.33 -26.51
C MET H 163 -29.18 -3.27 -26.63
N GLU H 164 -29.99 -3.31 -27.70
CA GLU H 164 -30.99 -2.24 -28.03
C GLU H 164 -32.03 -2.12 -26.91
N LEU H 165 -32.25 -3.21 -26.16
CA LEU H 165 -33.23 -3.28 -25.05
C LEU H 165 -32.71 -2.52 -23.81
N ALA H 166 -31.39 -2.43 -23.64
CA ALA H 166 -30.71 -1.99 -22.39
C ALA H 166 -31.15 -0.58 -22.01
N PRO H 167 -31.05 0.44 -22.90
CA PRO H 167 -31.49 1.80 -22.56
C PRO H 167 -33.00 1.93 -22.25
N LEU H 168 -33.83 1.09 -22.87
CA LEU H 168 -35.32 1.18 -22.81
C LEU H 168 -35.82 0.76 -21.43
N VAL H 169 -35.11 -0.13 -20.72
CA VAL H 169 -35.46 -0.58 -19.35
C VAL H 169 -34.45 0.00 -18.34
N GLY H 170 -33.67 1.00 -18.78
CA GLY H 170 -32.76 1.79 -17.92
C GLY H 170 -31.67 0.95 -17.28
N LEU H 171 -31.19 -0.10 -17.96
CA LEU H 171 -30.00 -0.87 -17.55
C LEU H 171 -28.77 0.02 -17.75
N GLY H 172 -28.63 0.64 -18.92
CA GLY H 172 -27.60 1.64 -19.22
C GLY H 172 -28.22 2.92 -19.75
N ASP H 173 -27.47 4.03 -19.68
CA ASP H 173 -27.86 5.34 -20.25
C ASP H 173 -27.63 5.28 -21.77
N LEU H 174 -26.44 4.84 -22.18
CA LEU H 174 -26.04 4.62 -23.59
C LEU H 174 -25.67 3.16 -23.80
N ILE H 175 -25.57 2.74 -25.06
CA ILE H 175 -24.96 1.45 -25.50
C ILE H 175 -23.82 1.80 -26.45
N VAL H 176 -22.82 0.92 -26.54
CA VAL H 176 -21.82 0.90 -27.64
C VAL H 176 -22.13 -0.34 -28.49
N ASP H 177 -22.39 -0.16 -29.78
CA ASP H 177 -22.77 -1.27 -30.70
C ASP H 177 -22.29 -0.90 -32.11
N VAL H 178 -22.31 -1.89 -33.00
CA VAL H 178 -22.00 -1.75 -34.45
C VAL H 178 -23.25 -1.23 -35.15
N VAL H 179 -23.06 -0.27 -36.06
CA VAL H 179 -24.13 0.48 -36.78
C VAL H 179 -23.76 0.56 -38.26
N ASP H 180 -24.69 0.16 -39.13
CA ASP H 180 -24.54 0.20 -40.61
C ASP H 180 -25.44 1.34 -41.15
N THR H 181 -26.74 1.08 -41.35
CA THR H 181 -27.73 2.08 -41.83
C THR H 181 -28.23 2.92 -40.64
N GLY H 182 -28.31 2.32 -39.45
CA GLY H 182 -28.90 2.92 -38.24
C GLY H 182 -30.36 2.52 -38.05
N ASN H 183 -30.85 1.61 -38.91
CA ASN H 183 -32.28 1.19 -38.96
C ASN H 183 -32.66 0.44 -37.68
N THR H 184 -31.79 -0.45 -37.20
CA THR H 184 -32.02 -1.29 -35.98
C THR H 184 -32.19 -0.36 -34.76
N LEU H 185 -31.40 0.71 -34.67
CA LEU H 185 -31.47 1.73 -33.60
C LEU H 185 -32.83 2.44 -33.65
N ARG H 186 -33.15 3.04 -34.80
CA ARG H 186 -34.36 3.88 -35.00
C ARG H 186 -35.63 3.05 -34.75
N ALA H 187 -35.64 1.77 -35.15
CA ALA H 187 -36.78 0.85 -35.00
C ALA H 187 -37.03 0.50 -33.52
N ASN H 188 -36.04 0.74 -32.65
CA ASN H 188 -36.11 0.42 -31.19
C ASN H 188 -36.16 1.73 -30.38
N GLY H 189 -36.30 2.88 -31.04
CA GLY H 189 -36.46 4.20 -30.39
C GLY H 189 -35.13 4.78 -29.90
N LEU H 190 -34.02 4.26 -30.43
CA LEU H 190 -32.64 4.73 -30.12
C LEU H 190 -32.15 5.59 -31.30
N GLU H 191 -31.07 6.34 -31.07
CA GLU H 191 -30.40 7.17 -32.11
C GLU H 191 -28.90 7.20 -31.80
N ALA H 192 -28.08 7.10 -32.85
CA ALA H 192 -26.60 7.18 -32.78
C ALA H 192 -26.19 8.55 -32.24
N ARG H 193 -25.24 8.59 -31.30
CA ARG H 193 -24.71 9.85 -30.70
C ARG H 193 -23.31 10.11 -31.30
N ASP H 194 -22.28 9.42 -30.78
CA ASP H 194 -20.86 9.66 -31.13
C ASP H 194 -20.36 8.54 -32.05
N HIS H 195 -19.50 8.90 -33.01
CA HIS H 195 -18.75 7.96 -33.88
C HIS H 195 -17.43 7.60 -33.19
N ILE H 196 -17.26 6.33 -32.79
CA ILE H 196 -16.06 5.83 -32.07
C ILE H 196 -14.94 5.58 -33.09
N CYS H 197 -15.20 4.73 -34.09
CA CYS H 197 -14.25 4.40 -35.18
C CYS H 197 -14.96 3.61 -36.29
N ASP H 198 -14.30 3.50 -37.45
CA ASP H 198 -14.77 2.72 -38.64
C ASP H 198 -14.39 1.25 -38.44
N VAL H 199 -15.27 0.34 -38.88
CA VAL H 199 -15.11 -1.14 -38.74
C VAL H 199 -15.11 -1.77 -40.15
N SER H 200 -14.12 -2.62 -40.41
CA SER H 200 -14.06 -3.53 -41.57
C SER H 200 -13.44 -4.86 -41.13
N SER H 201 -13.85 -5.96 -41.77
CA SER H 201 -13.25 -7.30 -41.56
C SER H 201 -11.78 -7.25 -41.98
N ARG H 202 -10.90 -7.87 -41.18
CA ARG H 202 -9.43 -7.89 -41.37
C ARG H 202 -8.96 -9.33 -41.49
N LEU H 203 -7.87 -9.57 -42.24
CA LEU H 203 -7.16 -10.87 -42.27
C LEU H 203 -6.09 -10.88 -41.17
N ILE H 204 -6.27 -11.72 -40.16
CA ILE H 204 -5.30 -11.93 -39.05
C ILE H 204 -4.60 -13.28 -39.26
N VAL H 205 -3.34 -13.37 -38.84
CA VAL H 205 -2.45 -14.56 -39.03
C VAL H 205 -1.74 -14.83 -37.70
N ASN H 206 -1.70 -16.10 -37.29
CA ASN H 206 -0.89 -16.62 -36.17
C ASN H 206 0.58 -16.28 -36.44
N GLN H 207 1.28 -15.72 -35.45
CA GLN H 207 2.71 -15.27 -35.55
C GLN H 207 3.60 -16.41 -36.06
N VAL H 208 3.40 -17.62 -35.52
CA VAL H 208 4.22 -18.82 -35.84
C VAL H 208 3.88 -19.27 -37.27
N SER H 209 2.59 -19.33 -37.61
CA SER H 209 2.09 -19.73 -38.95
C SER H 209 2.69 -18.83 -40.04
N TYR H 210 2.85 -17.52 -39.77
CA TYR H 210 3.41 -16.52 -40.72
C TYR H 210 4.89 -16.83 -40.99
N LYS H 211 5.62 -17.31 -39.97
CA LYS H 211 7.08 -17.60 -40.08
C LYS H 211 7.28 -18.96 -40.75
N ARG H 212 6.48 -19.97 -40.37
CA ARG H 212 6.71 -21.40 -40.71
C ARG H 212 5.99 -21.79 -42.00
N LYS H 213 4.85 -21.18 -42.32
CA LYS H 213 3.98 -21.58 -43.46
C LYS H 213 3.78 -20.43 -44.46
N PHE H 214 4.75 -19.51 -44.57
CA PHE H 214 4.65 -18.30 -45.43
C PHE H 214 4.51 -18.72 -46.90
N ALA H 215 5.14 -19.82 -47.29
CA ALA H 215 5.12 -20.39 -48.66
C ALA H 215 3.69 -20.76 -49.05
N LEU H 216 2.92 -21.33 -48.12
CA LEU H 216 1.50 -21.73 -48.34
C LEU H 216 0.60 -20.48 -48.28
N LEU H 217 0.95 -19.50 -47.45
CA LEU H 217 0.14 -18.27 -47.21
C LEU H 217 0.26 -17.31 -48.40
N GLU H 218 1.49 -17.01 -48.82
CA GLU H 218 1.81 -15.88 -49.74
C GLU H 218 0.89 -15.88 -50.96
N PRO H 219 0.63 -17.04 -51.63
CA PRO H 219 -0.27 -17.08 -52.79
C PRO H 219 -1.70 -16.56 -52.52
N ILE H 220 -2.22 -16.86 -51.32
CA ILE H 220 -3.61 -16.49 -50.90
C ILE H 220 -3.63 -15.01 -50.48
N LEU H 221 -2.58 -14.53 -49.81
CA LEU H 221 -2.44 -13.11 -49.37
C LEU H 221 -2.39 -12.18 -50.60
N ASP H 222 -1.67 -12.59 -51.64
CA ASP H 222 -1.53 -11.84 -52.92
C ASP H 222 -2.89 -11.80 -53.64
N SER H 223 -3.62 -12.92 -53.66
CA SER H 223 -4.96 -13.05 -54.29
C SER H 223 -5.99 -12.19 -53.55
N PHE H 224 -5.81 -12.01 -52.23
CA PHE H 224 -6.64 -11.14 -51.38
C PHE H 224 -6.23 -9.67 -51.63
N LYS H 225 -4.92 -9.39 -51.66
CA LYS H 225 -4.33 -8.06 -51.99
C LYS H 225 -4.83 -7.62 -53.37
N ASN H 226 -4.90 -8.55 -54.33
CA ASN H 226 -5.30 -8.31 -55.74
C ASN H 226 -6.81 -8.03 -55.81
N SER H 227 -7.62 -8.79 -55.07
CA SER H 227 -9.10 -8.72 -55.08
C SER H 227 -9.63 -7.37 -54.59
N ILE H 228 -8.85 -6.62 -53.78
CA ILE H 228 -9.22 -5.25 -53.30
C ILE H 228 -8.69 -4.20 -54.28
N ASN H 229 -7.94 -4.62 -55.30
CA ASN H 229 -7.60 -3.84 -56.53
C ASN H 229 -6.50 -2.83 -56.21
#